data_6HIS
#
_entry.id   6HIS
#
_cell.length_a   1
_cell.length_b   1
_cell.length_c   1
_cell.angle_alpha   90
_cell.angle_beta   90
_cell.angle_gamma   90
#
_symmetry.space_group_name_H-M   'P 1'
#
loop_
_entity.id
_entity.type
_entity.pdbx_description
1 polymer '5-hydroxytryptamine receptor 3A'
2 branched 2-acetamido-2-deoxy-beta-D-glucopyranose-(1-4)-2-acetamido-2-deoxy-beta-D-glucopyranose
3 branched beta-D-mannopyranose-(1-4)-2-acetamido-2-deoxy-beta-D-glucopyranose-(1-4)-2-acetamido-2-deoxy-beta-D-glucopyranose
4 non-polymer '(3-ENDO)-8-METHYL-8-AZABICYCLO[3.2.1]OCT-3-YL 1H-INDOLE-3-CARBOXYLATE'
#
_entity_poly.entity_id   1
_entity_poly.type   'polypeptide(L)'
_entity_poly.pdbx_seq_one_letter_code
;TQPALLRLSDHLLANYKKGVRPVRDWRKPTTVSIDVIMYAILNVDEKNQVLTTYIWYRQYWTDEFLQWTPEDFDNVTKLS
IPTDSIWVPDILINEFVDVGKSPNIPYVYVHHRGEVQNYKPLQLVTACSLDIYNFPFDVQNCSLTFTSWLHTIQDINITL
WRSPEEVRSDKSIFINQGEWELLEVFPQFKEFSIDISNSYAEMKFYVIIRRRPLFYAVSLLLPSIFLMVVDIVGFCLPPD
SGERVSFKITLLLGYSVFLIIVSDTLPATAIGTPLIGVYFVVCMALLVISLAETIFIVRLVHKQDLQRPVPDWLRHLVLD
RIAWILCLGEQPMAHRPPATFQANKTDDCSGSDLLPAMGNHCSHVGGPQDLEKTPRGRGSPLPPPREASLAVRGLLQELS
SIRHFLEKRDEMREVARDWLRVGYVLDRLLFRIYLLAVLAYSITLVTLWSI
;
_entity_poly.pdbx_strand_id   A,E,B,C,D
#
loop_
_chem_comp.id
_chem_comp.type
_chem_comp.name
_chem_comp.formula
BMA D-saccharide, beta linking beta-D-mannopyranose 'C6 H12 O6'
NAG D-saccharide, beta linking 2-acetamido-2-deoxy-beta-D-glucopyranose 'C8 H15 N O6'
TKT non-polymer '(3-ENDO)-8-METHYL-8-AZABICYCLO[3.2.1]OCT-3-YL 1H-INDOLE-3-CARBOXYLATE' 'C17 H20 N2 O2'
#
# COMPACT_ATOMS: atom_id res chain seq x y z
N THR A 1 -57.69 -28.29 21.54
CA THR A 1 -56.71 -28.95 22.40
C THR A 1 -55.87 -27.93 23.15
N GLN A 2 -54.97 -28.41 24.00
CA GLN A 2 -54.16 -27.47 24.78
C GLN A 2 -52.63 -27.69 24.82
N PRO A 3 -51.91 -27.97 23.72
CA PRO A 3 -50.47 -28.13 23.88
C PRO A 3 -49.70 -26.83 24.08
N ALA A 4 -50.05 -25.78 23.35
CA ALA A 4 -49.34 -24.49 23.37
C ALA A 4 -50.05 -23.44 22.53
N LEU A 5 -49.44 -22.26 22.41
CA LEU A 5 -49.69 -21.32 21.31
C LEU A 5 -49.29 -21.90 19.94
N LEU A 6 -48.56 -23.02 19.95
CA LEU A 6 -48.11 -23.74 18.76
C LEU A 6 -49.27 -24.11 17.83
N ARG A 7 -50.46 -24.35 18.40
CA ARG A 7 -51.67 -24.61 17.62
C ARG A 7 -51.92 -23.49 16.63
N LEU A 8 -51.93 -22.25 17.13
CA LEU A 8 -52.12 -21.07 16.30
C LEU A 8 -51.09 -21.02 15.19
N SER A 9 -49.81 -21.20 15.56
CA SER A 9 -48.69 -21.18 14.63
C SER A 9 -48.86 -22.15 13.46
N ASP A 10 -49.40 -23.34 13.73
CA ASP A 10 -49.69 -24.25 12.63
C ASP A 10 -50.85 -23.74 11.79
N HIS A 11 -51.99 -23.52 12.45
CA HIS A 11 -53.27 -23.18 11.82
C HIS A 11 -53.16 -22.00 10.87
N LEU A 12 -52.38 -20.99 11.24
CA LEU A 12 -52.18 -19.86 10.33
C LEU A 12 -51.26 -20.26 9.18
N LEU A 13 -50.15 -20.92 9.48
CA LEU A 13 -49.10 -21.20 8.51
C LEU A 13 -49.24 -22.56 7.86
N ALA A 14 -50.37 -23.24 8.07
CA ALA A 14 -50.60 -24.55 7.46
C ALA A 14 -50.54 -24.45 5.93
N ASN A 15 -51.43 -23.65 5.34
CA ASN A 15 -51.48 -23.48 3.89
C ASN A 15 -51.00 -22.12 3.42
N TYR A 16 -50.37 -21.34 4.30
CA TYR A 16 -49.89 -20.00 3.98
C TYR A 16 -48.76 -20.06 2.96
N LYS A 17 -49.02 -19.57 1.76
CA LYS A 17 -48.02 -19.50 0.71
C LYS A 17 -47.31 -18.15 0.72
N LYS A 18 -46.00 -18.17 0.91
CA LYS A 18 -45.22 -16.94 1.03
C LYS A 18 -44.93 -16.29 -0.31
N GLY A 19 -45.40 -16.87 -1.41
CA GLY A 19 -45.14 -16.34 -2.73
C GLY A 19 -46.12 -15.33 -3.26
N VAL A 20 -47.39 -15.44 -2.90
CA VAL A 20 -48.42 -14.54 -3.39
C VAL A 20 -48.49 -13.32 -2.49
N ARG A 21 -48.74 -12.15 -3.08
CA ARG A 21 -48.84 -10.92 -2.31
C ARG A 21 -50.03 -10.99 -1.34
N PRO A 22 -49.82 -10.77 -0.06
CA PRO A 22 -50.86 -10.99 0.95
C PRO A 22 -52.01 -10.01 1.01
N VAL A 23 -52.98 -10.08 0.10
CA VAL A 23 -54.19 -9.25 0.17
C VAL A 23 -55.42 -10.03 -0.24
N ARG A 24 -56.51 -9.84 0.51
CA ARG A 24 -57.77 -10.47 0.15
C ARG A 24 -58.36 -9.78 -1.09
N ASP A 25 -58.26 -8.46 -1.16
CA ASP A 25 -58.58 -7.69 -2.36
C ASP A 25 -57.27 -7.31 -3.04
N TRP A 26 -57.08 -7.82 -4.27
CA TRP A 26 -55.81 -7.60 -4.97
C TRP A 26 -55.57 -6.15 -5.38
N ARG A 27 -56.61 -5.33 -5.48
CA ARG A 27 -56.38 -3.93 -5.84
C ARG A 27 -55.85 -3.09 -4.70
N LYS A 28 -56.07 -3.48 -3.46
CA LYS A 28 -55.60 -2.69 -2.33
C LYS A 28 -54.09 -2.83 -2.18
N PRO A 29 -53.34 -1.74 -2.21
CA PRO A 29 -51.89 -1.84 -2.09
C PRO A 29 -51.44 -2.13 -0.67
N THR A 30 -50.32 -2.84 -0.57
CA THR A 30 -49.71 -3.14 0.71
C THR A 30 -48.75 -2.00 1.04
N THR A 31 -49.03 -1.30 2.13
CA THR A 31 -48.26 -0.13 2.50
C THR A 31 -47.15 -0.55 3.44
N VAL A 32 -45.91 -0.25 3.07
CA VAL A 32 -44.74 -0.59 3.86
C VAL A 32 -44.20 0.67 4.53
N SER A 33 -44.34 0.69 5.85
CA SER A 33 -43.80 1.77 6.67
C SER A 33 -42.32 1.53 6.93
N ILE A 34 -41.50 2.51 6.58
CA ILE A 34 -40.05 2.38 6.68
C ILE A 34 -39.56 3.30 7.80
N ASP A 35 -38.44 2.93 8.42
CA ASP A 35 -37.83 3.69 9.49
C ASP A 35 -36.31 3.51 9.43
N VAL A 36 -35.57 4.59 9.63
CA VAL A 36 -34.12 4.58 9.50
C VAL A 36 -33.46 5.12 10.76
N ILE A 37 -32.50 4.39 11.29
CA ILE A 37 -31.58 4.95 12.27
C ILE A 37 -30.21 4.76 11.64
N MET A 38 -29.51 5.85 11.36
CA MET A 38 -28.18 5.73 10.75
C MET A 38 -27.20 5.45 11.88
N TYR A 39 -26.54 4.30 11.84
CA TYR A 39 -25.69 3.92 12.96
C TYR A 39 -24.25 4.43 12.86
N ALA A 40 -23.60 4.33 11.70
CA ALA A 40 -22.21 4.74 11.62
C ALA A 40 -21.76 5.03 10.19
N ILE A 41 -20.89 6.03 10.07
CA ILE A 41 -20.18 6.36 8.84
C ILE A 41 -18.88 5.57 8.82
N LEU A 42 -18.79 4.54 7.98
CA LEU A 42 -17.59 3.71 7.99
C LEU A 42 -16.41 4.38 7.31
N ASN A 43 -16.58 4.71 6.02
CA ASN A 43 -15.46 5.23 5.25
C ASN A 43 -16.02 5.96 4.04
N VAL A 44 -15.43 7.08 3.69
CA VAL A 44 -15.74 7.72 2.42
C VAL A 44 -14.59 7.46 1.47
N ASP A 45 -14.91 7.04 0.26
CA ASP A 45 -13.90 6.86 -0.78
C ASP A 45 -14.19 7.94 -1.81
N GLU A 46 -13.42 9.03 -1.73
CA GLU A 46 -13.61 10.14 -2.64
C GLU A 46 -13.18 9.76 -4.05
N LYS A 47 -12.25 8.80 -4.15
CA LYS A 47 -11.69 8.38 -5.44
C LYS A 47 -12.78 7.78 -6.32
N ASN A 48 -13.45 6.75 -5.84
CA ASN A 48 -14.53 6.10 -6.57
C ASN A 48 -15.89 6.74 -6.33
N GLN A 49 -15.98 7.71 -5.41
CA GLN A 49 -17.22 8.36 -5.00
C GLN A 49 -18.25 7.34 -4.53
N VAL A 50 -17.90 6.66 -3.44
CA VAL A 50 -18.80 5.67 -2.85
C VAL A 50 -18.69 5.73 -1.34
N LEU A 51 -19.82 5.90 -0.68
CA LEU A 51 -19.94 6.01 0.77
C LEU A 51 -20.46 4.70 1.36
N THR A 52 -19.81 4.21 2.42
CA THR A 52 -20.25 3.00 3.09
C THR A 52 -20.72 3.30 4.50
N THR A 53 -21.97 2.95 4.79
CA THR A 53 -22.59 3.21 6.08
C THR A 53 -23.24 1.95 6.63
N TYR A 54 -23.59 2.01 7.90
CA TYR A 54 -24.32 0.94 8.57
C TYR A 54 -25.62 1.49 9.13
N ILE A 55 -26.74 0.88 8.80
CA ILE A 55 -28.06 1.41 9.13
C ILE A 55 -28.77 0.40 10.03
N TRP A 56 -29.48 0.88 11.04
CA TRP A 56 -30.42 0.04 11.78
C TRP A 56 -31.77 0.28 11.12
N TYR A 57 -32.30 -0.74 10.46
CA TYR A 57 -33.41 -0.57 9.53
C TYR A 57 -34.66 -1.32 9.98
N ARG A 58 -35.82 -0.81 9.59
CA ARG A 58 -37.07 -1.43 10.00
C ARG A 58 -38.10 -1.47 8.88
N GLN A 59 -38.98 -2.47 8.96
CA GLN A 59 -40.04 -2.66 7.99
C GLN A 59 -41.35 -2.94 8.71
N TYR A 60 -42.43 -2.37 8.20
CA TYR A 60 -43.76 -2.57 8.76
C TYR A 60 -44.76 -2.70 7.63
N TRP A 61 -45.50 -3.81 7.59
CA TRP A 61 -46.55 -3.93 6.59
C TRP A 61 -47.71 -4.73 7.16
N THR A 62 -48.76 -4.89 6.36
CA THR A 62 -49.96 -5.59 6.77
C THR A 62 -50.21 -6.85 5.95
N ASP A 63 -50.24 -7.99 6.63
CA ASP A 63 -50.59 -9.29 6.04
C ASP A 63 -52.01 -9.66 6.45
N GLU A 64 -52.97 -9.48 5.53
CA GLU A 64 -54.37 -9.73 5.89
C GLU A 64 -54.69 -11.21 6.07
N PHE A 65 -53.81 -12.12 5.64
CA PHE A 65 -54.17 -13.52 5.74
C PHE A 65 -53.86 -14.13 7.10
N LEU A 66 -52.83 -13.65 7.80
CA LEU A 66 -52.48 -14.27 9.07
C LEU A 66 -53.12 -13.56 10.27
N GLN A 67 -54.29 -12.95 10.10
CA GLN A 67 -54.94 -12.27 11.21
C GLN A 67 -55.74 -13.28 12.01
N TRP A 68 -55.85 -13.04 13.31
CA TRP A 68 -56.62 -13.92 14.18
C TRP A 68 -57.18 -13.13 15.34
N THR A 69 -57.98 -13.80 16.11
CA THR A 69 -58.58 -13.22 17.29
C THR A 69 -57.83 -13.64 18.53
N PRO A 70 -57.52 -12.67 19.40
CA PRO A 70 -56.85 -12.97 20.67
C PRO A 70 -57.56 -14.03 21.50
N GLU A 71 -58.89 -14.03 21.50
CA GLU A 71 -59.64 -15.03 22.25
C GLU A 71 -59.44 -16.41 21.64
N ASP A 72 -59.81 -17.42 22.43
CA ASP A 72 -59.70 -18.89 22.26
C ASP A 72 -58.31 -19.34 21.80
N PHE A 73 -57.29 -18.50 21.97
CA PHE A 73 -55.91 -18.84 21.64
C PHE A 73 -55.00 -18.53 22.81
N ASP A 74 -55.60 -18.48 23.99
CA ASP A 74 -54.95 -18.20 25.27
C ASP A 74 -54.38 -16.77 25.29
N ASN A 75 -55.18 -15.83 24.79
CA ASN A 75 -54.93 -14.38 24.84
C ASN A 75 -53.54 -13.95 24.35
N VAL A 76 -53.03 -14.64 23.36
CA VAL A 76 -51.72 -14.26 22.82
C VAL A 76 -51.89 -13.04 21.89
N THR A 77 -51.00 -12.07 22.05
CA THR A 77 -51.05 -10.85 21.26
C THR A 77 -50.13 -10.93 20.05
N LYS A 78 -48.84 -11.15 20.26
CA LYS A 78 -47.91 -11.23 19.16
C LYS A 78 -47.16 -12.56 19.18
N LEU A 79 -46.61 -12.90 18.00
CA LEU A 79 -45.92 -14.17 17.82
C LEU A 79 -44.74 -13.99 16.88
N SER A 80 -43.63 -14.61 17.24
CA SER A 80 -42.41 -14.58 16.44
C SER A 80 -42.36 -15.76 15.47
N ILE A 81 -42.25 -15.47 14.17
CA ILE A 81 -42.18 -16.52 13.14
C ILE A 81 -41.02 -16.30 12.17
N PRO A 82 -40.44 -17.37 11.63
CA PRO A 82 -39.30 -17.26 10.70
C PRO A 82 -39.55 -16.41 9.46
N THR A 83 -38.57 -15.53 9.15
CA THR A 83 -38.64 -14.63 8.00
C THR A 83 -38.88 -15.36 6.69
N ASP A 84 -38.18 -16.47 6.49
CA ASP A 84 -38.26 -17.16 5.21
C ASP A 84 -39.49 -18.05 5.12
N SER A 85 -40.42 -17.95 6.06
CA SER A 85 -41.68 -18.65 5.97
C SER A 85 -42.84 -17.73 5.59
N ILE A 86 -42.60 -16.44 5.39
CA ILE A 86 -43.66 -15.48 5.04
C ILE A 86 -43.19 -14.55 3.93
N TRP A 87 -44.17 -13.93 3.28
CA TRP A 87 -43.91 -12.99 2.21
C TRP A 87 -43.13 -11.77 2.69
N VAL A 88 -42.09 -11.39 1.95
CA VAL A 88 -41.28 -10.26 2.39
C VAL A 88 -41.10 -9.31 1.22
N PRO A 89 -41.37 -8.02 1.41
CA PRO A 89 -41.14 -7.04 0.35
C PRO A 89 -39.65 -6.89 0.06
N ASP A 90 -39.35 -6.47 -1.16
CA ASP A 90 -38.00 -6.44 -1.70
C ASP A 90 -37.32 -5.08 -1.60
N ILE A 91 -37.63 -4.27 -0.57
CA ILE A 91 -37.07 -2.91 -0.47
C ILE A 91 -35.55 -2.94 -0.45
N LEU A 92 -34.95 -2.27 -1.43
CA LEU A 92 -33.52 -2.08 -1.53
C LEU A 92 -33.27 -0.64 -1.95
N ILE A 93 -32.01 -0.34 -2.24
CA ILE A 93 -31.55 1.00 -2.59
C ILE A 93 -31.12 1.06 -4.05
N ASN A 94 -31.57 2.11 -4.75
CA ASN A 94 -31.19 2.28 -6.15
C ASN A 94 -29.71 2.60 -6.27
N GLU A 95 -29.12 3.26 -5.27
CA GLU A 95 -27.71 3.61 -5.29
C GLU A 95 -26.79 2.43 -5.03
N PHE A 96 -27.33 1.23 -4.81
CA PHE A 96 -26.52 0.03 -4.58
C PHE A 96 -25.53 -0.23 -5.68
N VAL A 97 -24.26 -0.24 -5.31
CA VAL A 97 -23.20 -0.65 -6.21
C VAL A 97 -22.48 -1.88 -5.69
N ASP A 98 -22.85 -2.37 -4.52
CA ASP A 98 -22.21 -3.53 -3.94
C ASP A 98 -23.15 -4.12 -2.88
N VAL A 99 -22.68 -5.17 -2.20
CA VAL A 99 -23.44 -5.83 -1.15
C VAL A 99 -22.58 -5.98 0.08
N GLY A 100 -22.95 -5.33 1.17
CA GLY A 100 -22.23 -5.53 2.42
C GLY A 100 -22.82 -6.73 3.14
N LYS A 101 -21.95 -7.53 3.74
CA LYS A 101 -22.41 -8.69 4.51
C LYS A 101 -22.90 -8.21 5.87
N SER A 102 -24.18 -8.41 6.13
CA SER A 102 -24.89 -7.98 7.32
C SER A 102 -25.56 -9.22 7.89
N PRO A 103 -25.66 -9.33 9.22
CA PRO A 103 -26.28 -10.52 9.83
C PRO A 103 -27.70 -10.72 9.34
N ASN A 104 -28.03 -11.97 9.05
CA ASN A 104 -29.34 -12.32 8.54
C ASN A 104 -30.21 -12.57 9.76
N ILE A 105 -31.32 -11.84 9.85
CA ILE A 105 -32.24 -11.97 10.97
C ILE A 105 -33.26 -13.04 10.62
N PRO A 106 -33.38 -14.11 11.38
CA PRO A 106 -34.26 -15.21 11.00
C PRO A 106 -35.73 -14.98 11.32
N TYR A 107 -36.07 -14.13 12.28
CA TYR A 107 -37.46 -13.99 12.74
C TYR A 107 -38.04 -12.60 12.51
N VAL A 108 -39.37 -12.55 12.44
CA VAL A 108 -40.15 -11.32 12.43
C VAL A 108 -41.32 -11.41 13.41
N TYR A 109 -41.86 -10.23 13.75
CA TYR A 109 -42.96 -10.04 14.69
C TYR A 109 -44.32 -9.94 14.01
N VAL A 110 -45.22 -10.85 14.37
CA VAL A 110 -46.59 -10.85 13.89
C VAL A 110 -47.55 -10.69 15.07
N HIS A 111 -48.41 -9.68 15.02
CA HIS A 111 -49.52 -9.55 15.96
C HIS A 111 -50.81 -10.06 15.35
N HIS A 112 -51.84 -10.13 16.19
CA HIS A 112 -53.09 -10.76 15.85
C HIS A 112 -53.89 -9.98 14.81
N ARG A 113 -53.55 -8.72 14.57
CA ARG A 113 -54.22 -7.95 13.53
C ARG A 113 -53.52 -8.03 12.19
N GLY A 114 -52.51 -8.89 12.07
CA GLY A 114 -51.87 -9.19 10.81
C GLY A 114 -50.74 -8.29 10.39
N GLU A 115 -50.31 -7.38 11.26
CA GLU A 115 -49.18 -6.51 10.96
C GLU A 115 -47.86 -7.24 11.17
N VAL A 116 -47.01 -7.23 10.15
CA VAL A 116 -45.70 -7.85 10.22
C VAL A 116 -44.66 -6.76 10.46
N GLN A 117 -43.85 -6.94 11.51
CA GLN A 117 -42.82 -6.00 11.93
C GLN A 117 -41.46 -6.65 11.68
N ASN A 118 -40.68 -6.09 10.76
CA ASN A 118 -39.39 -6.66 10.37
C ASN A 118 -38.24 -5.71 10.72
N TYR A 119 -37.39 -6.15 11.65
CA TYR A 119 -36.16 -5.46 11.99
C TYR A 119 -34.99 -6.20 11.37
N LYS A 120 -34.01 -5.46 10.84
CA LYS A 120 -32.75 -6.02 10.36
C LYS A 120 -31.73 -4.91 10.15
N PRO A 121 -30.49 -5.08 10.60
CA PRO A 121 -29.45 -4.13 10.26
C PRO A 121 -28.79 -4.48 8.92
N LEU A 122 -28.49 -3.46 8.12
CA LEU A 122 -27.92 -3.67 6.79
C LEU A 122 -26.71 -2.80 6.58
N GLN A 123 -25.69 -3.35 5.93
CA GLN A 123 -24.51 -2.59 5.50
C GLN A 123 -24.59 -2.24 4.02
N LEU A 124 -24.76 -0.96 3.73
CA LEU A 124 -24.92 -0.46 2.37
C LEU A 124 -23.64 0.24 1.92
N VAL A 125 -22.97 -0.35 0.94
CA VAL A 125 -21.84 0.28 0.25
C VAL A 125 -22.40 0.86 -1.04
N THR A 126 -22.76 2.15 -0.99
CA THR A 126 -23.48 2.87 -2.04
C THR A 126 -22.72 4.07 -2.58
N ALA A 127 -22.85 4.25 -3.88
CA ALA A 127 -22.24 5.36 -4.60
C ALA A 127 -22.99 6.65 -4.30
N CYS A 128 -22.23 7.72 -4.09
CA CYS A 128 -22.73 9.04 -3.70
C CYS A 128 -21.97 10.14 -4.43
N SER A 129 -22.72 11.11 -4.93
CA SER A 129 -22.12 12.26 -5.59
C SER A 129 -21.53 13.19 -4.52
N LEU A 130 -20.21 13.29 -4.48
CA LEU A 130 -19.49 14.06 -3.48
C LEU A 130 -18.98 15.38 -4.08
N ASP A 131 -18.97 16.43 -3.26
CA ASP A 131 -18.41 17.73 -3.62
C ASP A 131 -17.34 18.06 -2.58
N ILE A 132 -16.07 17.90 -2.95
CA ILE A 132 -14.95 18.07 -2.04
C ILE A 132 -14.31 19.45 -2.22
N TYR A 133 -15.09 20.41 -2.73
CA TYR A 133 -14.62 21.78 -3.01
C TYR A 133 -13.89 22.45 -1.84
N ASN A 134 -14.59 22.67 -0.73
CA ASN A 134 -13.95 23.18 0.47
C ASN A 134 -13.50 22.00 1.32
N PHE A 135 -12.26 21.54 1.07
CA PHE A 135 -11.79 20.26 1.59
C PHE A 135 -11.83 20.15 3.12
N PRO A 136 -11.26 21.07 3.93
CA PRO A 136 -11.38 20.88 5.38
C PRO A 136 -12.79 21.13 5.89
N PHE A 137 -13.50 22.12 5.36
CA PHE A 137 -14.85 22.48 5.82
C PHE A 137 -15.83 22.07 4.72
N ASP A 138 -16.24 20.83 4.72
CA ASP A 138 -17.17 20.38 3.71
C ASP A 138 -18.41 19.79 4.35
N VAL A 139 -19.56 20.06 3.74
CA VAL A 139 -20.78 19.35 4.04
C VAL A 139 -21.02 18.47 2.83
N GLN A 140 -21.51 17.27 3.05
CA GLN A 140 -21.72 16.34 1.96
C GLN A 140 -23.17 15.90 1.96
N ASN A 141 -23.71 15.70 0.77
CA ASN A 141 -25.14 15.47 0.62
C ASN A 141 -25.30 14.18 -0.19
N CYS A 142 -25.66 13.09 0.48
CA CYS A 142 -25.77 11.78 -0.14
C CYS A 142 -27.21 11.30 -0.12
N SER A 143 -27.62 10.71 -1.23
CA SER A 143 -28.98 10.23 -1.42
C SER A 143 -29.06 8.76 -1.08
N LEU A 144 -30.15 8.38 -0.41
CA LEU A 144 -30.47 7.00 -0.12
C LEU A 144 -31.88 6.79 -0.63
N THR A 145 -31.98 6.23 -1.83
CA THR A 145 -33.23 6.10 -2.56
C THR A 145 -33.81 4.72 -2.27
N PHE A 146 -34.78 4.66 -1.37
CA PHE A 146 -35.42 3.41 -1.01
C PHE A 146 -36.55 3.09 -1.97
N THR A 147 -36.54 1.87 -2.51
CA THR A 147 -37.58 1.47 -3.44
C THR A 147 -37.78 -0.03 -3.35
N SER A 148 -39.02 -0.46 -3.58
CA SER A 148 -39.25 -1.79 -4.08
C SER A 148 -38.73 -1.81 -5.50
N TRP A 149 -37.90 -2.79 -5.84
CA TRP A 149 -37.24 -2.72 -7.13
C TRP A 149 -38.16 -3.04 -8.28
N LEU A 150 -39.30 -3.67 -8.03
CA LEU A 150 -40.21 -3.92 -9.14
C LEU A 150 -41.64 -3.48 -8.89
N HIS A 151 -42.16 -3.69 -7.68
CA HIS A 151 -43.60 -3.51 -7.40
C HIS A 151 -44.08 -2.08 -7.62
N THR A 152 -45.30 -1.99 -8.16
CA THR A 152 -46.02 -0.77 -8.50
C THR A 152 -46.64 -0.09 -7.29
N ILE A 153 -47.28 1.06 -7.56
CA ILE A 153 -47.94 1.85 -6.53
C ILE A 153 -49.24 1.20 -6.12
N GLN A 154 -49.77 0.32 -6.94
CA GLN A 154 -50.99 -0.39 -6.61
C GLN A 154 -50.71 -1.65 -5.83
N ASP A 155 -49.43 -1.99 -5.67
CA ASP A 155 -49.05 -3.15 -4.89
C ASP A 155 -48.30 -2.74 -3.64
N ILE A 156 -47.23 -1.97 -3.79
CA ILE A 156 -46.40 -1.52 -2.68
C ILE A 156 -46.28 -0.01 -2.69
N ASN A 157 -46.57 0.62 -1.54
CA ASN A 157 -46.50 2.05 -1.36
C ASN A 157 -45.71 2.33 -0.10
N ILE A 158 -44.91 3.40 -0.11
CA ILE A 158 -43.94 3.65 0.95
C ILE A 158 -44.42 4.82 1.79
N THR A 159 -44.43 4.64 3.11
CA THR A 159 -44.75 5.72 4.02
C THR A 159 -43.71 5.74 5.14
N LEU A 160 -43.66 6.85 5.87
CA LEU A 160 -42.86 6.87 7.09
C LEU A 160 -43.51 6.01 8.17
N TRP A 161 -42.69 5.53 9.10
CA TRP A 161 -43.22 4.83 10.25
C TRP A 161 -43.59 5.77 11.38
N ARG A 162 -42.87 6.89 11.53
CA ARG A 162 -43.27 7.89 12.50
C ARG A 162 -43.05 9.29 11.91
N SER A 163 -43.17 10.29 12.77
CA SER A 163 -43.13 11.69 12.35
C SER A 163 -41.77 12.07 11.80
N PRO A 164 -41.71 12.76 10.65
CA PRO A 164 -40.44 12.94 9.95
C PRO A 164 -39.48 13.93 10.59
N GLU A 165 -39.88 14.63 11.64
CA GLU A 165 -38.96 15.53 12.29
C GLU A 165 -38.04 14.84 13.29
N GLU A 166 -38.53 13.76 13.91
CA GLU A 166 -37.69 13.10 14.92
C GLU A 166 -36.56 12.34 14.26
N VAL A 167 -36.84 11.65 13.15
CA VAL A 167 -35.80 10.94 12.39
C VAL A 167 -34.76 11.93 11.87
N ARG A 168 -35.19 13.16 11.56
CA ARG A 168 -34.26 14.22 11.20
C ARG A 168 -33.32 14.51 12.35
N SER A 169 -33.90 14.75 13.53
CA SER A 169 -33.18 15.13 14.73
C SER A 169 -32.48 13.95 15.39
N ASP A 170 -32.72 12.74 14.91
CA ASP A 170 -32.24 11.50 15.51
C ASP A 170 -30.72 11.42 15.47
N LYS A 171 -30.12 11.64 16.62
CA LYS A 171 -28.69 11.48 16.85
C LYS A 171 -28.47 10.35 17.84
N SER A 172 -29.56 9.66 18.20
CA SER A 172 -29.54 8.49 19.05
C SER A 172 -28.90 7.35 18.29
N ILE A 173 -28.35 6.39 19.03
CA ILE A 173 -26.93 6.09 19.02
C ILE A 173 -26.30 6.12 17.64
N PHE A 174 -25.27 6.95 17.53
CA PHE A 174 -24.40 7.15 16.40
C PHE A 174 -23.03 7.28 17.02
N ILE A 175 -22.02 6.76 16.36
CA ILE A 175 -20.70 6.73 16.98
C ILE A 175 -20.00 8.00 16.54
N ASN A 176 -19.73 8.86 17.51
CA ASN A 176 -18.96 10.08 17.30
C ASN A 176 -17.48 9.73 17.42
N GLN A 177 -16.64 10.76 17.55
CA GLN A 177 -15.18 10.66 17.66
C GLN A 177 -14.56 10.03 16.41
N GLY A 178 -15.29 10.06 15.29
CA GLY A 178 -14.84 9.50 14.04
C GLY A 178 -14.52 10.59 13.04
N GLU A 179 -14.35 10.15 11.79
CA GLU A 179 -14.01 11.10 10.74
C GLU A 179 -15.19 11.98 10.37
N TRP A 180 -16.42 11.50 10.57
CA TRP A 180 -17.60 12.24 10.16
C TRP A 180 -18.54 12.50 11.33
N GLU A 181 -19.24 13.65 11.28
CA GLU A 181 -20.20 14.07 12.30
C GLU A 181 -21.58 14.24 11.68
N LEU A 182 -22.56 13.50 12.20
CA LEU A 182 -23.93 13.55 11.69
C LEU A 182 -24.64 14.85 12.05
N LEU A 183 -25.15 15.56 11.05
CA LEU A 183 -25.99 16.73 11.34
C LEU A 183 -27.47 16.37 11.33
N GLU A 184 -28.00 15.90 10.20
CA GLU A 184 -29.41 15.49 10.13
C GLU A 184 -29.59 14.49 9.00
N VAL A 185 -30.69 13.74 9.10
CA VAL A 185 -31.13 12.79 8.07
C VAL A 185 -32.51 13.23 7.60
N PHE A 186 -32.56 13.90 6.43
CA PHE A 186 -33.78 14.53 5.95
C PHE A 186 -34.58 13.59 5.05
N PRO A 187 -35.76 13.14 5.46
CA PRO A 187 -36.58 12.27 4.62
C PRO A 187 -37.44 13.04 3.62
N GLN A 188 -37.67 12.42 2.47
CA GLN A 188 -38.55 13.01 1.47
C GLN A 188 -39.17 11.92 0.61
N PHE A 189 -40.49 11.95 0.48
CA PHE A 189 -41.23 11.01 -0.35
C PHE A 189 -41.49 11.57 -1.75
N LYS A 190 -41.36 10.72 -2.78
CA LYS A 190 -41.61 11.16 -4.15
C LYS A 190 -42.12 10.00 -5.00
N GLU A 191 -42.97 10.31 -5.98
CA GLU A 191 -43.38 9.34 -6.99
C GLU A 191 -42.46 9.48 -8.20
N PHE A 192 -41.57 8.51 -8.39
CA PHE A 192 -40.80 8.48 -9.62
C PHE A 192 -41.49 7.61 -10.66
N SER A 193 -41.35 8.01 -11.92
CA SER A 193 -42.02 7.34 -13.04
C SER A 193 -41.08 7.44 -14.25
N ILE A 194 -40.34 6.36 -14.50
CA ILE A 194 -39.47 6.35 -15.65
C ILE A 194 -40.28 6.10 -16.93
N ASP A 195 -41.44 5.46 -16.80
CA ASP A 195 -42.26 5.09 -17.95
C ASP A 195 -43.66 5.64 -17.77
N ILE A 196 -44.34 5.85 -18.90
CA ILE A 196 -45.69 6.39 -18.85
C ILE A 196 -46.63 5.33 -18.32
N SER A 197 -47.47 5.74 -17.34
CA SER A 197 -48.39 4.87 -16.60
C SER A 197 -47.66 3.73 -15.90
N ASN A 198 -46.41 3.98 -15.50
CA ASN A 198 -45.62 3.03 -14.72
C ASN A 198 -44.76 3.86 -13.76
N SER A 199 -45.25 4.04 -12.54
CA SER A 199 -44.51 4.77 -11.51
C SER A 199 -44.26 3.82 -10.36
N TYR A 200 -43.11 3.99 -9.70
CA TYR A 200 -42.64 3.05 -8.69
C TYR A 200 -42.31 3.79 -7.41
N ALA A 201 -42.43 3.09 -6.30
CA ALA A 201 -42.55 3.73 -5.00
C ALA A 201 -41.19 4.10 -4.45
N GLU A 202 -41.02 5.38 -4.14
CA GLU A 202 -39.73 5.93 -3.79
C GLU A 202 -39.81 6.80 -2.54
N MET A 203 -38.86 6.66 -1.62
CA MET A 203 -38.71 7.55 -0.47
C MET A 203 -37.26 7.96 -0.29
N LYS A 204 -36.92 9.20 -0.64
CA LYS A 204 -35.54 9.64 -0.61
C LYS A 204 -35.17 10.03 0.81
N PHE A 205 -33.91 9.75 1.19
CA PHE A 205 -33.37 10.12 2.49
C PHE A 205 -32.06 10.88 2.30
N TYR A 206 -32.09 12.19 2.50
CA TYR A 206 -30.87 12.98 2.41
C TYR A 206 -30.20 13.06 3.78
N VAL A 207 -29.15 12.27 3.96
CA VAL A 207 -28.30 12.38 5.13
C VAL A 207 -27.18 13.36 4.78
N ILE A 208 -27.05 14.43 5.55
CA ILE A 208 -26.03 15.43 5.28
C ILE A 208 -25.00 15.39 6.39
N ILE A 209 -23.74 15.20 6.00
CA ILE A 209 -22.65 14.86 6.89
C ILE A 209 -21.50 15.86 6.78
N ARG A 210 -20.89 16.19 7.92
CA ARG A 210 -19.78 17.13 7.98
C ARG A 210 -18.50 16.45 8.47
N ARG A 211 -17.37 16.75 7.84
CA ARG A 211 -16.09 16.22 8.28
C ARG A 211 -15.62 17.01 9.50
N ARG A 212 -14.77 16.39 10.31
CA ARG A 212 -14.20 17.07 11.47
C ARG A 212 -12.78 17.52 11.12
N PRO A 213 -12.56 18.82 10.91
CA PRO A 213 -11.29 19.37 10.40
C PRO A 213 -10.18 19.45 11.44
N LEU A 214 -9.75 18.29 11.92
CA LEU A 214 -8.68 18.25 12.91
C LEU A 214 -7.48 17.47 12.44
N PHE A 215 -7.67 16.27 11.88
CA PHE A 215 -6.56 15.53 11.31
C PHE A 215 -5.89 16.27 10.16
N TYR A 216 -6.67 17.00 9.38
CA TYR A 216 -6.11 17.69 8.24
C TYR A 216 -5.59 19.07 8.59
N ALA A 217 -5.72 19.50 9.84
CA ALA A 217 -5.10 20.75 10.25
C ALA A 217 -3.62 20.51 10.47
N VAL A 218 -3.30 19.67 11.46
CA VAL A 218 -1.92 19.32 11.81
C VAL A 218 -1.16 18.75 10.62
N SER A 219 -1.78 17.83 9.87
CA SER A 219 -1.09 17.18 8.76
C SER A 219 -0.82 18.11 7.59
N LEU A 220 -1.41 19.29 7.55
CA LEU A 220 -1.17 20.22 6.45
C LEU A 220 -0.47 21.49 6.90
N LEU A 221 -1.06 22.25 7.82
CA LEU A 221 -0.53 23.58 8.09
C LEU A 221 0.69 23.56 8.99
N LEU A 222 0.76 22.62 9.94
CA LEU A 222 1.84 22.60 10.92
C LEU A 222 3.22 22.41 10.28
N PRO A 223 3.49 21.43 9.39
CA PRO A 223 4.80 21.42 8.74
C PRO A 223 4.96 22.58 7.79
N SER A 224 3.86 23.05 7.20
CA SER A 224 3.90 24.16 6.27
C SER A 224 4.36 25.44 6.94
N ILE A 225 3.74 25.80 8.09
CA ILE A 225 4.15 27.02 8.79
C ILE A 225 5.52 26.81 9.40
N PHE A 226 5.87 25.55 9.68
CA PHE A 226 7.20 25.20 10.14
C PHE A 226 8.22 25.55 9.06
N LEU A 227 7.92 25.14 7.82
CA LEU A 227 8.80 25.48 6.70
C LEU A 227 8.88 26.99 6.50
N MET A 228 7.83 27.73 6.89
CA MET A 228 7.90 29.19 6.86
C MET A 228 8.83 29.74 7.93
N VAL A 229 8.68 29.29 9.18
CA VAL A 229 9.50 29.87 10.24
C VAL A 229 10.97 29.49 10.11
N VAL A 230 11.30 28.35 9.46
CA VAL A 230 12.72 28.08 9.26
C VAL A 230 13.31 28.99 8.19
N ASP A 231 12.55 29.34 7.14
CA ASP A 231 13.09 30.21 6.11
C ASP A 231 13.32 31.65 6.60
N ILE A 232 12.42 32.19 7.44
CA ILE A 232 12.60 33.55 7.97
C ILE A 232 13.89 33.66 8.75
N VAL A 233 14.24 32.61 9.50
CA VAL A 233 15.54 32.54 10.15
C VAL A 233 16.64 32.50 9.09
N GLY A 234 16.39 31.82 7.97
CA GLY A 234 17.36 31.71 6.89
C GLY A 234 17.67 32.99 6.14
N PHE A 235 16.74 33.93 6.10
CA PHE A 235 17.01 35.20 5.42
C PHE A 235 18.16 35.96 6.08
N CYS A 236 18.36 35.77 7.38
CA CYS A 236 19.43 36.44 8.11
C CYS A 236 20.82 35.97 7.68
N LEU A 237 20.94 34.81 7.02
CA LEU A 237 22.22 34.33 6.51
C LEU A 237 22.76 35.26 5.43
N PRO A 238 23.99 35.74 5.54
CA PRO A 238 24.54 36.66 4.53
C PRO A 238 24.75 35.99 3.18
N PRO A 239 24.32 36.66 2.09
CA PRO A 239 24.51 36.11 0.75
C PRO A 239 25.95 35.95 0.27
N ASP A 240 26.89 36.78 0.74
CA ASP A 240 28.26 36.70 0.22
C ASP A 240 28.98 35.45 0.70
N SER A 241 28.63 34.99 1.90
CA SER A 241 29.23 33.81 2.53
C SER A 241 29.15 32.56 1.66
N GLY A 242 28.22 32.51 0.70
CA GLY A 242 28.08 31.39 -0.20
C GLY A 242 27.05 30.35 0.19
N GLU A 243 26.73 30.23 1.47
CA GLU A 243 25.71 29.31 1.95
C GLU A 243 24.29 29.75 1.62
N ARG A 244 24.11 30.95 1.05
CA ARG A 244 22.79 31.52 0.84
C ARG A 244 21.86 30.69 -0.02
N VAL A 245 22.34 30.17 -1.14
CA VAL A 245 21.49 29.29 -1.94
C VAL A 245 21.38 27.92 -1.28
N SER A 246 22.50 27.45 -0.68
CA SER A 246 22.57 26.13 -0.06
C SER A 246 21.53 25.95 1.04
N PHE A 247 21.20 27.01 1.77
CA PHE A 247 20.07 26.97 2.66
C PHE A 247 18.77 26.72 1.91
N LYS A 248 18.43 27.66 1.05
CA LYS A 248 17.12 27.72 0.41
C LYS A 248 16.87 26.58 -0.57
N ILE A 249 17.92 26.16 -1.29
CA ILE A 249 17.74 25.12 -2.30
C ILE A 249 17.37 23.79 -1.65
N THR A 250 18.06 23.44 -0.57
CA THR A 250 17.70 22.25 0.18
C THR A 250 16.30 22.42 0.76
N LEU A 251 15.98 23.65 1.21
CA LEU A 251 14.66 23.95 1.72
C LEU A 251 13.60 23.84 0.62
N LEU A 252 13.89 24.39 -0.56
CA LEU A 252 12.96 24.24 -1.69
C LEU A 252 12.83 22.79 -2.10
N LEU A 253 13.95 22.05 -2.06
CA LEU A 253 13.89 20.61 -2.29
C LEU A 253 13.02 19.94 -1.25
N GLY A 254 13.20 20.33 0.03
CA GLY A 254 12.40 19.76 1.11
C GLY A 254 10.93 20.07 0.93
N TYR A 255 10.63 21.26 0.43
CA TYR A 255 9.26 21.65 0.16
C TYR A 255 8.72 20.91 -1.07
N SER A 256 9.60 20.57 -2.02
CA SER A 256 9.18 19.83 -3.21
C SER A 256 8.71 18.42 -2.86
N VAL A 257 9.53 17.64 -2.14
CA VAL A 257 9.06 16.32 -1.75
C VAL A 257 7.94 16.39 -0.73
N PHE A 258 7.87 17.47 0.06
CA PHE A 258 6.77 17.63 1.01
C PHE A 258 5.44 17.71 0.26
N LEU A 259 5.37 18.53 -0.79
CA LEU A 259 4.12 18.66 -1.52
C LEU A 259 3.80 17.41 -2.35
N ILE A 260 4.81 16.62 -2.70
CA ILE A 260 4.58 15.37 -3.42
C ILE A 260 4.02 14.30 -2.50
N ILE A 261 4.48 14.25 -1.26
CA ILE A 261 3.94 13.27 -0.31
C ILE A 261 2.49 13.62 0.05
N VAL A 262 2.21 14.90 0.29
CA VAL A 262 0.84 15.30 0.64
C VAL A 262 -0.09 15.29 -0.55
N SER A 263 0.45 15.11 -1.76
CA SER A 263 -0.36 14.99 -2.97
C SER A 263 -1.22 13.73 -2.96
N ASP A 264 -0.85 12.72 -2.17
CA ASP A 264 -1.63 11.49 -2.06
C ASP A 264 -2.60 11.55 -0.88
N THR A 265 -2.92 12.76 -0.40
CA THR A 265 -3.98 12.93 0.58
C THR A 265 -5.25 13.36 -0.11
N LEU A 266 -5.17 14.43 -0.89
CA LEU A 266 -6.26 14.89 -1.74
C LEU A 266 -6.60 13.80 -2.75
N PRO A 267 -7.86 13.56 -3.01
CA PRO A 267 -8.27 12.46 -3.90
C PRO A 267 -8.09 12.77 -5.37
N ALA A 268 -8.24 11.70 -6.16
CA ALA A 268 -8.08 11.70 -7.61
C ALA A 268 -9.38 12.01 -8.33
N THR A 269 -10.26 12.78 -7.69
CA THR A 269 -11.51 13.22 -8.31
C THR A 269 -11.23 14.02 -9.57
N ALA A 270 -11.89 13.63 -10.65
CA ALA A 270 -11.72 14.25 -11.96
C ALA A 270 -12.65 15.44 -12.16
N ILE A 271 -13.17 16.00 -11.07
CA ILE A 271 -13.96 17.24 -11.11
C ILE A 271 -13.08 18.48 -11.14
N GLY A 272 -11.77 18.31 -11.07
CA GLY A 272 -10.84 19.43 -10.99
C GLY A 272 -10.03 19.38 -9.71
N THR A 273 -9.54 20.51 -9.32
CA THR A 273 -8.72 20.67 -8.14
C THR A 273 -9.59 20.87 -6.89
N PRO A 274 -9.08 20.51 -5.72
CA PRO A 274 -9.61 21.08 -4.49
C PRO A 274 -9.18 22.53 -4.35
N LEU A 275 -9.92 23.26 -3.52
CA LEU A 275 -9.65 24.67 -3.27
C LEU A 275 -8.38 24.86 -2.44
N ILE A 276 -8.01 23.85 -1.65
CA ILE A 276 -6.83 23.97 -0.79
C ILE A 276 -5.52 23.99 -1.57
N GLY A 277 -5.53 23.64 -2.86
CA GLY A 277 -4.34 23.83 -3.64
C GLY A 277 -4.06 25.30 -3.84
N VAL A 278 -5.12 26.11 -3.91
CA VAL A 278 -4.96 27.57 -3.95
C VAL A 278 -4.37 28.05 -2.64
N TYR A 279 -4.87 27.50 -1.52
CA TYR A 279 -4.27 27.88 -0.24
C TYR A 279 -2.87 27.28 -0.03
N PHE A 280 -2.32 26.55 -1.00
CA PHE A 280 -1.02 25.93 -0.88
C PHE A 280 -0.04 26.39 -1.96
N VAL A 281 -0.47 26.43 -3.22
CA VAL A 281 0.37 26.92 -4.31
C VAL A 281 0.72 28.41 -4.15
N VAL A 282 -0.08 29.17 -3.40
CA VAL A 282 0.32 30.53 -3.02
C VAL A 282 1.59 30.48 -2.18
N CYS A 283 1.59 29.59 -1.18
CA CYS A 283 2.77 29.35 -0.35
C CYS A 283 3.94 28.83 -1.18
N MET A 284 3.64 27.94 -2.13
CA MET A 284 4.63 27.43 -3.09
C MET A 284 5.26 28.57 -3.87
N ALA A 285 4.43 29.43 -4.46
CA ALA A 285 4.91 30.59 -5.21
C ALA A 285 5.64 31.59 -4.33
N LEU A 286 5.31 31.62 -3.03
CA LEU A 286 5.95 32.53 -2.09
C LEU A 286 7.43 32.21 -1.93
N LEU A 287 7.78 30.93 -1.92
CA LEU A 287 9.17 30.53 -1.83
C LEU A 287 9.94 30.83 -3.12
N VAL A 288 9.26 30.79 -4.27
CA VAL A 288 9.89 31.10 -5.55
C VAL A 288 10.40 32.52 -5.58
N ILE A 289 9.55 33.47 -5.20
CA ILE A 289 9.96 34.86 -5.22
C ILE A 289 11.00 35.12 -4.13
N SER A 290 10.97 34.32 -3.06
CA SER A 290 12.08 34.32 -2.10
C SER A 290 13.36 33.83 -2.76
N LEU A 291 13.26 32.72 -3.50
CA LEU A 291 14.39 32.18 -4.24
C LEU A 291 14.86 33.16 -5.31
N ALA A 292 13.91 33.80 -5.99
CA ALA A 292 14.23 34.80 -7.00
C ALA A 292 14.98 35.97 -6.38
N GLU A 293 14.59 36.34 -5.16
CA GLU A 293 15.30 37.35 -4.39
C GLU A 293 16.71 36.89 -4.05
N THR A 294 16.84 35.63 -3.63
CA THR A 294 18.09 35.05 -3.17
C THR A 294 19.19 35.06 -4.22
N ILE A 295 18.90 34.57 -5.43
CA ILE A 295 19.92 34.53 -6.46
C ILE A 295 20.23 35.91 -7.00
N PHE A 296 19.24 36.81 -6.92
CA PHE A 296 19.37 38.18 -7.39
C PHE A 296 20.43 38.90 -6.57
N ILE A 297 20.30 38.82 -5.24
CA ILE A 297 21.28 39.50 -4.40
C ILE A 297 22.65 38.81 -4.51
N VAL A 298 22.69 37.50 -4.79
CA VAL A 298 23.99 36.85 -5.01
C VAL A 298 24.53 37.20 -6.40
N ARG A 299 23.65 37.56 -7.32
CA ARG A 299 24.10 38.04 -8.62
C ARG A 299 24.67 39.45 -8.53
N LEU A 300 24.12 40.27 -7.65
CA LEU A 300 24.61 41.63 -7.46
C LEU A 300 26.02 41.65 -6.90
N VAL A 301 26.21 41.10 -5.70
CA VAL A 301 27.49 41.10 -5.01
C VAL A 301 28.30 39.83 -5.27
N HIS A 302 29.48 40.02 -5.85
CA HIS A 302 30.47 39.00 -6.19
C HIS A 302 31.75 39.73 -6.60
N LYS A 303 32.86 39.02 -6.59
CA LYS A 303 34.15 39.58 -6.98
C LYS A 303 34.45 39.04 -8.37
N GLN A 304 34.03 39.76 -9.40
CA GLN A 304 34.26 39.33 -10.77
C GLN A 304 35.11 40.30 -11.58
N ASP A 305 35.72 41.31 -10.92
CA ASP A 305 36.59 42.31 -11.57
C ASP A 305 35.85 43.10 -12.68
N LEU A 306 34.63 43.56 -12.37
CA LEU A 306 33.75 44.26 -13.30
C LEU A 306 33.26 45.60 -12.75
N GLN A 307 32.25 46.14 -13.45
CA GLN A 307 31.69 47.49 -13.33
C GLN A 307 31.46 48.05 -11.93
N ARG A 308 31.65 49.37 -11.84
CA ARG A 308 31.49 50.23 -10.69
C ARG A 308 30.02 50.62 -10.55
N PRO A 309 29.55 50.89 -9.33
CA PRO A 309 28.14 51.29 -9.14
C PRO A 309 27.80 52.64 -9.74
N VAL A 310 26.79 52.65 -10.61
CA VAL A 310 26.31 53.85 -11.29
C VAL A 310 25.68 54.80 -10.27
N PRO A 311 26.03 56.09 -10.30
CA PRO A 311 25.51 57.05 -9.31
C PRO A 311 24.00 57.18 -9.26
N ASP A 312 23.32 57.07 -10.42
CA ASP A 312 21.86 57.19 -10.49
C ASP A 312 21.18 56.17 -9.59
N TRP A 313 21.69 54.95 -9.55
CA TRP A 313 21.14 53.95 -8.67
C TRP A 313 21.91 53.87 -7.36
N LEU A 314 22.92 54.73 -7.19
CA LEU A 314 23.57 54.84 -5.89
C LEU A 314 22.81 55.79 -4.97
N ARG A 315 22.32 56.90 -5.52
CA ARG A 315 21.52 57.81 -4.72
C ARG A 315 20.15 57.20 -4.40
N HIS A 316 19.61 56.43 -5.34
CA HIS A 316 18.31 55.80 -5.13
C HIS A 316 18.38 54.68 -4.09
N LEU A 317 19.54 54.05 -3.94
CA LEU A 317 19.67 52.89 -3.06
C LEU A 317 20.55 53.18 -1.85
N VAL A 318 21.81 53.58 -2.05
CA VAL A 318 22.72 53.77 -0.93
C VAL A 318 22.43 55.04 -0.13
N LEU A 319 21.61 55.93 -0.67
CA LEU A 319 21.28 57.19 -0.01
C LEU A 319 19.80 57.27 0.36
N ASP A 320 18.90 57.15 -0.61
CA ASP A 320 17.47 57.29 -0.35
C ASP A 320 16.92 56.07 0.37
N ARG A 321 17.16 54.88 -0.19
CA ARG A 321 16.64 53.64 0.40
C ARG A 321 17.31 53.29 1.72
N ILE A 322 18.50 53.84 1.98
CA ILE A 322 19.17 53.61 3.25
C ILE A 322 18.44 54.35 4.37
N ALA A 323 18.01 55.59 4.11
CA ALA A 323 17.26 56.35 5.10
C ALA A 323 15.86 55.78 5.30
N TRP A 324 15.25 55.27 4.22
CA TRP A 324 13.91 54.69 4.34
C TRP A 324 13.93 53.39 5.13
N ILE A 325 14.98 52.59 5.00
CA ILE A 325 15.04 51.33 5.74
C ILE A 325 15.52 51.53 7.18
N LEU A 326 16.41 52.51 7.41
CA LEU A 326 16.92 52.76 8.76
C LEU A 326 15.83 53.29 9.69
N CYS A 327 14.87 54.04 9.15
CA CYS A 327 13.80 54.60 9.96
C CYS A 327 12.59 53.67 9.98
N VAL A 392 71.83 59.58 -10.65
CA VAL A 392 70.44 59.23 -10.91
C VAL A 392 70.28 57.72 -10.92
N ARG A 393 69.23 57.22 -10.27
CA ARG A 393 68.99 55.80 -10.19
C ARG A 393 67.63 55.45 -10.78
N GLY A 394 67.57 54.29 -11.44
CA GLY A 394 66.34 53.87 -12.08
C GLY A 394 65.45 52.99 -11.23
N LEU A 395 65.51 53.15 -9.91
CA LEU A 395 64.65 52.37 -9.03
C LEU A 395 63.22 52.87 -9.04
N LEU A 396 63.02 54.13 -9.43
CA LEU A 396 61.69 54.73 -9.35
C LEU A 396 60.74 54.13 -10.37
N GLN A 397 61.23 53.67 -11.53
CA GLN A 397 60.32 53.15 -12.53
C GLN A 397 59.74 51.80 -12.15
N GLU A 398 60.41 51.08 -11.25
CA GLU A 398 59.88 49.81 -10.78
C GLU A 398 58.95 49.99 -9.58
N LEU A 399 59.34 50.86 -8.64
CA LEU A 399 58.52 51.13 -7.47
C LEU A 399 57.19 51.76 -7.89
N SER A 400 57.22 52.55 -8.96
CA SER A 400 56.00 53.09 -9.53
C SER A 400 55.09 51.98 -10.05
N SER A 401 55.68 50.93 -10.62
CA SER A 401 54.87 49.84 -11.16
C SER A 401 54.19 49.01 -10.07
N ILE A 402 54.89 48.73 -8.95
CA ILE A 402 54.31 47.86 -7.92
C ILE A 402 53.06 48.45 -7.28
N ARG A 403 53.10 49.73 -6.85
CA ARG A 403 51.89 50.33 -6.28
C ARG A 403 50.78 50.45 -7.31
N HIS A 404 51.15 50.70 -8.58
CA HIS A 404 50.19 50.76 -9.66
C HIS A 404 49.45 49.44 -9.76
N PHE A 405 50.19 48.33 -9.73
CA PHE A 405 49.55 47.02 -9.67
C PHE A 405 48.81 46.83 -8.35
N LEU A 406 49.39 47.33 -7.26
CA LEU A 406 48.80 47.20 -5.93
C LEU A 406 47.47 47.92 -5.80
N GLU A 407 47.40 49.17 -6.27
CA GLU A 407 46.15 49.90 -6.12
C GLU A 407 45.05 49.35 -7.00
N LYS A 408 45.40 48.63 -8.07
CA LYS A 408 44.40 47.95 -8.90
C LYS A 408 43.65 46.91 -8.10
N ARG A 409 44.37 46.17 -7.25
CA ARG A 409 43.69 45.25 -6.35
C ARG A 409 42.91 46.03 -5.30
N ASP A 410 43.52 47.10 -4.78
CA ASP A 410 42.81 47.92 -3.80
C ASP A 410 41.57 48.56 -4.43
N GLU A 411 41.68 49.00 -5.68
CA GLU A 411 40.52 49.57 -6.37
C GLU A 411 39.45 48.51 -6.62
N MET A 412 39.84 47.33 -7.11
CA MET A 412 38.81 46.28 -7.22
C MET A 412 38.26 45.92 -5.84
N ARG A 413 39.10 46.05 -4.79
CA ARG A 413 38.58 45.91 -3.43
C ARG A 413 37.62 47.05 -3.12
N GLU A 414 37.90 48.27 -3.64
CA GLU A 414 36.99 49.40 -3.48
C GLU A 414 35.68 49.06 -4.19
N VAL A 415 35.78 48.40 -5.35
CA VAL A 415 34.61 47.88 -6.04
C VAL A 415 33.93 46.83 -5.17
N ALA A 416 34.72 45.94 -4.57
CA ALA A 416 34.16 44.92 -3.68
C ALA A 416 33.45 45.52 -2.47
N ARG A 417 33.95 46.64 -1.92
CA ARG A 417 33.29 47.26 -0.77
C ARG A 417 31.93 47.89 -1.10
N ASP A 418 31.84 48.67 -2.17
CA ASP A 418 30.60 49.38 -2.44
C ASP A 418 29.47 48.48 -2.92
N TRP A 419 29.75 47.54 -3.81
CA TRP A 419 28.71 46.62 -4.29
C TRP A 419 28.19 45.75 -3.15
N LEU A 420 29.06 45.38 -2.22
CA LEU A 420 28.65 44.68 -1.02
C LEU A 420 27.77 45.57 -0.12
N ARG A 421 28.14 46.84 -0.02
CA ARG A 421 27.41 47.82 0.80
C ARG A 421 25.96 47.97 0.40
N VAL A 422 25.71 48.24 -0.89
CA VAL A 422 24.34 48.38 -1.39
C VAL A 422 23.55 47.09 -1.18
N GLY A 423 24.15 45.93 -1.50
CA GLY A 423 23.47 44.64 -1.37
C GLY A 423 22.89 44.32 -0.01
N TYR A 424 23.62 44.62 1.07
CA TYR A 424 23.11 44.35 2.41
C TYR A 424 21.93 45.25 2.76
N VAL A 425 22.03 46.54 2.42
CA VAL A 425 20.87 47.42 2.58
C VAL A 425 19.73 46.89 1.73
N LEU A 426 20.03 46.52 0.47
CA LEU A 426 19.07 45.86 -0.41
C LEU A 426 18.55 44.56 0.19
N ASP A 427 19.44 43.76 0.79
CA ASP A 427 19.01 42.52 1.42
C ASP A 427 18.07 42.80 2.58
N ARG A 428 18.40 43.79 3.42
CA ARG A 428 17.56 44.11 4.57
C ARG A 428 16.20 44.70 4.15
N LEU A 429 16.20 45.62 3.18
CA LEU A 429 14.94 46.22 2.73
C LEU A 429 14.01 45.17 2.11
N LEU A 430 14.55 44.33 1.21
CA LEU A 430 13.76 43.24 0.65
C LEU A 430 13.37 42.20 1.70
N PHE A 431 14.16 42.08 2.77
CA PHE A 431 13.78 41.22 3.90
C PHE A 431 12.57 41.77 4.65
N ARG A 432 12.54 43.09 4.89
CA ARG A 432 11.43 43.72 5.60
C ARG A 432 10.09 43.46 4.93
N ILE A 433 10.00 43.64 3.61
CA ILE A 433 8.74 43.45 2.89
C ILE A 433 8.23 42.02 3.00
N TYR A 434 9.11 41.01 2.85
CA TYR A 434 8.65 39.62 2.90
C TYR A 434 8.08 39.22 4.26
N LEU A 435 8.73 39.60 5.37
CA LEU A 435 8.18 39.25 6.69
C LEU A 435 6.82 39.90 6.90
N LEU A 436 6.70 41.16 6.51
CA LEU A 436 5.40 41.84 6.61
C LEU A 436 4.37 41.15 5.72
N ALA A 437 4.78 40.66 4.55
CA ALA A 437 3.87 39.98 3.64
C ALA A 437 3.34 38.68 4.23
N VAL A 438 4.22 37.84 4.79
CA VAL A 438 3.78 36.57 5.38
C VAL A 438 2.88 36.81 6.60
N LEU A 439 3.26 37.75 7.47
CA LEU A 439 2.44 38.05 8.65
C LEU A 439 1.07 38.58 8.24
N ALA A 440 1.02 39.40 7.18
CA ALA A 440 -0.26 39.85 6.66
C ALA A 440 -1.01 38.67 6.05
N TYR A 441 -0.27 37.82 5.33
CA TYR A 441 -0.85 36.58 4.79
C TYR A 441 -1.32 35.67 5.91
N SER A 442 -0.57 35.62 7.02
CA SER A 442 -0.94 34.79 8.16
C SER A 442 -2.19 35.33 8.84
N ILE A 443 -2.31 36.66 8.95
CA ILE A 443 -3.47 37.24 9.63
C ILE A 443 -4.73 37.00 8.78
N THR A 444 -4.57 36.86 7.45
CA THR A 444 -5.68 36.47 6.59
C THR A 444 -6.06 35.02 6.84
N LEU A 445 -5.06 34.16 7.08
CA LEU A 445 -5.30 32.75 7.36
C LEU A 445 -6.11 32.55 8.63
N VAL A 446 -5.73 33.22 9.71
CA VAL A 446 -6.41 32.99 10.98
C VAL A 446 -7.80 33.65 11.01
N THR A 447 -7.99 34.78 10.32
CA THR A 447 -9.32 35.36 10.25
C THR A 447 -10.28 34.49 9.42
N LEU A 448 -9.74 33.75 8.44
CA LEU A 448 -10.56 32.79 7.71
C LEU A 448 -10.86 31.56 8.55
N TRP A 449 -9.89 31.14 9.37
CA TRP A 449 -10.10 30.00 10.27
C TRP A 449 -11.14 30.31 11.34
N SER A 450 -11.25 31.58 11.75
CA SER A 450 -12.23 31.95 12.77
C SER A 450 -13.64 32.04 12.20
N ILE A 451 -13.77 32.52 10.98
CA ILE A 451 -15.09 32.69 10.38
C ILE A 451 -15.67 31.34 9.96
N THR B 1 -64.22 -20.90 -5.77
CA THR B 1 -64.24 -20.31 -4.44
C THR B 1 -63.74 -18.87 -4.48
N GLN B 2 -63.75 -18.20 -3.32
CA GLN B 2 -63.33 -16.81 -3.32
C GLN B 2 -62.32 -16.36 -2.24
N PRO B 3 -61.21 -17.08 -1.96
CA PRO B 3 -60.30 -16.54 -0.94
C PRO B 3 -59.45 -15.38 -1.40
N ALA B 4 -58.92 -15.42 -2.63
CA ALA B 4 -58.00 -14.42 -3.17
C ALA B 4 -57.69 -14.68 -4.64
N LEU B 5 -56.78 -13.86 -5.20
CA LEU B 5 -56.00 -14.22 -6.39
C LEU B 5 -55.08 -15.41 -6.15
N LEU B 6 -54.90 -15.80 -4.88
CA LEU B 6 -54.09 -16.94 -4.46
C LEU B 6 -54.49 -18.24 -5.14
N ARG B 7 -55.79 -18.38 -5.47
CA ARG B 7 -56.28 -19.53 -6.23
C ARG B 7 -55.51 -19.69 -7.52
N LEU B 8 -55.42 -18.61 -8.30
CA LEU B 8 -54.69 -18.61 -9.56
C LEU B 8 -53.24 -19.04 -9.34
N SER B 9 -52.59 -18.41 -8.34
CA SER B 9 -51.20 -18.69 -7.98
C SER B 9 -50.93 -20.16 -7.73
N ASP B 10 -51.86 -20.85 -7.06
CA ASP B 10 -51.72 -22.29 -6.90
C ASP B 10 -51.89 -23.01 -8.22
N HIS B 11 -53.06 -22.80 -8.85
CA HIS B 11 -53.50 -23.53 -10.04
C HIS B 11 -52.46 -23.51 -11.16
N LEU B 12 -51.80 -22.38 -11.35
CA LEU B 12 -50.74 -22.31 -12.35
C LEU B 12 -49.50 -23.06 -11.87
N LEU B 13 -49.09 -22.83 -10.64
CA LEU B 13 -47.82 -23.34 -10.13
C LEU B 13 -47.97 -24.65 -9.38
N ALA B 14 -49.14 -25.30 -9.47
CA ALA B 14 -49.36 -26.58 -8.82
C ALA B 14 -48.36 -27.63 -9.33
N ASN B 15 -48.40 -27.91 -10.63
CA ASN B 15 -47.51 -28.90 -11.25
C ASN B 15 -46.44 -28.28 -12.13
N TYR B 16 -46.25 -26.96 -12.06
CA TYR B 16 -45.29 -26.25 -12.89
C TYR B 16 -43.86 -26.65 -12.51
N LYS B 17 -43.18 -27.33 -13.40
CA LYS B 17 -41.79 -27.71 -13.19
C LYS B 17 -40.85 -26.67 -13.79
N LYS B 18 -40.01 -26.08 -12.94
CA LYS B 18 -39.12 -25.01 -13.37
C LYS B 18 -37.89 -25.51 -14.11
N GLY B 19 -37.75 -26.82 -14.28
CA GLY B 19 -36.59 -27.39 -14.95
C GLY B 19 -36.67 -27.54 -16.45
N VAL B 20 -37.85 -27.78 -16.99
CA VAL B 20 -38.03 -27.99 -18.42
C VAL B 20 -38.23 -26.64 -19.10
N ARG B 21 -37.68 -26.50 -20.30
CA ARG B 21 -37.83 -25.25 -21.04
C ARG B 21 -39.30 -25.00 -21.38
N PRO B 22 -39.85 -23.85 -21.02
CA PRO B 22 -41.29 -23.60 -21.15
C PRO B 22 -41.84 -23.39 -22.55
N VAL B 23 -42.04 -24.44 -23.33
CA VAL B 23 -42.70 -24.33 -24.65
C VAL B 23 -43.61 -25.52 -24.91
N ARG B 24 -44.78 -25.24 -25.46
CA ARG B 24 -45.68 -26.31 -25.84
C ARG B 24 -45.16 -27.04 -27.07
N ASP B 25 -44.62 -26.28 -28.04
CA ASP B 25 -43.89 -26.84 -29.17
C ASP B 25 -42.39 -26.67 -28.90
N TRP B 26 -41.67 -27.78 -28.80
CA TRP B 26 -40.26 -27.73 -28.44
C TRP B 26 -39.38 -27.10 -29.50
N ARG B 27 -39.80 -27.07 -30.75
CA ARG B 27 -38.97 -26.45 -31.78
C ARG B 27 -39.01 -24.92 -31.76
N LYS B 28 -40.04 -24.32 -31.19
CA LYS B 28 -40.13 -22.86 -31.17
C LYS B 28 -39.15 -22.31 -30.14
N PRO B 29 -38.23 -21.44 -30.51
CA PRO B 29 -37.28 -20.89 -29.55
C PRO B 29 -37.90 -19.87 -28.63
N THR B 30 -37.38 -19.80 -27.42
CA THR B 30 -37.79 -18.82 -26.44
C THR B 30 -36.92 -17.58 -26.63
N THR B 31 -37.56 -16.48 -26.97
CA THR B 31 -36.84 -15.25 -27.29
C THR B 31 -36.73 -14.41 -26.04
N VAL B 32 -35.50 -14.08 -25.65
CA VAL B 32 -35.23 -13.29 -24.46
C VAL B 32 -34.85 -11.87 -24.89
N SER B 33 -35.72 -10.93 -24.58
CA SER B 33 -35.49 -9.52 -24.80
C SER B 33 -34.63 -8.95 -23.68
N ILE B 34 -33.51 -8.34 -24.05
CA ILE B 34 -32.56 -7.83 -23.07
C ILE B 34 -32.59 -6.31 -23.12
N ASP B 35 -32.24 -5.67 -22.00
CA ASP B 35 -32.21 -4.23 -21.88
C ASP B 35 -31.12 -3.84 -20.88
N VAL B 36 -30.35 -2.81 -21.19
CA VAL B 36 -29.22 -2.40 -20.38
C VAL B 36 -29.32 -0.93 -20.02
N ILE B 37 -29.17 -0.62 -18.74
CA ILE B 37 -28.91 0.74 -18.31
C ILE B 37 -27.59 0.66 -17.56
N MET B 38 -26.56 1.32 -18.06
CA MET B 38 -25.27 1.28 -17.38
C MET B 38 -25.31 2.29 -16.24
N TYR B 39 -25.19 1.83 -15.01
CA TYR B 39 -25.34 2.73 -13.88
C TYR B 39 -24.07 3.45 -13.45
N ALA B 40 -22.93 2.77 -13.36
CA ALA B 40 -21.73 3.44 -12.88
C ALA B 40 -20.45 2.72 -13.28
N ILE B 41 -19.43 3.51 -13.56
CA ILE B 41 -18.06 3.04 -13.78
C ILE B 41 -17.35 3.04 -12.42
N LEU B 42 -17.11 1.85 -11.87
CA LEU B 42 -16.50 1.80 -10.54
C LEU B 42 -15.01 2.10 -10.56
N ASN B 43 -14.25 1.30 -11.30
CA ASN B 43 -12.81 1.43 -11.28
C ASN B 43 -12.26 0.75 -12.53
N VAL B 44 -11.26 1.36 -13.13
CA VAL B 44 -10.51 0.69 -14.19
C VAL B 44 -9.18 0.23 -13.62
N ASP B 45 -8.82 -1.01 -13.86
CA ASP B 45 -7.51 -1.52 -13.47
C ASP B 45 -6.75 -1.75 -14.76
N GLU B 46 -5.90 -0.79 -15.11
CA GLU B 46 -5.13 -0.88 -16.34
C GLU B 46 -4.09 -1.99 -16.24
N LYS B 47 -3.65 -2.30 -15.01
CA LYS B 47 -2.61 -3.29 -14.77
C LYS B 47 -3.06 -4.67 -15.23
N ASN B 48 -4.17 -5.14 -14.70
CA ASN B 48 -4.71 -6.43 -15.07
C ASN B 48 -5.66 -6.37 -16.26
N GLN B 49 -5.97 -5.16 -16.76
CA GLN B 49 -6.91 -4.91 -17.85
C GLN B 49 -8.28 -5.52 -17.54
N VAL B 50 -8.90 -5.00 -16.49
CA VAL B 50 -10.22 -5.47 -16.09
C VAL B 50 -11.03 -4.27 -15.59
N LEU B 51 -12.21 -4.09 -16.18
CA LEU B 51 -13.13 -3.00 -15.88
C LEU B 51 -14.29 -3.50 -15.02
N THR B 52 -14.60 -2.79 -13.94
CA THR B 52 -15.72 -3.15 -13.07
C THR B 52 -16.82 -2.09 -13.13
N THR B 53 -18.02 -2.53 -13.51
CA THR B 53 -19.17 -1.66 -13.68
C THR B 53 -20.38 -2.21 -12.94
N TYR B 54 -21.39 -1.36 -12.80
CA TYR B 54 -22.66 -1.76 -12.22
C TYR B 54 -23.76 -1.46 -13.21
N ILE B 55 -24.59 -2.46 -13.51
CA ILE B 55 -25.58 -2.38 -14.57
C ILE B 55 -26.96 -2.56 -13.95
N TRP B 56 -27.94 -1.78 -14.42
CA TRP B 56 -29.34 -2.05 -14.10
C TRP B 56 -29.84 -2.88 -15.28
N TYR B 57 -30.16 -4.15 -15.02
CA TYR B 57 -30.36 -5.11 -16.09
C TYR B 57 -31.79 -5.66 -16.12
N ARG B 58 -32.25 -6.05 -17.30
CA ARG B 58 -33.60 -6.56 -17.44
C ARG B 58 -33.70 -7.76 -18.36
N GLN B 59 -34.70 -8.59 -18.11
CA GLN B 59 -34.95 -9.79 -18.89
C GLN B 59 -36.43 -9.89 -19.21
N TYR B 60 -36.73 -10.31 -20.43
CA TYR B 60 -38.11 -10.48 -20.88
C TYR B 60 -38.20 -11.73 -21.72
N TRP B 61 -39.07 -12.67 -21.34
CA TRP B 61 -39.27 -13.84 -22.17
C TRP B 61 -40.72 -14.30 -22.07
N THR B 62 -41.05 -15.35 -22.81
CA THR B 62 -42.42 -15.87 -22.86
C THR B 62 -42.49 -17.29 -22.31
N ASP B 63 -43.29 -17.47 -21.27
CA ASP B 63 -43.61 -18.77 -20.69
C ASP B 63 -45.01 -19.19 -21.12
N GLU B 64 -45.11 -20.10 -22.09
CA GLU B 64 -46.42 -20.48 -22.62
C GLU B 64 -47.24 -21.31 -21.64
N PHE B 65 -46.63 -21.84 -20.57
CA PHE B 65 -47.41 -22.71 -19.70
C PHE B 65 -48.19 -21.95 -18.65
N LEU B 66 -47.72 -20.80 -18.18
CA LEU B 66 -48.42 -20.10 -17.12
C LEU B 66 -49.38 -19.04 -17.65
N GLN B 67 -49.94 -19.22 -18.84
CA GLN B 67 -50.86 -18.23 -19.38
C GLN B 67 -52.25 -18.51 -18.84
N TRP B 68 -53.04 -17.46 -18.68
CA TRP B 68 -54.40 -17.60 -18.20
C TRP B 68 -55.26 -16.49 -18.76
N THR B 69 -56.52 -16.60 -18.49
CA THR B 69 -57.49 -15.60 -18.91
C THR B 69 -57.82 -14.66 -17.78
N PRO B 70 -57.81 -13.36 -18.05
CA PRO B 70 -58.18 -12.36 -17.02
C PRO B 70 -59.53 -12.60 -16.40
N GLU B 71 -60.51 -13.09 -17.17
CA GLU B 71 -61.83 -13.38 -16.64
C GLU B 71 -61.76 -14.56 -15.66
N ASP B 72 -62.84 -14.69 -14.89
CA ASP B 72 -63.12 -15.62 -13.77
C ASP B 72 -61.98 -15.74 -12.76
N PHE B 73 -61.07 -14.77 -12.74
CA PHE B 73 -59.96 -14.72 -11.79
C PHE B 73 -59.89 -13.36 -11.12
N ASP B 74 -61.03 -12.67 -11.14
CA ASP B 74 -61.24 -11.34 -10.57
C ASP B 74 -60.37 -10.30 -11.30
N ASN B 75 -60.36 -10.41 -12.63
CA ASN B 75 -59.75 -9.43 -13.55
C ASN B 75 -58.31 -9.06 -13.21
N VAL B 76 -57.53 -10.01 -12.71
CA VAL B 76 -56.13 -9.72 -12.41
C VAL B 76 -55.32 -9.76 -13.69
N THR B 77 -54.44 -8.76 -13.85
CA THR B 77 -53.62 -8.66 -15.05
C THR B 77 -52.25 -9.28 -14.83
N LYS B 78 -51.51 -8.78 -13.84
CA LYS B 78 -50.18 -9.33 -13.58
C LYS B 78 -50.06 -9.81 -12.14
N LEU B 79 -49.07 -10.69 -11.93
CA LEU B 79 -48.86 -11.31 -10.63
C LEU B 79 -47.38 -11.47 -10.37
N SER B 80 -46.97 -11.18 -9.14
CA SER B 80 -45.59 -11.32 -8.71
C SER B 80 -45.35 -12.71 -8.09
N ILE B 81 -44.39 -13.45 -8.65
CA ILE B 81 -44.06 -14.79 -8.14
C ILE B 81 -42.55 -14.97 -7.93
N PRO B 82 -42.14 -15.78 -6.95
CA PRO B 82 -40.71 -16.00 -6.66
C PRO B 82 -39.88 -16.51 -7.84
N THR B 83 -38.69 -15.88 -8.02
CA THR B 83 -37.77 -16.22 -9.10
C THR B 83 -37.38 -17.70 -9.09
N ASP B 84 -37.11 -18.24 -7.91
CA ASP B 84 -36.62 -19.61 -7.84
C ASP B 84 -37.75 -20.63 -7.92
N SER B 85 -38.96 -20.21 -8.24
CA SER B 85 -40.06 -21.12 -8.49
C SER B 85 -40.38 -21.28 -9.97
N ILE B 86 -39.67 -20.59 -10.87
CA ILE B 86 -39.92 -20.67 -12.30
C ILE B 86 -38.61 -20.77 -13.06
N TRP B 87 -38.74 -21.23 -14.31
CA TRP B 87 -37.60 -21.39 -15.21
C TRP B 87 -36.93 -20.05 -15.51
N VAL B 88 -35.61 -20.01 -15.41
CA VAL B 88 -34.92 -18.74 -15.66
C VAL B 88 -33.78 -19.00 -16.62
N PRO B 89 -33.67 -18.20 -17.69
CA PRO B 89 -32.55 -18.33 -18.61
C PRO B 89 -31.25 -17.94 -17.96
N ASP B 90 -30.16 -18.48 -18.47
CA ASP B 90 -28.83 -18.38 -17.86
C ASP B 90 -27.96 -17.27 -18.46
N ILE B 91 -28.55 -16.16 -18.93
CA ILE B 91 -27.76 -15.11 -19.59
C ILE B 91 -26.66 -14.58 -18.68
N LEU B 92 -25.42 -14.70 -19.13
CA LEU B 92 -24.26 -14.16 -18.47
C LEU B 92 -23.37 -13.53 -19.53
N ILE B 93 -22.18 -13.13 -19.11
CA ILE B 93 -21.20 -12.46 -19.95
C ILE B 93 -19.99 -13.35 -20.20
N ASN B 94 -19.56 -13.41 -21.46
CA ASN B 94 -18.39 -14.21 -21.80
C ASN B 94 -17.12 -13.58 -21.22
N GLU B 95 -17.10 -12.26 -21.07
CA GLU B 95 -15.93 -11.58 -20.50
C GLU B 95 -15.79 -11.75 -19.00
N PHE B 96 -16.71 -12.47 -18.34
CA PHE B 96 -16.63 -12.72 -16.91
C PHE B 96 -15.33 -13.32 -16.47
N VAL B 97 -14.62 -12.60 -15.62
CA VAL B 97 -13.45 -13.14 -14.96
C VAL B 97 -13.62 -13.22 -13.46
N ASP B 98 -14.76 -12.77 -12.95
CA ASP B 98 -15.01 -12.79 -11.52
C ASP B 98 -16.51 -12.68 -11.30
N VAL B 99 -16.92 -12.63 -10.03
CA VAL B 99 -18.33 -12.50 -9.65
C VAL B 99 -18.48 -11.38 -8.64
N GLY B 100 -19.21 -10.33 -9.02
CA GLY B 100 -19.50 -9.28 -8.06
C GLY B 100 -20.75 -9.65 -7.27
N LYS B 101 -20.73 -9.37 -5.98
CA LYS B 101 -21.90 -9.64 -5.15
C LYS B 101 -22.92 -8.53 -5.36
N SER B 102 -24.07 -8.91 -5.88
CA SER B 102 -25.18 -8.04 -6.25
C SER B 102 -26.40 -8.57 -5.53
N PRO B 103 -27.31 -7.69 -5.11
CA PRO B 103 -28.51 -8.15 -4.39
C PRO B 103 -29.33 -9.14 -5.21
N ASN B 104 -29.79 -10.18 -4.55
CA ASN B 104 -30.55 -11.22 -5.22
C ASN B 104 -32.01 -10.78 -5.15
N ILE B 105 -32.64 -10.67 -6.32
CA ILE B 105 -34.03 -10.25 -6.41
C ILE B 105 -34.90 -11.50 -6.33
N PRO B 106 -35.78 -11.59 -5.35
CA PRO B 106 -36.56 -12.82 -5.16
C PRO B 106 -37.75 -12.97 -6.09
N TYR B 107 -38.32 -11.89 -6.63
CA TYR B 107 -39.55 -11.95 -7.41
C TYR B 107 -39.39 -11.53 -8.85
N VAL B 108 -40.32 -12.01 -9.70
CA VAL B 108 -40.48 -11.59 -11.08
C VAL B 108 -41.96 -11.33 -11.39
N TYR B 109 -42.17 -10.59 -12.47
CA TYR B 109 -43.48 -10.17 -12.97
C TYR B 109 -44.04 -11.09 -14.05
N VAL B 110 -45.20 -11.67 -13.79
CA VAL B 110 -45.92 -12.50 -14.74
C VAL B 110 -47.28 -11.88 -15.05
N HIS B 111 -47.56 -11.63 -16.32
CA HIS B 111 -48.89 -11.26 -16.78
C HIS B 111 -49.63 -12.47 -17.34
N HIS B 112 -50.90 -12.24 -17.62
CA HIS B 112 -51.83 -13.30 -18.00
C HIS B 112 -51.53 -13.90 -19.37
N ARG B 113 -50.73 -13.23 -20.19
CA ARG B 113 -50.36 -13.78 -21.48
C ARG B 113 -49.06 -14.55 -21.42
N GLY B 114 -48.53 -14.80 -20.23
CA GLY B 114 -47.39 -15.68 -20.02
C GLY B 114 -46.03 -15.05 -20.16
N GLU B 115 -45.94 -13.74 -20.32
CA GLU B 115 -44.66 -13.05 -20.42
C GLU B 115 -44.04 -12.86 -19.03
N VAL B 116 -42.81 -13.31 -18.86
CA VAL B 116 -42.09 -13.14 -17.60
C VAL B 116 -41.13 -11.98 -17.74
N GLN B 117 -41.23 -11.03 -16.81
CA GLN B 117 -40.42 -9.81 -16.77
C GLN B 117 -39.49 -9.89 -15.57
N ASN B 118 -38.19 -9.96 -15.83
CA ASN B 118 -37.19 -10.12 -14.77
C ASN B 118 -36.26 -8.92 -14.69
N TYR B 119 -36.35 -8.20 -13.58
CA TYR B 119 -35.43 -7.11 -13.27
C TYR B 119 -34.43 -7.58 -12.22
N LYS B 120 -33.15 -7.19 -12.38
CA LYS B 120 -32.12 -7.43 -11.36
C LYS B 120 -30.89 -6.59 -11.67
N PRO B 121 -30.32 -5.92 -10.67
CA PRO B 121 -29.04 -5.24 -10.89
C PRO B 121 -27.87 -6.20 -10.66
N LEU B 122 -26.84 -6.09 -11.49
CA LEU B 122 -25.70 -7.00 -11.42
C LEU B 122 -24.39 -6.21 -11.42
N GLN B 123 -23.43 -6.65 -10.61
CA GLN B 123 -22.07 -6.11 -10.63
C GLN B 123 -21.14 -7.03 -11.40
N LEU B 124 -20.67 -6.56 -12.55
CA LEU B 124 -19.80 -7.33 -13.45
C LEU B 124 -18.37 -6.80 -13.36
N VAL B 125 -17.48 -7.63 -12.84
CA VAL B 125 -16.04 -7.36 -12.86
C VAL B 125 -15.49 -8.18 -14.02
N THR B 126 -15.37 -7.53 -15.18
CA THR B 126 -15.03 -8.13 -16.47
C THR B 126 -13.76 -7.56 -17.09
N ALA B 127 -13.02 -8.46 -17.72
CA ALA B 127 -11.79 -8.13 -18.41
C ALA B 127 -12.11 -7.42 -19.72
N CYS B 128 -11.33 -6.38 -20.01
CA CYS B 128 -11.50 -5.51 -21.17
C CYS B 128 -10.16 -5.13 -21.77
N SER B 129 -10.09 -5.21 -23.09
CA SER B 129 -8.89 -4.81 -23.82
C SER B 129 -8.81 -3.29 -23.83
N LEU B 130 -7.83 -2.74 -23.12
CA LEU B 130 -7.66 -1.30 -22.98
C LEU B 130 -6.52 -0.80 -23.84
N ASP B 131 -6.66 0.42 -24.37
CA ASP B 131 -5.61 1.11 -25.13
C ASP B 131 -5.36 2.44 -24.42
N ILE B 132 -4.25 2.52 -23.70
CA ILE B 132 -3.94 3.68 -22.88
C ILE B 132 -2.91 4.58 -23.58
N TYR B 133 -2.87 4.49 -24.92
CA TYR B 133 -1.92 5.24 -25.76
C TYR B 133 -1.87 6.73 -25.48
N ASN B 134 -2.98 7.43 -25.70
CA ASN B 134 -3.08 8.85 -25.33
C ASN B 134 -3.64 8.94 -23.92
N PHE B 135 -2.73 8.92 -22.94
CA PHE B 135 -3.11 8.73 -21.54
C PHE B 135 -4.09 9.78 -21.00
N PRO B 136 -3.86 11.10 -21.09
CA PRO B 136 -4.89 12.02 -20.58
C PRO B 136 -6.16 12.05 -21.43
N PHE B 137 -6.03 11.98 -22.76
CA PHE B 137 -7.18 12.04 -23.68
C PHE B 137 -7.36 10.67 -24.29
N ASP B 138 -8.06 9.80 -23.59
CA ASP B 138 -8.28 8.46 -24.11
C ASP B 138 -9.76 8.15 -24.19
N VAL B 139 -10.14 7.46 -25.26
CA VAL B 139 -11.45 6.85 -25.35
C VAL B 139 -11.17 5.36 -25.21
N GLN B 140 -12.05 4.65 -24.52
CA GLN B 140 -11.84 3.24 -24.29
C GLN B 140 -13.04 2.48 -24.80
N ASN B 141 -12.80 1.30 -25.35
CA ASN B 141 -13.82 0.53 -26.05
C ASN B 141 -13.85 -0.85 -25.42
N CYS B 142 -14.88 -1.12 -24.62
CA CYS B 142 -15.00 -2.38 -23.89
C CYS B 142 -16.22 -3.15 -24.37
N SER B 143 -16.04 -4.45 -24.51
CA SER B 143 -17.06 -5.34 -25.02
C SER B 143 -17.82 -5.97 -23.84
N LEU B 144 -19.13 -6.08 -23.99
CA LEU B 144 -19.98 -6.78 -23.04
C LEU B 144 -20.78 -7.78 -23.88
N THR B 145 -20.30 -9.02 -23.89
CA THR B 145 -20.81 -10.08 -24.76
C THR B 145 -21.85 -10.86 -23.96
N PHE B 146 -23.12 -10.58 -24.20
CA PHE B 146 -24.21 -11.26 -23.53
C PHE B 146 -24.55 -12.54 -24.25
N THR B 147 -24.61 -13.65 -23.51
CA THR B 147 -24.95 -14.94 -24.10
C THR B 147 -25.62 -15.81 -23.06
N SER B 148 -26.52 -16.66 -23.53
CA SER B 148 -26.83 -17.88 -22.82
C SER B 148 -25.60 -18.75 -22.94
N TRP B 149 -25.10 -19.28 -21.83
CA TRP B 149 -23.82 -19.95 -21.90
C TRP B 149 -23.90 -21.31 -22.56
N LEU B 150 -25.08 -21.90 -22.68
CA LEU B 150 -25.15 -23.17 -23.37
C LEU B 150 -26.22 -23.24 -24.47
N HIS B 151 -27.39 -22.66 -24.22
CA HIS B 151 -28.55 -22.84 -25.11
C HIS B 151 -28.32 -22.34 -26.54
N THR B 152 -28.86 -23.13 -27.49
CA THR B 152 -28.79 -22.91 -28.93
C THR B 152 -29.75 -21.85 -29.43
N ILE B 153 -29.68 -21.60 -30.74
CA ILE B 153 -30.54 -20.62 -31.39
C ILE B 153 -31.95 -21.17 -31.55
N GLN B 154 -32.12 -22.47 -31.45
CA GLN B 154 -33.44 -23.06 -31.53
C GLN B 154 -34.10 -23.11 -30.17
N ASP B 155 -33.38 -22.74 -29.12
CA ASP B 155 -33.93 -22.70 -27.79
C ASP B 155 -34.02 -21.28 -27.26
N ILE B 156 -32.90 -20.58 -27.26
CA ILE B 156 -32.81 -19.21 -26.77
C ILE B 156 -32.23 -18.29 -27.84
N ASN B 157 -32.94 -17.20 -28.12
CA ASN B 157 -32.53 -16.20 -29.09
C ASN B 157 -32.63 -14.83 -28.45
N ILE B 158 -31.69 -13.95 -28.79
CA ILE B 158 -31.55 -12.68 -28.09
C ILE B 158 -32.03 -11.54 -28.97
N THR B 159 -32.88 -10.69 -28.43
CA THR B 159 -33.33 -9.50 -29.15
C THR B 159 -33.22 -8.31 -28.22
N LEU B 160 -33.28 -7.10 -28.78
CA LEU B 160 -33.43 -5.92 -27.95
C LEU B 160 -34.83 -5.86 -27.35
N TRP B 161 -34.94 -5.16 -26.23
CA TRP B 161 -36.24 -4.91 -25.65
C TRP B 161 -36.90 -3.66 -26.22
N ARG B 162 -36.11 -2.65 -26.58
CA ARG B 162 -36.66 -1.49 -27.27
C ARG B 162 -35.70 -1.04 -28.37
N SER B 163 -35.97 0.13 -28.93
CA SER B 163 -35.25 0.64 -30.09
C SER B 163 -33.79 0.94 -29.74
N PRO B 164 -32.85 0.52 -30.58
CA PRO B 164 -31.43 0.55 -30.20
C PRO B 164 -30.80 1.93 -30.18
N GLU B 165 -31.50 2.97 -30.61
CA GLU B 165 -30.92 4.30 -30.54
C GLU B 165 -31.09 4.94 -29.18
N GLU B 166 -32.16 4.62 -28.46
CA GLU B 166 -32.37 5.26 -27.17
C GLU B 166 -31.39 4.74 -26.13
N VAL B 167 -31.14 3.42 -26.13
CA VAL B 167 -30.15 2.82 -25.22
C VAL B 167 -28.77 3.38 -25.52
N ARG B 168 -28.50 3.71 -26.79
CA ARG B 168 -27.26 4.39 -27.15
C ARG B 168 -27.18 5.74 -26.47
N SER B 169 -28.23 6.53 -26.62
CA SER B 169 -28.31 7.89 -26.10
C SER B 169 -28.57 7.94 -24.60
N ASP B 170 -28.84 6.79 -23.98
CA ASP B 170 -29.25 6.68 -22.59
C ASP B 170 -28.14 7.14 -21.67
N LYS B 171 -28.32 8.33 -21.11
CA LYS B 171 -27.46 8.91 -20.09
C LYS B 171 -28.26 9.07 -18.80
N SER B 172 -29.49 8.54 -18.81
CA SER B 172 -30.37 8.50 -17.66
C SER B 172 -29.80 7.50 -16.66
N ILE B 173 -30.16 7.68 -15.40
CA ILE B 173 -29.20 8.01 -14.34
C ILE B 173 -27.91 7.22 -14.43
N PHE B 174 -26.83 7.99 -14.49
CA PHE B 174 -25.45 7.57 -14.47
C PHE B 174 -24.77 8.60 -13.58
N ILE B 175 -23.81 8.16 -12.80
CA ILE B 175 -23.23 9.06 -11.82
C ILE B 175 -22.03 9.73 -12.50
N ASN B 176 -22.15 11.03 -12.69
CA ASN B 176 -21.07 11.85 -13.21
C ASN B 176 -20.17 12.27 -12.05
N GLN B 177 -19.31 13.26 -12.28
CA GLN B 177 -18.33 13.78 -11.32
C GLN B 177 -17.34 12.72 -10.87
N GLY B 178 -17.18 11.67 -11.67
CA GLY B 178 -16.29 10.58 -11.39
C GLY B 178 -15.09 10.57 -12.32
N GLU B 179 -14.36 9.47 -12.29
CA GLU B 179 -13.17 9.37 -13.13
C GLU B 179 -13.53 9.19 -14.59
N TRP B 180 -14.70 8.63 -14.88
CA TRP B 180 -15.09 8.34 -16.26
C TRP B 180 -16.40 9.02 -16.64
N GLU B 181 -16.50 9.40 -17.91
CA GLU B 181 -17.68 10.06 -18.48
C GLU B 181 -18.27 9.22 -19.60
N LEU B 182 -19.54 8.83 -19.47
CA LEU B 182 -20.22 7.99 -20.46
C LEU B 182 -20.54 8.76 -21.73
N LEU B 183 -20.08 8.26 -22.88
CA LEU B 183 -20.49 8.85 -24.15
C LEU B 183 -21.70 8.12 -24.76
N GLU B 184 -21.54 6.83 -25.07
CA GLU B 184 -22.66 6.05 -25.60
C GLU B 184 -22.44 4.57 -25.31
N VAL B 185 -23.53 3.82 -25.34
CA VAL B 185 -23.54 2.37 -25.23
C VAL B 185 -24.12 1.79 -26.51
N PHE B 186 -23.25 1.30 -27.40
CA PHE B 186 -23.64 0.88 -28.74
C PHE B 186 -23.99 -0.61 -28.78
N PRO B 187 -25.25 -0.98 -29.01
CA PRO B 187 -25.61 -2.40 -29.10
C PRO B 187 -25.40 -2.99 -30.49
N GLN B 188 -25.07 -4.28 -30.51
CA GLN B 188 -24.91 -4.97 -31.78
C GLN B 188 -25.20 -6.45 -31.59
N PHE B 189 -26.09 -7.00 -32.42
CA PHE B 189 -26.42 -8.42 -32.42
C PHE B 189 -25.59 -9.21 -33.42
N LYS B 190 -25.14 -10.41 -33.03
CA LYS B 190 -24.36 -11.25 -33.93
C LYS B 190 -24.59 -12.73 -33.62
N GLU B 191 -24.53 -13.57 -34.66
CA GLU B 191 -24.53 -15.03 -34.49
C GLU B 191 -23.09 -15.51 -34.42
N PHE B 192 -22.63 -15.89 -33.25
CA PHE B 192 -21.34 -16.54 -33.15
C PHE B 192 -21.50 -18.05 -33.22
N SER B 193 -20.50 -18.70 -33.84
CA SER B 193 -20.53 -20.15 -34.08
C SER B 193 -19.09 -20.65 -33.98
N ILE B 194 -18.74 -21.19 -32.82
CA ILE B 194 -17.41 -21.75 -32.66
C ILE B 194 -17.31 -23.11 -33.34
N ASP B 195 -18.44 -23.80 -33.50
CA ASP B 195 -18.46 -25.14 -34.05
C ASP B 195 -19.42 -25.19 -35.23
N ILE B 196 -19.17 -26.14 -36.14
CA ILE B 196 -20.02 -26.26 -37.32
C ILE B 196 -21.37 -26.81 -36.91
N SER B 197 -22.43 -26.16 -37.40
CA SER B 197 -23.83 -26.43 -37.06
C SER B 197 -24.08 -26.32 -35.55
N ASN B 198 -23.32 -25.45 -34.89
CA ASN B 198 -23.53 -25.14 -33.47
C ASN B 198 -23.21 -23.66 -33.30
N SER B 199 -24.25 -22.83 -33.33
CA SER B 199 -24.10 -21.39 -33.13
C SER B 199 -24.90 -21.00 -31.91
N TYR B 200 -24.40 -20.02 -31.16
CA TYR B 200 -24.98 -19.66 -29.88
C TYR B 200 -25.27 -18.17 -29.83
N ALA B 201 -26.25 -17.80 -29.03
CA ALA B 201 -26.92 -16.52 -29.17
C ALA B 201 -26.14 -15.42 -28.49
N GLU B 202 -25.79 -14.39 -29.25
CA GLU B 202 -24.88 -13.35 -28.80
C GLU B 202 -25.42 -11.97 -29.12
N MET B 203 -25.31 -11.05 -28.16
CA MET B 203 -25.62 -9.62 -28.39
C MET B 203 -24.53 -8.73 -27.79
N LYS B 204 -23.68 -8.16 -28.63
CA LYS B 204 -22.54 -7.39 -28.15
C LYS B 204 -23.00 -5.99 -27.78
N PHE B 205 -22.40 -5.44 -26.72
CA PHE B 205 -22.66 -4.08 -26.28
C PHE B 205 -21.35 -3.32 -26.13
N TYR B 206 -21.07 -2.43 -27.07
CA TYR B 206 -19.88 -1.59 -26.97
C TYR B 206 -20.19 -0.31 -26.23
N VAL B 207 -19.78 -0.27 -24.96
CA VAL B 207 -19.84 0.95 -24.18
C VAL B 207 -18.49 1.66 -24.36
N ILE B 208 -18.52 2.89 -24.85
CA ILE B 208 -17.28 3.63 -25.10
C ILE B 208 -17.22 4.79 -24.12
N ILE B 209 -16.13 4.84 -23.36
CA ILE B 209 -15.97 5.68 -22.18
C ILE B 209 -14.74 6.58 -22.29
N ARG B 210 -14.87 7.83 -21.84
CA ARG B 210 -13.80 8.80 -21.87
C ARG B 210 -13.37 9.22 -20.46
N ARG B 211 -12.06 9.32 -20.23
CA ARG B 211 -11.57 9.79 -18.94
C ARG B 211 -11.71 11.32 -18.88
N ARG B 212 -11.78 11.85 -17.66
CA ARG B 212 -11.83 13.30 -17.48
C ARG B 212 -10.45 13.80 -17.10
N PRO B 213 -9.74 14.48 -18.00
CA PRO B 213 -8.33 14.87 -17.84
C PRO B 213 -8.13 16.06 -16.92
N LEU B 214 -8.48 15.91 -15.65
CA LEU B 214 -8.31 16.98 -14.69
C LEU B 214 -7.38 16.61 -13.55
N PHE B 215 -7.57 15.43 -12.94
CA PHE B 215 -6.65 14.97 -11.91
C PHE B 215 -5.24 14.78 -12.44
N TYR B 216 -5.10 14.37 -13.68
CA TYR B 216 -3.78 14.13 -14.22
C TYR B 216 -3.16 15.38 -14.84
N ALA B 217 -3.89 16.49 -14.86
CA ALA B 217 -3.28 17.74 -15.31
C ALA B 217 -2.40 18.28 -14.19
N VAL B 218 -3.03 18.63 -13.07
CA VAL B 218 -2.35 19.17 -11.89
C VAL B 218 -1.25 18.23 -11.38
N SER B 219 -1.56 16.93 -11.29
CA SER B 219 -0.59 15.98 -10.75
C SER B 219 0.62 15.75 -11.64
N LEU B 220 0.58 16.21 -12.89
CA LEU B 220 1.71 16.02 -13.79
C LEU B 220 2.37 17.33 -14.18
N LEU B 221 1.61 18.24 -14.82
CA LEU B 221 2.27 19.40 -15.43
C LEU B 221 2.62 20.47 -14.41
N LEU B 222 1.78 20.65 -13.38
CA LEU B 222 1.99 21.74 -12.41
C LEU B 222 3.33 21.64 -11.67
N PRO B 223 3.73 20.52 -11.05
CA PRO B 223 5.08 20.51 -10.49
C PRO B 223 6.16 20.53 -11.56
N SER B 224 5.84 19.99 -12.74
CA SER B 224 6.80 19.95 -13.83
C SER B 224 7.13 21.36 -14.31
N ILE B 225 6.10 22.18 -14.59
CA ILE B 225 6.39 23.54 -15.04
C ILE B 225 6.95 24.35 -13.89
N PHE B 226 6.62 23.96 -12.66
CA PHE B 226 7.21 24.56 -11.48
C PHE B 226 8.71 24.33 -11.49
N LEU B 227 9.12 23.08 -11.74
CA LEU B 227 10.54 22.76 -11.82
C LEU B 227 11.20 23.52 -12.98
N MET B 228 10.45 23.86 -14.02
CA MET B 228 10.97 24.71 -15.08
C MET B 228 11.18 26.14 -14.61
N VAL B 229 10.18 26.74 -13.98
CA VAL B 229 10.32 28.15 -13.60
C VAL B 229 11.35 28.35 -12.50
N VAL B 230 11.62 27.34 -11.66
CA VAL B 230 12.70 27.52 -10.68
C VAL B 230 14.07 27.47 -11.36
N ASP B 231 14.25 26.64 -12.38
CA ASP B 231 15.55 26.58 -13.04
C ASP B 231 15.88 27.84 -13.83
N ILE B 232 14.89 28.46 -14.51
CA ILE B 232 15.13 29.70 -15.25
C ILE B 232 15.64 30.81 -14.34
N VAL B 233 15.11 30.87 -13.13
CA VAL B 233 15.66 31.76 -12.11
C VAL B 233 17.08 31.35 -11.75
N GLY B 234 17.36 30.04 -11.75
CA GLY B 234 18.68 29.52 -11.43
C GLY B 234 19.78 29.82 -12.44
N PHE B 235 19.41 30.02 -13.71
CA PHE B 235 20.42 30.34 -14.71
C PHE B 235 21.11 31.67 -14.40
N CYS B 236 20.41 32.59 -13.73
CA CYS B 236 20.98 33.89 -13.39
C CYS B 236 22.10 33.79 -12.35
N LEU B 237 22.21 32.67 -11.63
CA LEU B 237 23.30 32.47 -10.67
C LEU B 237 24.64 32.40 -11.40
N PRO B 238 25.63 33.20 -11.00
CA PRO B 238 26.94 33.19 -11.68
C PRO B 238 27.69 31.87 -11.48
N PRO B 239 28.24 31.32 -12.57
CA PRO B 239 29.02 30.07 -12.46
C PRO B 239 30.31 30.14 -11.66
N ASP B 240 30.97 31.29 -11.57
CA ASP B 240 32.26 31.35 -10.88
C ASP B 240 32.10 31.23 -9.38
N SER B 241 30.98 31.73 -8.86
CA SER B 241 30.66 31.71 -7.43
C SER B 241 30.72 30.32 -6.80
N GLY B 242 30.61 29.26 -7.61
CA GLY B 242 30.68 27.89 -7.13
C GLY B 242 29.37 27.22 -6.84
N GLU B 243 28.33 27.98 -6.54
CA GLU B 243 26.99 27.44 -6.30
C GLU B 243 26.30 26.95 -7.56
N ARG B 244 26.88 27.17 -8.73
CA ARG B 244 26.23 26.89 -10.01
C ARG B 244 25.80 25.44 -10.18
N VAL B 245 26.67 24.49 -9.86
CA VAL B 245 26.24 23.08 -9.96
C VAL B 245 25.33 22.73 -8.79
N SER B 246 25.63 23.29 -7.59
CA SER B 246 24.88 23.01 -6.37
C SER B 246 23.41 23.35 -6.50
N PHE B 247 23.07 24.39 -7.26
CA PHE B 247 21.68 24.62 -7.61
C PHE B 247 21.11 23.46 -8.42
N LYS B 248 21.69 23.25 -9.60
CA LYS B 248 21.14 22.35 -10.60
C LYS B 248 21.18 20.89 -10.20
N ILE B 249 22.23 20.49 -9.49
CA ILE B 249 22.38 19.08 -9.13
C ILE B 249 21.30 18.66 -8.15
N THR B 250 21.04 19.49 -7.14
CA THR B 250 19.93 19.22 -6.24
C THR B 250 18.62 19.27 -7.00
N LEU B 251 18.52 20.19 -7.97
CA LEU B 251 17.34 20.27 -8.81
C LEU B 251 17.19 19.04 -9.69
N LEU B 252 18.29 18.57 -10.30
CA LEU B 252 18.24 17.34 -11.08
C LEU B 252 17.93 16.14 -10.19
N LEU B 253 18.49 16.14 -8.97
CA LEU B 253 18.12 15.12 -7.99
C LEU B 253 16.65 15.19 -7.68
N GLY B 254 16.13 16.41 -7.48
CA GLY B 254 14.72 16.60 -7.18
C GLY B 254 13.85 16.14 -8.33
N TYR B 255 14.31 16.36 -9.55
CA TYR B 255 13.59 15.88 -10.72
C TYR B 255 13.70 14.37 -10.86
N SER B 256 14.80 13.79 -10.40
CA SER B 256 14.98 12.34 -10.45
C SER B 256 13.98 11.61 -9.56
N VAL B 257 13.89 11.98 -8.28
CA VAL B 257 12.89 11.32 -7.43
C VAL B 257 11.48 11.72 -7.83
N PHE B 258 11.30 12.90 -8.43
CA PHE B 258 9.97 13.30 -8.90
C PHE B 258 9.47 12.35 -9.98
N LEU B 259 10.32 12.03 -10.96
CA LEU B 259 9.89 11.11 -12.01
C LEU B 259 9.76 9.68 -11.52
N ILE B 260 10.45 9.32 -10.44
CA ILE B 260 10.32 7.98 -9.87
C ILE B 260 9.02 7.83 -9.10
N ILE B 261 8.59 8.88 -8.41
CA ILE B 261 7.30 8.83 -7.70
C ILE B 261 6.14 8.77 -8.69
N VAL B 262 6.20 9.59 -9.75
CA VAL B 262 5.11 9.61 -10.73
C VAL B 262 5.15 8.39 -11.64
N SER B 263 6.21 7.59 -11.57
CA SER B 263 6.31 6.35 -12.32
C SER B 263 5.27 5.33 -11.88
N ASP B 264 4.74 5.45 -10.66
CA ASP B 264 3.71 4.55 -10.17
C ASP B 264 2.31 5.10 -10.41
N THR B 265 2.18 6.03 -11.35
CA THR B 265 0.86 6.50 -11.79
C THR B 265 0.48 5.78 -13.08
N LEU B 266 1.36 5.86 -14.08
CA LEU B 266 1.23 5.12 -15.32
C LEU B 266 1.24 3.62 -15.01
N PRO B 267 0.38 2.85 -15.66
CA PRO B 267 0.28 1.42 -15.35
C PRO B 267 1.40 0.58 -15.92
N ALA B 268 1.42 -0.68 -15.46
CA ALA B 268 2.40 -1.69 -15.82
C ALA B 268 2.00 -2.49 -17.04
N THR B 269 1.21 -1.89 -17.92
CA THR B 269 0.80 -2.52 -19.17
C THR B 269 2.02 -2.89 -20.01
N ALA B 270 2.07 -4.15 -20.44
CA ALA B 270 3.18 -4.69 -21.21
C ALA B 270 3.00 -4.47 -22.71
N ILE B 271 2.15 -3.53 -23.09
CA ILE B 271 1.99 -3.12 -24.49
C ILE B 271 3.04 -2.11 -24.92
N GLY B 272 3.92 -1.70 -24.01
CA GLY B 272 4.90 -0.66 -24.28
C GLY B 272 4.71 0.53 -23.36
N THR B 273 5.19 1.65 -23.81
CA THR B 273 5.13 2.91 -23.08
C THR B 273 3.80 3.63 -23.35
N PRO B 274 3.36 4.45 -22.42
CA PRO B 274 2.41 5.51 -22.77
C PRO B 274 3.11 6.60 -23.56
N LEU B 275 2.29 7.38 -24.28
CA LEU B 275 2.81 8.47 -25.10
C LEU B 275 3.28 9.64 -24.24
N ILE B 276 2.76 9.77 -23.02
CA ILE B 276 3.15 10.87 -22.16
C ILE B 276 4.57 10.78 -21.65
N GLY B 277 5.23 9.63 -21.81
CA GLY B 277 6.64 9.57 -21.49
C GLY B 277 7.43 10.38 -22.49
N VAL B 278 6.95 10.44 -23.73
CA VAL B 278 7.56 11.30 -24.75
C VAL B 278 7.35 12.74 -24.35
N TYR B 279 6.14 13.09 -23.89
CA TYR B 279 5.93 14.45 -23.43
C TYR B 279 6.63 14.75 -22.09
N PHE B 280 7.39 13.81 -21.53
CA PHE B 280 8.08 14.00 -20.26
C PHE B 280 9.58 13.82 -20.37
N VAL B 281 10.04 12.76 -21.05
CA VAL B 281 11.47 12.54 -21.25
C VAL B 281 12.11 13.63 -22.12
N VAL B 282 11.31 14.35 -22.92
CA VAL B 282 11.81 15.56 -23.59
C VAL B 282 12.22 16.60 -22.55
N CYS B 283 11.33 16.81 -21.56
CA CYS B 283 11.62 17.71 -20.45
C CYS B 283 12.81 17.20 -19.62
N MET B 284 12.87 15.88 -19.44
CA MET B 284 14.01 15.23 -18.77
C MET B 284 15.31 15.53 -19.49
N ALA B 285 15.33 15.32 -20.81
CA ALA B 285 16.51 15.60 -21.63
C ALA B 285 16.83 17.08 -21.68
N LEU B 286 15.82 17.94 -21.49
CA LEU B 286 16.01 19.38 -21.51
C LEU B 286 16.89 19.84 -20.36
N LEU B 287 16.73 19.22 -19.19
CA LEU B 287 17.58 19.54 -18.05
C LEU B 287 19.00 19.05 -18.23
N VAL B 288 19.18 17.94 -18.95
CA VAL B 288 20.51 17.40 -19.21
C VAL B 288 21.36 18.38 -19.99
N ILE B 289 20.81 18.91 -21.08
CA ILE B 289 21.57 19.85 -21.90
C ILE B 289 21.76 21.16 -21.14
N SER B 290 20.85 21.48 -20.21
CA SER B 290 21.07 22.57 -19.28
C SER B 290 22.25 22.25 -18.36
N LEU B 291 22.26 21.03 -17.82
CA LEU B 291 23.37 20.56 -16.98
C LEU B 291 24.66 20.52 -17.77
N ALA B 292 24.58 20.05 -19.03
CA ALA B 292 25.74 20.00 -19.91
C ALA B 292 26.29 21.40 -20.15
N GLU B 293 25.40 22.38 -20.27
CA GLU B 293 25.78 23.77 -20.38
C GLU B 293 26.46 24.25 -19.09
N THR B 294 25.88 23.89 -17.95
CA THR B 294 26.33 24.33 -16.64
C THR B 294 27.78 23.95 -16.34
N ILE B 295 28.13 22.68 -16.51
CA ILE B 295 29.50 22.25 -16.20
C ILE B 295 30.48 22.76 -17.23
N PHE B 296 30.01 22.99 -18.46
CA PHE B 296 30.83 23.48 -19.55
C PHE B 296 31.34 24.88 -19.21
N ILE B 297 30.42 25.76 -18.82
CA ILE B 297 30.84 27.11 -18.49
C ILE B 297 31.69 27.11 -17.21
N VAL B 298 31.48 26.17 -16.29
CA VAL B 298 32.35 26.09 -15.12
C VAL B 298 33.68 25.46 -15.49
N ARG B 299 33.72 24.67 -16.57
CA ARG B 299 34.99 24.15 -17.07
C ARG B 299 35.79 25.24 -17.77
N LEU B 300 35.11 26.18 -18.43
CA LEU B 300 35.80 27.28 -19.09
C LEU B 300 36.52 28.20 -18.11
N VAL B 301 35.74 28.83 -17.22
CA VAL B 301 36.27 29.79 -16.25
C VAL B 301 36.60 29.14 -14.91
N HIS B 302 37.88 29.24 -14.53
CA HIS B 302 38.49 28.75 -13.31
C HIS B 302 39.89 29.33 -13.23
N LYS B 303 40.47 29.31 -12.04
CA LYS B 303 41.82 29.80 -11.84
C LYS B 303 42.72 28.57 -11.68
N GLN B 304 43.26 28.09 -12.80
CA GLN B 304 44.11 26.91 -12.76
C GLN B 304 45.54 27.18 -13.24
N ASP B 305 45.91 28.45 -13.44
CA ASP B 305 47.25 28.86 -13.89
C ASP B 305 47.63 28.25 -15.25
N LEU B 306 46.70 28.32 -16.21
CA LEU B 306 46.83 27.72 -17.54
C LEU B 306 46.57 28.73 -18.66
N GLN B 307 46.44 28.18 -19.87
CA GLN B 307 46.40 28.85 -21.17
C GLN B 307 45.56 30.12 -21.29
N ARG B 308 46.07 31.02 -22.14
CA ARG B 308 45.52 32.30 -22.52
C ARG B 308 44.50 32.12 -23.63
N PRO B 309 43.50 33.00 -23.74
CA PRO B 309 42.49 32.88 -24.79
C PRO B 309 43.05 33.11 -26.19
N VAL B 310 42.82 32.12 -27.06
CA VAL B 310 43.27 32.15 -28.45
C VAL B 310 42.49 33.22 -29.21
N PRO B 311 43.18 34.08 -29.99
CA PRO B 311 42.50 35.18 -30.70
C PRO B 311 41.41 34.75 -31.67
N ASP B 312 41.58 33.60 -32.34
CA ASP B 312 40.60 33.11 -33.30
C ASP B 312 39.23 32.95 -32.66
N TRP B 313 39.18 32.44 -31.44
CA TRP B 313 37.94 32.31 -30.73
C TRP B 313 37.68 33.50 -29.82
N LEU B 314 38.59 34.48 -29.81
CA LEU B 314 38.33 35.72 -29.11
C LEU B 314 37.52 36.67 -29.98
N ARG B 315 37.84 36.74 -31.27
CA ARG B 315 37.06 37.58 -32.17
C ARG B 315 35.69 36.97 -32.42
N HIS B 316 35.61 35.65 -32.44
CA HIS B 316 34.32 34.99 -32.68
C HIS B 316 33.40 35.12 -31.47
N LEU B 317 33.95 35.28 -30.27
CA LEU B 317 33.15 35.30 -29.05
C LEU B 317 33.15 36.67 -28.38
N VAL B 318 34.32 37.20 -28.00
CA VAL B 318 34.37 38.45 -27.26
C VAL B 318 34.08 39.67 -28.14
N LEU B 319 34.08 39.50 -29.46
CA LEU B 319 33.85 40.60 -30.38
C LEU B 319 32.57 40.40 -31.19
N ASP B 320 32.48 39.30 -31.94
CA ASP B 320 31.31 39.07 -32.79
C ASP B 320 30.08 38.69 -31.97
N ARG B 321 30.21 37.67 -31.12
CA ARG B 321 29.08 37.21 -30.31
C ARG B 321 28.67 38.22 -29.25
N ILE B 322 29.55 39.14 -28.88
CA ILE B 322 29.20 40.18 -27.92
C ILE B 322 28.24 41.18 -28.56
N ALA B 323 28.47 41.55 -29.81
CA ALA B 323 27.57 42.46 -30.51
C ALA B 323 26.24 41.78 -30.85
N TRP B 324 26.28 40.48 -31.16
CA TRP B 324 25.05 39.76 -31.46
C TRP B 324 24.16 39.59 -30.23
N ILE B 325 24.76 39.41 -29.05
CA ILE B 325 23.96 39.24 -27.85
C ILE B 325 23.51 40.59 -27.27
N LEU B 326 24.33 41.64 -27.41
CA LEU B 326 23.96 42.94 -26.88
C LEU B 326 22.79 43.55 -27.63
N CYS B 327 22.65 43.25 -28.92
CA CYS B 327 21.55 43.79 -29.72
C CYS B 327 20.36 42.85 -29.72
N VAL B 392 77.98 51.95 -5.94
CA VAL B 392 77.02 51.07 -6.57
C VAL B 392 76.42 50.13 -5.53
N ARG B 393 75.11 49.95 -5.57
CA ARG B 393 74.42 49.10 -4.63
C ARG B 393 73.68 47.98 -5.35
N GLY B 394 73.65 46.81 -4.71
CA GLY B 394 73.01 45.67 -5.32
C GLY B 394 71.57 45.46 -4.91
N LEU B 395 70.86 46.55 -4.59
CA LEU B 395 69.46 46.45 -4.23
C LEU B 395 68.57 46.23 -5.45
N LEU B 396 69.06 46.59 -6.63
CA LEU B 396 68.25 46.53 -7.83
C LEU B 396 67.96 45.09 -8.26
N GLN B 397 68.88 44.16 -7.99
CA GLN B 397 68.65 42.78 -8.44
C GLN B 397 67.57 42.09 -7.63
N GLU B 398 67.28 42.57 -6.44
CA GLU B 398 66.20 41.99 -5.64
C GLU B 398 64.87 42.64 -5.95
N LEU B 399 64.86 43.98 -6.08
CA LEU B 399 63.64 44.71 -6.41
C LEU B 399 63.12 44.29 -7.77
N SER B 400 64.04 43.98 -8.69
CA SER B 400 63.66 43.45 -9.98
C SER B 400 62.96 42.10 -9.84
N SER B 401 63.40 41.28 -8.88
CA SER B 401 62.78 39.97 -8.71
C SER B 401 61.36 40.05 -8.15
N ILE B 402 61.11 40.95 -7.19
CA ILE B 402 59.79 41.00 -6.55
C ILE B 402 58.67 41.38 -7.52
N ARG B 403 58.85 42.44 -8.32
CA ARG B 403 57.81 42.78 -9.31
C ARG B 403 57.67 41.71 -10.36
N HIS B 404 58.78 41.06 -10.73
CA HIS B 404 58.75 39.95 -11.68
C HIS B 404 57.85 38.86 -11.15
N PHE B 405 58.01 38.49 -9.88
CA PHE B 405 57.10 37.56 -9.24
C PHE B 405 55.70 38.15 -9.12
N LEU B 406 55.62 39.45 -8.82
CA LEU B 406 54.35 40.14 -8.66
C LEU B 406 53.53 40.18 -9.94
N GLU B 407 54.17 40.54 -11.06
CA GLU B 407 53.40 40.63 -12.29
C GLU B 407 52.93 39.28 -12.79
N LYS B 408 53.61 38.20 -12.38
CA LYS B 408 53.16 36.84 -12.71
C LYS B 408 51.79 36.56 -12.12
N ARG B 409 51.57 37.02 -10.88
CA ARG B 409 50.24 36.90 -10.31
C ARG B 409 49.29 37.86 -11.02
N ASP B 410 49.76 39.08 -11.31
CA ASP B 410 48.92 40.02 -12.03
C ASP B 410 48.60 39.49 -13.43
N GLU B 411 49.56 38.86 -14.09
CA GLU B 411 49.31 38.28 -15.40
C GLU B 411 48.34 37.11 -15.32
N MET B 412 48.54 36.20 -14.35
CA MET B 412 47.53 35.15 -14.21
C MET B 412 46.18 35.77 -13.83
N ARG B 413 46.19 36.90 -13.10
CA ARG B 413 44.96 37.63 -12.88
C ARG B 413 44.43 38.18 -14.21
N GLU B 414 45.33 38.61 -15.11
CA GLU B 414 44.93 39.06 -16.44
C GLU B 414 44.30 37.88 -17.18
N VAL B 415 44.86 36.69 -16.99
CA VAL B 415 44.25 35.47 -17.50
C VAL B 415 42.90 35.25 -16.84
N ALA B 416 42.83 35.46 -15.52
CA ALA B 416 41.56 35.33 -14.80
C ALA B 416 40.50 36.32 -15.29
N ARG B 417 40.90 37.54 -15.67
CA ARG B 417 39.92 38.51 -16.15
C ARG B 417 39.32 38.15 -17.52
N ASP B 418 40.16 37.80 -18.50
CA ASP B 418 39.63 37.57 -19.85
C ASP B 418 38.81 36.29 -19.98
N TRP B 419 39.25 35.19 -19.38
CA TRP B 419 38.49 33.96 -19.46
C TRP B 419 37.13 34.10 -18.76
N LEU B 420 37.10 34.87 -17.67
CA LEU B 420 35.85 35.20 -17.01
C LEU B 420 34.96 36.07 -17.91
N ARG B 421 35.57 37.01 -18.63
CA ARG B 421 34.85 37.92 -19.52
C ARG B 421 34.08 37.20 -20.62
N VAL B 422 34.77 36.32 -21.36
CA VAL B 422 34.11 35.55 -22.41
C VAL B 422 32.98 34.68 -21.84
N GLY B 423 33.25 33.99 -20.73
CA GLY B 423 32.27 33.09 -20.12
C GLY B 423 30.92 33.71 -19.80
N TYR B 424 30.91 34.93 -19.26
CA TYR B 424 29.62 35.58 -18.94
C TYR B 424 28.85 35.95 -20.19
N VAL B 425 29.53 36.48 -21.21
CA VAL B 425 28.88 36.70 -22.49
C VAL B 425 28.37 35.36 -23.02
N LEU B 426 29.24 34.33 -22.97
CA LEU B 426 28.85 32.97 -23.31
C LEU B 426 27.70 32.47 -22.45
N ASP B 427 27.74 32.75 -21.14
CA ASP B 427 26.64 32.35 -20.27
C ASP B 427 25.33 33.03 -20.67
N ARG B 428 25.40 34.34 -20.95
CA ARG B 428 24.19 35.07 -21.34
C ARG B 428 23.65 34.63 -22.69
N LEU B 429 24.52 34.45 -23.69
CA LEU B 429 24.06 34.02 -25.01
C LEU B 429 23.42 32.63 -24.96
N LEU B 430 24.08 31.68 -24.30
CA LEU B 430 23.50 30.35 -24.12
C LEU B 430 22.24 30.39 -23.24
N PHE B 431 22.14 31.37 -22.36
CA PHE B 431 20.91 31.58 -21.59
C PHE B 431 19.75 32.02 -22.46
N ARG B 432 20.00 32.95 -23.40
CA ARG B 432 18.96 33.45 -24.30
C ARG B 432 18.29 32.34 -25.10
N ILE B 433 19.10 31.45 -25.70
CA ILE B 433 18.55 30.36 -26.52
C ILE B 433 17.64 29.43 -25.70
N TYR B 434 18.06 29.04 -24.47
CA TYR B 434 17.25 28.10 -23.69
C TYR B 434 15.88 28.67 -23.29
N LEU B 435 15.80 29.94 -22.86
CA LEU B 435 14.51 30.51 -22.50
C LEU B 435 13.59 30.57 -23.72
N LEU B 436 14.13 30.96 -24.87
CA LEU B 436 13.34 30.98 -26.10
C LEU B 436 12.90 29.56 -26.47
N ALA B 437 13.76 28.56 -26.22
CA ALA B 437 13.42 27.18 -26.52
C ALA B 437 12.26 26.67 -25.67
N VAL B 438 12.29 26.91 -24.35
CA VAL B 438 11.20 26.45 -23.48
C VAL B 438 9.89 27.17 -23.80
N LEU B 439 9.94 28.49 -24.02
CA LEU B 439 8.74 29.24 -24.36
C LEU B 439 8.15 28.76 -25.68
N ALA B 440 9.02 28.46 -26.66
CA ALA B 440 8.54 27.87 -27.90
C ALA B 440 7.98 26.47 -27.64
N TYR B 441 8.68 25.70 -26.80
CA TYR B 441 8.19 24.40 -26.39
C TYR B 441 6.87 24.52 -25.63
N SER B 442 6.74 25.57 -24.81
CA SER B 442 5.52 25.81 -24.05
C SER B 442 4.37 26.18 -24.96
N ILE B 443 4.64 26.98 -26.00
CA ILE B 443 3.57 27.40 -26.90
C ILE B 443 3.08 26.20 -27.72
N THR B 444 3.95 25.21 -27.94
CA THR B 444 3.54 23.96 -28.56
C THR B 444 2.64 23.16 -27.62
N LEU B 445 2.96 23.19 -26.32
CA LEU B 445 2.16 22.49 -25.31
C LEU B 445 0.74 23.02 -25.23
N VAL B 446 0.58 24.35 -25.18
CA VAL B 446 -0.76 24.90 -25.02
C VAL B 446 -1.58 24.83 -26.30
N THR B 447 -0.94 24.90 -27.47
CA THR B 447 -1.69 24.72 -28.71
C THR B 447 -2.16 23.28 -28.88
N LEU B 448 -1.42 22.31 -28.32
CA LEU B 448 -1.89 20.92 -28.30
C LEU B 448 -3.00 20.73 -27.29
N TRP B 449 -2.93 21.42 -26.15
CA TRP B 449 -3.98 21.35 -25.15
C TRP B 449 -5.29 21.96 -25.66
N SER B 450 -5.21 22.95 -26.55
CA SER B 450 -6.42 23.57 -27.07
C SER B 450 -7.09 22.71 -28.14
N ILE B 451 -6.29 22.03 -28.97
CA ILE B 451 -6.84 21.23 -30.05
C ILE B 451 -7.44 19.95 -29.51
N THR C 1 -39.45 -51.14 20.61
CA THR C 1 -38.46 -51.85 19.81
C THR C 1 -37.05 -51.54 20.27
N GLN C 2 -36.06 -52.18 19.65
CA GLN C 2 -34.69 -51.95 20.08
C GLN C 2 -33.63 -51.62 19.02
N PRO C 3 -33.84 -50.72 18.04
CA PRO C 3 -32.76 -50.47 17.09
C PRO C 3 -31.61 -49.63 17.64
N ALA C 4 -31.93 -48.58 18.41
CA ALA C 4 -30.96 -47.62 18.94
C ALA C 4 -31.59 -46.61 19.88
N LEU C 5 -30.79 -45.64 20.34
CA LEU C 5 -31.29 -44.35 20.84
C LEU C 5 -32.01 -43.54 19.75
N LEU C 6 -31.87 -43.95 18.48
CA LEU C 6 -32.49 -43.33 17.32
C LEU C 6 -34.01 -43.23 17.47
N ARG C 7 -34.62 -44.18 18.17
CA ARG C 7 -36.06 -44.13 18.47
C ARG C 7 -36.43 -42.82 19.14
N LEU C 8 -35.70 -42.48 20.21
CA LEU C 8 -35.92 -41.24 20.94
C LEU C 8 -35.79 -40.04 20.01
N SER C 9 -34.71 -40.01 19.22
CA SER C 9 -34.42 -38.94 18.27
C SER C 9 -35.57 -38.69 17.30
N ASP C 10 -36.23 -39.75 16.84
CA ASP C 10 -37.41 -39.55 16.01
C ASP C 10 -38.57 -38.99 16.82
N HIS C 11 -38.93 -39.73 17.88
CA HIS C 11 -40.12 -39.47 18.70
C HIS C 11 -40.19 -38.04 19.21
N LEU C 12 -39.04 -37.48 19.59
CA LEU C 12 -39.03 -36.08 20.02
C LEU C 12 -39.17 -35.15 18.82
N LEU C 13 -38.41 -35.41 17.76
CA LEU C 13 -38.33 -34.50 16.63
C LEU C 13 -39.27 -34.86 15.49
N ALA C 14 -40.22 -35.76 15.75
CA ALA C 14 -41.21 -36.13 14.73
C ALA C 14 -42.02 -34.92 14.30
N ASN C 15 -42.73 -34.30 15.24
CA ASN C 15 -43.57 -33.13 14.95
C ASN C 15 -43.00 -31.83 15.52
N TYR C 16 -41.75 -31.84 15.98
CA TYR C 16 -41.13 -30.67 16.57
C TYR C 16 -40.93 -29.58 15.53
N LYS C 17 -41.65 -28.48 15.68
CA LYS C 17 -41.51 -27.32 14.80
C LYS C 17 -40.51 -26.33 15.38
N LYS C 18 -39.44 -26.06 14.62
CA LYS C 18 -38.37 -25.19 15.09
C LYS C 18 -38.72 -23.71 14.99
N GLY C 19 -39.91 -23.38 14.49
CA GLY C 19 -40.30 -22.00 14.32
C GLY C 19 -40.97 -21.33 15.50
N VAL C 20 -41.71 -22.07 16.30
CA VAL C 20 -42.45 -21.52 17.43
C VAL C 20 -41.54 -21.50 18.65
N ARG C 21 -41.66 -20.46 19.47
CA ARG C 21 -40.85 -20.37 20.68
C ARG C 21 -41.18 -21.51 21.63
N PRO C 22 -40.18 -22.29 22.07
CA PRO C 22 -40.42 -23.51 22.85
C PRO C 22 -40.90 -23.33 24.29
N VAL C 23 -42.16 -23.03 24.54
CA VAL C 23 -42.70 -22.97 25.89
C VAL C 23 -44.12 -23.52 25.94
N ARG C 24 -44.41 -24.32 26.96
CA ARG C 24 -45.75 -24.81 27.15
C ARG C 24 -46.67 -23.69 27.63
N ASP C 25 -46.17 -22.83 28.53
CA ASP C 25 -46.84 -21.60 28.91
C ASP C 25 -46.16 -20.44 28.19
N TRP C 26 -46.91 -19.74 27.33
CA TRP C 26 -46.33 -18.69 26.50
C TRP C 26 -45.87 -17.48 27.29
N ARG C 27 -46.40 -17.25 28.49
CA ARG C 27 -45.95 -16.09 29.26
C ARG C 27 -44.60 -16.29 29.93
N LYS C 28 -44.17 -17.53 30.15
CA LYS C 28 -42.89 -17.76 30.81
C LYS C 28 -41.75 -17.47 29.83
N PRO C 29 -40.83 -16.57 30.16
CA PRO C 29 -39.74 -16.25 29.25
C PRO C 29 -38.69 -17.34 29.21
N THR C 30 -38.06 -17.47 28.05
CA THR C 30 -36.96 -18.40 27.85
C THR C 30 -35.68 -17.68 28.21
N THR C 31 -34.99 -18.18 29.23
CA THR C 31 -33.80 -17.52 29.74
C THR C 31 -32.58 -18.12 29.05
N VAL C 32 -31.79 -17.26 28.41
CA VAL C 32 -30.59 -17.68 27.70
C VAL C 32 -29.37 -17.29 28.51
N SER C 33 -28.68 -18.30 29.02
CA SER C 33 -27.43 -18.12 29.73
C SER C 33 -26.28 -17.97 28.75
N ILE C 34 -25.54 -16.88 28.86
CA ILE C 34 -24.47 -16.58 27.93
C ILE C 34 -23.14 -16.72 28.66
N ASP C 35 -22.09 -17.03 27.89
CA ASP C 35 -20.74 -17.21 28.42
C ASP C 35 -19.75 -16.78 27.36
N VAL C 36 -18.70 -16.05 27.77
CA VAL C 36 -17.72 -15.50 26.84
C VAL C 36 -16.31 -15.91 27.24
N ILE C 37 -15.56 -16.43 26.28
CA ILE C 37 -14.12 -16.53 26.43
C ILE C 37 -13.54 -15.75 25.27
N MET C 38 -12.82 -14.67 25.57
CA MET C 38 -12.25 -13.86 24.49
C MET C 38 -10.97 -14.55 24.04
N TYR C 39 -10.92 -14.98 22.78
CA TYR C 39 -9.77 -15.75 22.33
C TYR C 39 -8.60 -14.92 21.82
N ALA C 40 -8.85 -13.91 20.98
CA ALA C 40 -7.72 -13.16 20.42
C ALA C 40 -8.13 -11.78 19.93
N ILE C 41 -7.22 -10.83 20.09
CA ILE C 41 -7.32 -9.48 19.54
C ILE C 41 -6.66 -9.51 18.16
N LEU C 42 -7.45 -9.45 17.10
CA LEU C 42 -6.85 -9.55 15.77
C LEU C 42 -6.16 -8.27 15.33
N ASN C 43 -6.90 -7.17 15.27
CA ASN C 43 -6.36 -5.94 14.75
C ASN C 43 -7.23 -4.79 15.25
N VAL C 44 -6.61 -3.69 15.61
CA VAL C 44 -7.35 -2.47 15.87
C VAL C 44 -7.15 -1.53 14.69
N ASP C 45 -8.25 -0.97 14.20
CA ASP C 45 -8.19 0.02 13.14
C ASP C 45 -8.61 1.33 13.79
N GLU C 46 -7.63 2.15 14.15
CA GLU C 46 -7.91 3.42 14.80
C GLU C 46 -8.56 4.38 13.83
N LYS C 47 -8.28 4.21 12.53
CA LYS C 47 -8.78 5.11 11.49
C LYS C 47 -10.29 5.08 11.43
N ASN C 48 -10.86 3.89 11.23
CA ASN C 48 -12.30 3.74 11.17
C ASN C 48 -12.93 3.47 12.53
N GLN C 49 -12.12 3.32 13.58
CA GLN C 49 -12.55 3.00 14.95
C GLN C 49 -13.39 1.71 14.96
N VAL C 50 -12.74 0.62 14.58
CA VAL C 50 -13.40 -0.68 14.58
C VAL C 50 -12.40 -1.74 15.02
N LEU C 51 -12.79 -2.51 16.04
CA LEU C 51 -11.99 -3.56 16.64
C LEU C 51 -12.48 -4.94 16.18
N THR C 52 -11.56 -5.80 15.74
CA THR C 52 -11.91 -7.15 15.32
C THR C 52 -11.32 -8.19 16.26
N THR C 53 -12.19 -9.01 16.85
CA THR C 53 -11.80 -10.03 17.82
C THR C 53 -12.39 -11.38 17.45
N TYR C 54 -11.89 -12.41 18.11
CA TYR C 54 -12.41 -13.76 17.96
C TYR C 54 -12.82 -14.27 19.33
N ILE C 55 -14.05 -14.75 19.45
CA ILE C 55 -14.64 -15.11 20.74
C ILE C 55 -14.99 -16.59 20.70
N TRP C 56 -14.74 -17.30 21.80
CA TRP C 56 -15.28 -18.64 21.98
C TRP C 56 -16.57 -18.45 22.76
N TYR C 57 -17.70 -18.71 22.13
CA TYR C 57 -19.00 -18.28 22.63
C TYR C 57 -19.90 -19.45 22.98
N ARG C 58 -20.80 -19.25 23.93
CA ARG C 58 -21.70 -20.31 24.35
C ARG C 58 -23.12 -19.82 24.60
N GLN C 59 -24.07 -20.74 24.42
CA GLN C 59 -25.47 -20.47 24.63
C GLN C 59 -26.11 -21.59 25.43
N TYR C 60 -27.00 -21.23 26.34
CA TYR C 60 -27.71 -22.18 27.17
C TYR C 60 -29.14 -21.73 27.32
N TRP C 61 -30.10 -22.58 26.95
CA TRP C 61 -31.49 -22.24 27.19
C TRP C 61 -32.29 -23.52 27.48
N THR C 62 -33.57 -23.34 27.73
CA THR C 62 -34.47 -24.44 28.08
C THR C 62 -35.57 -24.63 27.05
N ASP C 63 -35.60 -25.81 26.43
CA ASP C 63 -36.65 -26.23 25.51
C ASP C 63 -37.58 -27.21 26.22
N GLU C 64 -38.76 -26.74 26.65
CA GLU C 64 -39.65 -27.60 27.42
C GLU C 64 -40.30 -28.69 26.58
N PHE C 65 -40.23 -28.61 25.26
CA PHE C 65 -40.93 -29.62 24.47
C PHE C 65 -40.12 -30.89 24.26
N LEU C 66 -38.80 -30.81 24.20
CA LEU C 66 -38.02 -32.00 23.93
C LEU C 66 -37.53 -32.70 25.20
N GLN C 67 -38.26 -32.59 26.30
CA GLN C 67 -37.85 -33.24 27.54
C GLN C 67 -38.32 -34.68 27.52
N TRP C 68 -37.55 -35.54 28.17
CA TRP C 68 -37.92 -36.95 28.25
C TRP C 68 -37.37 -37.55 29.53
N THR C 69 -37.74 -38.77 29.76
CA THR C 69 -37.28 -39.50 30.92
C THR C 69 -36.15 -40.44 30.54
N PRO C 70 -35.08 -40.43 31.33
CA PRO C 70 -33.94 -41.34 31.09
C PRO C 70 -34.35 -42.81 31.00
N GLU C 71 -35.32 -43.23 31.80
CA GLU C 71 -35.79 -44.61 31.76
C GLU C 71 -36.48 -44.89 30.43
N ASP C 72 -36.65 -46.20 30.16
CA ASP C 72 -37.18 -46.88 28.97
C ASP C 72 -36.59 -46.36 27.65
N PHE C 73 -35.46 -45.67 27.70
CA PHE C 73 -34.77 -45.17 26.52
C PHE C 73 -33.31 -45.57 26.57
N ASP C 74 -33.03 -46.62 27.32
CA ASP C 74 -31.70 -47.20 27.53
C ASP C 74 -30.77 -46.22 28.24
N ASN C 75 -31.32 -45.55 29.26
CA ASN C 75 -30.59 -44.67 30.19
C ASN C 75 -29.72 -43.61 29.52
N VAL C 76 -30.17 -43.09 28.40
CA VAL C 76 -29.40 -42.05 27.73
C VAL C 76 -29.64 -40.71 28.43
N THR C 77 -28.55 -39.98 28.66
CA THR C 77 -28.62 -38.70 29.34
C THR C 77 -28.69 -37.54 28.35
N LYS C 78 -27.70 -37.41 27.48
CA LYS C 78 -27.69 -36.34 26.51
C LYS C 78 -27.60 -36.86 25.09
N LEU C 79 -28.02 -36.01 24.15
CA LEU C 79 -28.06 -36.40 22.75
C LEU C 79 -27.69 -35.21 21.87
N SER C 80 -26.89 -35.47 20.86
CA SER C 80 -26.46 -34.46 19.89
C SER C 80 -27.40 -34.40 18.70
N ILE C 81 -27.98 -33.23 18.44
CA ILE C 81 -28.90 -33.03 17.32
C ILE C 81 -28.55 -31.81 16.48
N PRO C 82 -28.81 -31.84 15.16
CA PRO C 82 -28.50 -30.71 14.27
C PRO C 82 -29.10 -29.37 14.68
N THR C 83 -28.26 -28.31 14.63
CA THR C 83 -28.67 -26.95 14.99
C THR C 83 -29.87 -26.47 14.17
N ASP C 84 -29.86 -26.74 12.88
CA ASP C 84 -30.92 -26.21 12.03
C ASP C 84 -32.18 -27.05 12.08
N SER C 85 -32.28 -27.99 13.01
CA SER C 85 -33.49 -28.74 13.23
C SER C 85 -34.24 -28.30 14.48
N ILE C 86 -33.72 -27.32 15.23
CA ILE C 86 -34.37 -26.85 16.46
C ILE C 86 -34.34 -25.33 16.52
N TRP C 87 -35.21 -24.79 17.37
CA TRP C 87 -35.33 -23.35 17.58
C TRP C 87 -34.05 -22.76 18.15
N VAL C 88 -33.59 -21.65 17.57
CA VAL C 88 -32.34 -21.08 18.05
C VAL C 88 -32.56 -19.58 18.28
N PRO C 89 -32.18 -19.06 19.45
CA PRO C 89 -32.30 -17.63 19.70
C PRO C 89 -31.33 -16.85 18.83
N ASP C 90 -31.68 -15.59 18.57
CA ASP C 90 -31.00 -14.74 17.61
C ASP C 90 -29.96 -13.81 18.23
N ILE C 91 -29.30 -14.20 19.34
CA ILE C 91 -28.36 -13.31 20.03
C ILE C 91 -27.24 -12.86 19.10
N LEU C 92 -27.14 -11.55 18.92
CA LEU C 92 -26.10 -10.89 18.17
C LEU C 92 -25.65 -9.67 18.96
N ILE C 93 -24.78 -8.88 18.33
CA ILE C 93 -24.18 -7.69 18.91
C ILE C 93 -24.71 -6.43 18.25
N ASN C 94 -25.08 -5.44 19.08
CA ASN C 94 -25.56 -4.17 18.54
C ASN C 94 -24.43 -3.41 17.85
N GLU C 95 -23.19 -3.59 18.29
CA GLU C 95 -22.05 -2.92 17.69
C GLU C 95 -21.64 -3.50 16.34
N PHE C 96 -22.33 -4.54 15.85
CA PHE C 96 -22.03 -5.14 14.56
C PHE C 96 -22.04 -4.15 13.43
N VAL C 97 -20.89 -4.02 12.77
CA VAL C 97 -20.79 -3.24 11.55
C VAL C 97 -20.41 -4.11 10.37
N ASP C 98 -20.16 -5.40 10.60
CA ASP C 98 -19.76 -6.30 9.53
C ASP C 98 -20.03 -7.72 9.99
N VAL C 99 -19.67 -8.69 9.16
CA VAL C 99 -19.84 -10.12 9.45
C VAL C 99 -18.53 -10.85 9.20
N GLY C 100 -17.93 -11.40 10.24
CA GLY C 100 -16.76 -12.23 10.05
C GLY C 100 -17.18 -13.65 9.74
N LYS C 101 -16.48 -14.28 8.81
CA LYS C 101 -16.78 -15.68 8.47
C LYS C 101 -16.16 -16.57 9.54
N SER C 102 -17.02 -17.30 10.25
CA SER C 102 -16.70 -18.16 11.36
C SER C 102 -17.28 -19.52 11.03
N PRO C 103 -16.61 -20.62 11.42
CA PRO C 103 -17.13 -21.96 11.12
C PRO C 103 -18.53 -22.17 11.66
N ASN C 104 -19.37 -22.79 10.85
CA ASN C 104 -20.76 -23.03 11.23
C ASN C 104 -20.76 -24.37 11.95
N ILE C 105 -21.25 -24.37 13.19
CA ILE C 105 -21.32 -25.59 13.99
C ILE C 105 -22.65 -26.26 13.71
N PRO C 106 -22.66 -27.49 13.22
CA PRO C 106 -23.91 -28.13 12.83
C PRO C 106 -24.73 -28.70 13.99
N TYR C 107 -24.11 -29.05 15.13
CA TYR C 107 -24.80 -29.75 16.20
C TYR C 107 -24.87 -28.96 17.50
N VAL C 108 -25.86 -29.32 18.33
CA VAL C 108 -26.02 -28.84 19.70
C VAL C 108 -26.32 -30.01 20.64
N TYR C 109 -26.10 -29.74 21.92
CA TYR C 109 -26.28 -30.70 23.02
C TYR C 109 -27.64 -30.57 23.71
N VAL C 110 -28.40 -31.65 23.70
CA VAL C 110 -29.68 -31.74 24.38
C VAL C 110 -29.63 -32.83 25.44
N HIS C 111 -29.94 -32.49 26.69
CA HIS C 111 -30.15 -33.48 27.74
C HIS C 111 -31.63 -33.73 27.95
N HIS C 112 -31.91 -34.73 28.78
CA HIS C 112 -33.25 -35.25 28.97
C HIS C 112 -34.17 -34.27 29.70
N ARG C 113 -33.63 -33.25 30.36
CA ARG C 113 -34.44 -32.25 31.01
C ARG C 113 -34.75 -31.06 30.10
N GLY C 114 -34.40 -31.15 28.82
CA GLY C 114 -34.77 -30.17 27.82
C GLY C 114 -33.86 -28.97 27.68
N GLU C 115 -32.72 -28.95 28.34
CA GLU C 115 -31.77 -27.86 28.22
C GLU C 115 -30.93 -28.02 26.95
N VAL C 116 -30.91 -26.97 26.13
CA VAL C 116 -30.12 -26.96 24.91
C VAL C 116 -28.84 -26.18 25.15
N GLN C 117 -27.71 -26.80 24.87
CA GLN C 117 -26.37 -26.24 25.06
C GLN C 117 -25.76 -26.00 23.68
N ASN C 118 -25.52 -24.73 23.35
CA ASN C 118 -25.01 -24.35 22.03
C ASN C 118 -23.64 -23.70 22.13
N TYR C 119 -22.63 -24.38 21.58
CA TYR C 119 -21.29 -23.84 21.45
C TYR C 119 -21.06 -23.43 20.01
N LYS C 120 -20.39 -22.28 19.80
CA LYS C 120 -19.95 -21.83 18.48
C LYS C 120 -18.94 -20.70 18.62
N PRO C 121 -17.84 -20.76 17.88
CA PRO C 121 -16.94 -19.60 17.85
C PRO C 121 -17.36 -18.59 16.78
N LEU C 122 -17.25 -17.31 17.10
CA LEU C 122 -17.70 -16.26 16.20
C LEU C 122 -16.62 -15.20 16.04
N GLN C 123 -16.45 -14.71 14.81
CA GLN C 123 -15.57 -13.56 14.53
C GLN C 123 -16.38 -12.28 14.39
N LEU C 124 -16.21 -11.37 15.34
CA LEU C 124 -16.96 -10.11 15.39
C LEU C 124 -16.05 -8.96 14.97
N VAL C 125 -16.34 -8.34 13.83
CA VAL C 125 -15.69 -7.10 13.41
C VAL C 125 -16.66 -5.99 13.77
N THR C 126 -16.44 -5.39 14.96
CA THR C 126 -17.32 -4.42 15.59
C THR C 126 -16.65 -3.07 15.85
N ALA C 127 -17.46 -2.04 15.67
CA ALA C 127 -17.04 -0.66 15.89
C ALA C 127 -16.95 -0.38 17.39
N CYS C 128 -15.90 0.33 17.77
CA CYS C 128 -15.57 0.64 19.17
C CYS C 128 -15.05 2.06 19.30
N SER C 129 -15.55 2.76 20.30
CA SER C 129 -15.10 4.12 20.58
C SER C 129 -13.72 4.04 21.24
N LEU C 130 -12.69 4.50 20.52
CA LEU C 130 -11.31 4.42 20.98
C LEU C 130 -10.82 5.79 21.45
N ASP C 131 -9.96 5.79 22.47
CA ASP C 131 -9.30 7.00 22.97
C ASP C 131 -7.80 6.75 22.89
N ILE C 132 -7.15 7.35 21.90
CA ILE C 132 -5.74 7.12 21.63
C ILE C 132 -4.88 8.26 22.20
N TYR C 133 -5.41 8.95 23.22
CA TYR C 133 -4.76 10.10 23.85
C TYR C 133 -3.31 9.86 24.27
N ASN C 134 -3.08 8.92 25.19
CA ASN C 134 -1.73 8.52 25.56
C ASN C 134 -1.32 7.35 24.68
N PHE C 135 -0.73 7.67 23.52
CA PHE C 135 -0.53 6.70 22.44
C PHE C 135 0.29 5.47 22.86
N PRO C 136 1.51 5.58 23.44
CA PRO C 136 2.21 4.34 23.83
C PRO C 136 1.56 3.64 25.02
N PHE C 137 1.08 4.39 26.01
CA PHE C 137 0.49 3.82 27.23
C PHE C 137 -1.01 4.10 27.19
N ASP C 138 -1.75 3.25 26.51
CA ASP C 138 -3.18 3.43 26.44
C ASP C 138 -3.92 2.22 26.95
N VAL C 139 -5.00 2.47 27.66
CA VAL C 139 -5.98 1.43 27.96
C VAL C 139 -7.18 1.76 27.08
N GLN C 140 -7.83 0.73 26.56
CA GLN C 140 -8.94 0.95 25.68
C GLN C 140 -10.15 0.23 26.23
N ASN C 141 -11.32 0.82 26.04
CA ASN C 141 -12.54 0.34 26.68
C ASN C 141 -13.58 0.15 25.58
N CYS C 142 -13.83 -1.09 25.20
CA CYS C 142 -14.74 -1.43 24.11
C CYS C 142 -15.95 -2.18 24.63
N SER C 143 -17.11 -1.82 24.11
CA SER C 143 -18.38 -2.39 24.52
C SER C 143 -18.75 -3.54 23.59
N LEU C 144 -19.29 -4.59 24.18
CA LEU C 144 -19.84 -5.72 23.43
C LEU C 144 -21.25 -5.91 23.98
N THR C 145 -22.21 -5.37 23.26
CA THR C 145 -23.61 -5.30 23.70
C THR C 145 -24.34 -6.49 23.11
N PHE C 146 -24.54 -7.52 23.93
CA PHE C 146 -25.24 -8.73 23.52
C PHE C 146 -26.74 -8.55 23.66
N THR C 147 -27.48 -8.84 22.60
CA THR C 147 -28.93 -8.73 22.64
C THR C 147 -29.54 -9.71 21.68
N SER C 148 -30.73 -10.19 22.04
CA SER C 148 -31.67 -10.67 21.05
C SER C 148 -32.13 -9.45 20.28
N TRP C 149 -32.05 -9.50 18.96
CA TRP C 149 -32.31 -8.28 18.21
C TRP C 149 -33.78 -7.89 18.18
N LEU C 150 -34.68 -8.81 18.48
CA LEU C 150 -36.07 -8.41 18.49
C LEU C 150 -36.83 -8.81 19.77
N HIS C 151 -36.58 -10.01 20.30
CA HIS C 151 -37.39 -10.57 21.37
C HIS C 151 -37.37 -9.74 22.67
N THR C 152 -38.54 -9.67 23.30
CA THR C 152 -38.83 -8.94 24.53
C THR C 152 -38.34 -9.66 25.77
N ILE C 153 -38.56 -8.99 26.92
CA ILE C 153 -38.15 -9.52 28.21
C ILE C 153 -39.10 -10.62 28.65
N GLN C 154 -40.28 -10.68 28.06
CA GLN C 154 -41.22 -11.74 28.39
C GLN C 154 -41.00 -12.97 27.53
N ASP C 155 -40.10 -12.87 26.57
CA ASP C 155 -39.77 -13.99 25.72
C ASP C 155 -38.34 -14.47 25.95
N ILE C 156 -37.38 -13.56 25.83
CA ILE C 156 -35.96 -13.87 25.99
C ILE C 156 -35.34 -12.93 27.03
N ASN C 157 -34.68 -13.53 28.02
CA ASN C 157 -34.01 -12.81 29.09
C ASN C 157 -32.59 -13.34 29.21
N ILE C 158 -31.64 -12.46 29.51
CA ILE C 158 -30.23 -12.79 29.44
C ILE C 158 -29.66 -12.90 30.85
N THR C 159 -28.97 -14.00 31.13
CA THR C 159 -28.28 -14.16 32.40
C THR C 159 -26.87 -14.64 32.13
N LEU C 160 -26.01 -14.54 33.13
CA LEU C 160 -24.71 -15.19 33.05
C LEU C 160 -24.85 -16.70 33.14
N TRP C 161 -23.87 -17.40 32.58
CA TRP C 161 -23.84 -18.86 32.74
C TRP C 161 -23.10 -19.27 34.01
N ARG C 162 -22.10 -18.51 34.44
CA ARG C 162 -21.47 -18.77 35.72
C ARG C 162 -21.16 -17.46 36.43
N SER C 163 -20.38 -17.55 37.51
CA SER C 163 -20.12 -16.42 38.38
C SER C 163 -19.31 -15.35 37.66
N PRO C 164 -19.71 -14.07 37.78
CA PRO C 164 -19.13 -13.03 36.94
C PRO C 164 -17.70 -12.62 37.29
N GLU C 165 -17.12 -13.15 38.36
CA GLU C 165 -15.75 -12.80 38.67
C GLU C 165 -14.75 -13.66 37.91
N GLU C 166 -15.10 -14.91 37.61
CA GLU C 166 -14.15 -15.78 36.94
C GLU C 166 -13.98 -15.36 35.48
N VAL C 167 -15.08 -15.02 34.80
CA VAL C 167 -15.01 -14.52 33.42
C VAL C 167 -14.20 -13.23 33.36
N ARG C 168 -14.27 -12.42 34.42
CA ARG C 168 -13.43 -11.23 34.53
C ARG C 168 -11.96 -11.63 34.55
N SER C 169 -11.62 -12.57 35.43
CA SER C 169 -10.25 -13.02 35.64
C SER C 169 -9.76 -13.96 34.55
N ASP C 170 -10.65 -14.38 33.66
CA ASP C 170 -10.40 -15.40 32.65
C ASP C 170 -9.33 -14.91 31.66
N LYS C 171 -8.14 -15.47 31.81
CA LYS C 171 -7.02 -15.26 30.91
C LYS C 171 -6.67 -16.59 30.25
N SER C 172 -7.51 -17.61 30.51
CA SER C 172 -7.40 -18.92 29.90
C SER C 172 -7.78 -18.80 28.44
N ILE C 173 -7.29 -19.74 27.63
CA ILE C 173 -6.35 -19.44 26.56
C ILE C 173 -6.70 -18.19 25.77
N PHE C 174 -5.73 -17.30 25.73
CA PHE C 174 -5.68 -16.06 25.00
C PHE C 174 -4.27 -16.00 24.46
N ILE C 175 -4.10 -15.49 23.26
CA ILE C 175 -2.79 -15.53 22.64
C ILE C 175 -2.08 -14.24 23.00
N ASN C 176 -1.02 -14.38 23.78
CA ASN C 176 -0.15 -13.27 24.15
C ASN C 176 0.88 -13.09 23.03
N GLN C 177 1.94 -12.33 23.32
CA GLN C 177 3.02 -11.99 22.41
C GLN C 177 2.52 -11.23 21.18
N GLY C 178 1.35 -10.61 21.30
CA GLY C 178 0.74 -9.85 20.23
C GLY C 178 0.78 -8.36 20.52
N GLU C 179 0.01 -7.62 19.72
CA GLU C 179 -0.01 -6.17 19.89
C GLU C 179 -0.80 -5.77 21.14
N TRP C 180 -1.73 -6.59 21.58
CA TRP C 180 -2.58 -6.24 22.71
C TRP C 180 -2.48 -7.27 23.83
N GLU C 181 -2.62 -6.80 25.07
CA GLU C 181 -2.57 -7.62 26.28
C GLU C 181 -3.88 -7.50 27.05
N LEU C 182 -4.56 -8.64 27.26
CA LEU C 182 -5.84 -8.67 27.96
C LEU C 182 -5.70 -8.42 29.46
N LEU C 183 -6.40 -7.41 29.98
CA LEU C 183 -6.42 -7.23 31.43
C LEU C 183 -7.64 -7.91 32.07
N GLU C 184 -8.86 -7.50 31.68
CA GLU C 184 -10.06 -8.13 32.22
C GLU C 184 -11.21 -7.94 31.24
N VAL C 185 -12.22 -8.80 31.37
CA VAL C 185 -13.47 -8.72 30.63
C VAL C 185 -14.60 -8.54 31.64
N PHE C 186 -15.09 -7.31 31.80
CA PHE C 186 -16.05 -6.97 32.85
C PHE C 186 -17.48 -7.09 32.36
N PRO C 187 -18.26 -8.04 32.87
CA PRO C 187 -19.67 -8.19 32.47
C PRO C 187 -20.60 -7.27 33.24
N GLN C 188 -21.67 -6.84 32.57
CA GLN C 188 -22.69 -6.03 33.23
C GLN C 188 -24.03 -6.21 32.54
N PHE C 189 -25.05 -6.53 33.31
CA PHE C 189 -26.42 -6.68 32.81
C PHE C 189 -27.23 -5.39 32.94
N LYS C 190 -28.03 -5.07 31.92
CA LYS C 190 -28.86 -3.88 31.98
C LYS C 190 -30.14 -4.08 31.17
N GLU C 191 -31.23 -3.44 31.60
CA GLU C 191 -32.46 -3.36 30.83
C GLU C 191 -32.45 -2.09 30.00
N PHE C 192 -32.25 -2.23 28.70
CA PHE C 192 -32.42 -1.07 27.83
C PHE C 192 -33.84 -1.02 27.28
N SER C 193 -34.33 0.20 27.10
CA SER C 193 -35.72 0.44 26.67
C SER C 193 -35.71 1.70 25.81
N ILE C 194 -35.69 1.50 24.49
CA ILE C 194 -35.75 2.65 23.59
C ILE C 194 -37.17 3.21 23.51
N ASP C 195 -38.17 2.36 23.78
CA ASP C 195 -39.56 2.74 23.63
C ASP C 195 -40.29 2.47 24.94
N ILE C 196 -41.36 3.22 25.17
CA ILE C 196 -42.14 3.06 26.39
C ILE C 196 -42.89 1.74 26.34
N SER C 197 -42.79 0.98 27.45
CA SER C 197 -43.32 -0.38 27.60
C SER C 197 -42.78 -1.33 26.52
N ASN C 198 -41.54 -1.07 26.09
CA ASN C 198 -40.84 -1.95 25.15
C ASN C 198 -39.36 -1.91 25.55
N SER C 199 -38.94 -2.89 26.34
CA SER C 199 -37.55 -3.00 26.76
C SER C 199 -37.02 -4.33 26.26
N TYR C 200 -35.74 -4.35 25.89
CA TYR C 200 -35.13 -5.50 25.24
C TYR C 200 -33.87 -5.92 25.97
N ALA C 201 -33.57 -7.20 25.87
CA ALA C 201 -32.67 -7.85 26.81
C ALA C 201 -31.22 -7.60 26.44
N GLU C 202 -30.46 -7.04 27.38
CA GLU C 202 -29.12 -6.57 27.10
C GLU C 202 -28.14 -7.03 28.19
N MET C 203 -26.97 -7.49 27.78
CA MET C 203 -25.87 -7.79 28.71
C MET C 203 -24.55 -7.21 28.19
N LYS C 204 -24.08 -6.12 28.79
CA LYS C 204 -22.88 -5.45 28.30
C LYS C 204 -21.64 -6.17 28.80
N PHE C 205 -20.62 -6.22 27.95
CA PHE C 205 -19.32 -6.79 28.29
C PHE C 205 -18.22 -5.79 28.00
N TYR C 206 -17.67 -5.19 29.04
CA TYR C 206 -16.54 -4.28 28.86
C TYR C 206 -15.23 -5.04 28.93
N VAL C 207 -14.64 -5.30 27.78
CA VAL C 207 -13.29 -5.84 27.71
C VAL C 207 -12.33 -4.65 27.64
N ILE C 208 -11.41 -4.56 28.59
CA ILE C 208 -10.47 -3.45 28.63
C ILE C 208 -9.07 -3.97 28.33
N ILE C 209 -8.46 -3.39 27.30
CA ILE C 209 -7.25 -3.91 26.66
C ILE C 209 -6.13 -2.87 26.68
N ARG C 210 -4.90 -3.33 26.90
CA ARG C 210 -3.72 -2.48 26.94
C ARG C 210 -2.74 -2.83 25.83
N ARG C 211 -2.18 -1.81 25.16
CA ARG C 211 -1.17 -2.04 24.14
C ARG C 211 0.17 -2.35 24.81
N ARG C 212 1.04 -3.05 24.10
CA ARG C 212 2.37 -3.33 24.62
C ARG C 212 3.37 -2.35 23.99
N PRO C 213 3.86 -1.38 24.74
CA PRO C 213 4.68 -0.26 24.22
C PRO C 213 6.13 -0.65 23.93
N LEU C 214 6.32 -1.53 22.96
CA LEU C 214 7.66 -1.96 22.60
C LEU C 214 8.00 -1.66 21.15
N PHE C 215 7.09 -2.00 20.22
CA PHE C 215 7.31 -1.64 18.82
C PHE C 215 7.38 -0.15 18.60
N TYR C 216 6.62 0.61 19.37
CA TYR C 216 6.60 2.05 19.19
C TYR C 216 7.68 2.75 19.99
N ALA C 217 8.46 2.02 20.78
CA ALA C 217 9.59 2.64 21.45
C ALA C 217 10.72 2.82 20.45
N VAL C 218 11.24 1.69 19.95
CA VAL C 218 12.32 1.66 18.97
C VAL C 218 11.98 2.47 17.72
N SER C 219 10.77 2.30 17.18
CA SER C 219 10.39 2.99 15.95
C SER C 219 10.23 4.48 16.10
N LEU C 220 10.20 5.00 17.32
CA LEU C 220 10.05 6.44 17.51
C LEU C 220 11.28 7.07 18.16
N LEU C 221 11.64 6.63 19.37
CA LEU C 221 12.67 7.37 20.11
C LEU C 221 14.07 7.07 19.64
N LEU C 222 14.34 5.83 19.20
CA LEU C 222 15.70 5.44 18.82
C LEU C 222 16.27 6.26 17.67
N PRO C 223 15.60 6.43 16.50
CA PRO C 223 16.18 7.34 15.51
C PRO C 223 16.14 8.78 15.96
N SER C 224 15.16 9.13 16.80
CA SER C 224 15.02 10.49 17.30
C SER C 224 16.21 10.87 18.16
N ILE C 225 16.55 10.03 19.16
CA ILE C 225 17.70 10.35 20.02
C ILE C 225 18.98 10.21 19.23
N PHE C 226 18.96 9.37 18.18
CA PHE C 226 20.07 9.25 17.27
C PHE C 226 20.30 10.59 16.58
N LEU C 227 19.23 11.20 16.08
CA LEU C 227 19.33 12.51 15.44
C LEU C 227 19.80 13.57 16.44
N MET C 228 19.53 13.37 17.74
CA MET C 228 20.07 14.24 18.76
C MET C 228 21.57 14.06 18.93
N VAL C 229 22.03 12.82 19.08
CA VAL C 229 23.46 12.63 19.35
C VAL C 229 24.32 12.97 18.13
N VAL C 230 23.79 12.91 16.91
CA VAL C 230 24.60 13.36 15.78
C VAL C 230 24.73 14.88 15.77
N ASP C 231 23.69 15.62 16.16
CA ASP C 231 23.79 17.08 16.14
C ASP C 231 24.75 17.62 17.21
N ILE C 232 24.76 17.01 18.41
CA ILE C 232 25.68 17.45 19.48
C ILE C 232 27.13 17.35 19.02
N VAL C 233 27.45 16.29 18.28
CA VAL C 233 28.76 16.19 17.64
C VAL C 233 28.93 17.30 16.61
N GLY C 234 27.84 17.67 15.93
CA GLY C 234 27.88 18.73 14.92
C GLY C 234 28.12 20.14 15.43
N PHE C 235 27.75 20.41 16.69
CA PHE C 235 27.99 21.74 17.24
C PHE C 235 29.49 22.05 17.31
N CYS C 236 30.33 21.04 17.44
CA CYS C 236 31.77 21.23 17.52
C CYS C 236 32.37 21.71 16.20
N LEU C 237 31.65 21.58 15.08
CA LEU C 237 32.13 22.10 13.80
C LEU C 237 32.21 23.62 13.83
N PRO C 238 33.35 24.22 13.46
CA PRO C 238 33.48 25.68 13.50
C PRO C 238 32.60 26.37 12.46
N PRO C 239 31.90 27.43 12.88
CA PRO C 239 31.05 28.19 11.95
C PRO C 239 31.76 28.91 10.82
N ASP C 240 33.02 29.34 10.99
CA ASP C 240 33.69 30.12 9.96
C ASP C 240 34.05 29.28 8.75
N SER C 241 34.34 27.99 8.99
CA SER C 241 34.73 27.03 7.96
C SER C 241 33.72 26.93 6.81
N GLY C 242 32.46 27.33 7.04
CA GLY C 242 31.43 27.31 6.03
C GLY C 242 30.54 26.08 6.00
N GLU C 243 31.02 24.96 6.51
CA GLU C 243 30.23 23.73 6.59
C GLU C 243 29.15 23.78 7.67
N ARG C 244 29.11 24.83 8.49
CA ARG C 244 28.23 24.90 9.64
C ARG C 244 26.76 24.76 9.31
N VAL C 245 26.27 25.45 8.30
CA VAL C 245 24.87 25.28 7.93
C VAL C 245 24.69 23.95 7.19
N SER C 246 25.69 23.59 6.35
CA SER C 246 25.64 22.38 5.53
C SER C 246 25.47 21.12 6.36
N PHE C 247 26.03 21.08 7.56
CA PHE C 247 25.71 20.02 8.49
C PHE C 247 24.23 20.03 8.86
N LYS C 248 23.81 21.11 9.49
CA LYS C 248 22.50 21.20 10.12
C LYS C 248 21.35 21.20 9.13
N ILE C 249 21.53 21.83 7.98
CA ILE C 249 20.45 21.92 7.00
C ILE C 249 20.09 20.55 6.45
N THR C 250 21.10 19.75 6.11
CA THR C 250 20.86 18.39 5.68
C THR C 250 20.24 17.60 6.84
N LEU C 251 20.70 17.88 8.06
CA LEU C 251 20.14 17.24 9.25
C LEU C 251 18.69 17.66 9.47
N LEU C 252 18.39 18.96 9.33
CA LEU C 252 17.01 19.42 9.43
C LEU C 252 16.16 18.85 8.31
N LEU C 253 16.73 18.74 7.11
CA LEU C 253 16.06 18.07 6.01
C LEU C 253 15.80 16.61 6.37
N GLY C 254 16.81 15.94 6.94
CA GLY C 254 16.66 14.55 7.34
C GLY C 254 15.60 14.39 8.40
N TYR C 255 15.51 15.36 9.31
CA TYR C 255 14.47 15.34 10.32
C TYR C 255 13.11 15.66 9.73
N SER C 256 13.07 16.46 8.67
CA SER C 256 11.81 16.78 8.00
C SER C 256 11.17 15.56 7.36
N VAL C 257 11.92 14.83 6.51
CA VAL C 257 11.33 13.61 5.93
C VAL C 257 11.14 12.54 6.99
N PHE C 258 11.94 12.55 8.07
CA PHE C 258 11.73 11.57 9.14
C PHE C 258 10.36 11.75 9.78
N LEU C 259 9.99 12.99 10.09
CA LEU C 259 8.68 13.22 10.71
C LEU C 259 7.54 13.01 9.74
N ILE C 260 7.79 13.14 8.44
CA ILE C 260 6.75 12.89 7.44
C ILE C 260 6.50 11.39 7.27
N ILE C 261 7.55 10.58 7.34
CA ILE C 261 7.36 9.13 7.24
C ILE C 261 6.64 8.59 8.48
N VAL C 262 7.03 9.07 9.66
CA VAL C 262 6.38 8.59 10.89
C VAL C 262 5.00 9.18 11.08
N SER C 263 4.62 10.16 10.25
CA SER C 263 3.28 10.73 10.27
C SER C 263 2.22 9.72 9.87
N ASP C 264 2.59 8.66 9.14
CA ASP C 264 1.65 7.62 8.76
C ASP C 264 1.65 6.45 9.75
N THR C 265 2.12 6.69 10.97
CA THR C 265 2.00 5.72 12.04
C THR C 265 0.80 6.07 12.91
N LEU C 266 0.79 7.31 13.40
CA LEU C 266 -0.34 7.86 14.14
C LEU C 266 -1.56 7.88 13.22
N PRO C 267 -2.72 7.51 13.74
CA PRO C 267 -3.92 7.42 12.91
C PRO C 267 -4.55 8.77 12.56
N ALA C 268 -5.49 8.69 11.62
CA ALA C 268 -6.23 9.82 11.08
C ALA C 268 -7.50 10.13 11.86
N THR C 269 -7.49 9.81 13.15
CA THR C 269 -8.60 10.11 14.05
C THR C 269 -8.86 11.61 14.08
N ALA C 270 -10.12 11.99 13.85
CA ALA C 270 -10.54 13.38 13.80
C ALA C 270 -10.92 13.92 15.17
N ILE C 271 -10.46 13.26 16.24
CA ILE C 271 -10.62 13.76 17.61
C ILE C 271 -9.55 14.78 17.99
N GLY C 272 -8.62 15.06 17.09
CA GLY C 272 -7.51 15.94 17.38
C GLY C 272 -6.19 15.21 17.25
N THR C 273 -5.20 15.73 17.91
CA THR C 273 -3.85 15.20 17.90
C THR C 273 -3.68 14.11 18.95
N PRO C 274 -2.75 13.18 18.74
CA PRO C 274 -2.22 12.42 19.87
C PRO C 274 -1.31 13.29 20.71
N LEU C 275 -1.11 12.85 21.95
CA LEU C 275 -0.26 13.58 22.90
C LEU C 275 1.21 13.46 22.54
N ILE C 276 1.60 12.42 21.81
CA ILE C 276 2.99 12.22 21.45
C ILE C 276 3.50 13.23 20.43
N GLY C 277 2.62 14.00 19.80
CA GLY C 277 3.10 15.07 18.96
C GLY C 277 3.70 16.16 19.81
N VAL C 278 3.18 16.34 21.03
CA VAL C 278 3.77 17.27 21.99
C VAL C 278 5.14 16.75 22.39
N TYR C 279 5.26 15.44 22.63
CA TYR C 279 6.56 14.89 22.95
C TYR C 279 7.50 14.84 21.73
N PHE C 280 7.08 15.31 20.56
CA PHE C 280 7.88 15.28 19.35
C PHE C 280 8.13 16.67 18.78
N VAL C 281 7.09 17.50 18.68
CA VAL C 281 7.23 18.88 18.19
C VAL C 281 8.10 19.74 19.11
N VAL C 282 8.23 19.36 20.39
CA VAL C 282 9.22 19.98 21.26
C VAL C 282 10.63 19.74 20.73
N CYS C 283 10.90 18.48 20.38
CA CYS C 283 12.16 18.09 19.75
C CYS C 283 12.35 18.79 18.40
N MET C 284 11.25 18.89 17.64
CA MET C 284 11.24 19.63 16.37
C MET C 284 11.64 21.08 16.58
N ALA C 285 10.99 21.75 17.54
CA ALA C 285 11.31 23.14 17.86
C ALA C 285 12.72 23.29 18.43
N LEU C 286 13.24 22.23 19.06
CA LEU C 286 14.58 22.26 19.63
C LEU C 286 15.64 22.44 18.56
N LEU C 287 15.45 21.80 17.40
CA LEU C 287 16.38 21.95 16.30
C LEU C 287 16.29 23.33 15.66
N VAL C 288 15.11 23.95 15.68
CA VAL C 288 14.92 25.29 15.13
C VAL C 288 15.78 26.30 15.86
N ILE C 289 15.72 26.29 17.19
CA ILE C 289 16.49 27.25 17.96
C ILE C 289 17.99 26.92 17.85
N SER C 290 18.31 25.64 17.62
CA SER C 290 19.68 25.28 17.25
C SER C 290 20.05 25.90 15.90
N LEU C 291 19.15 25.78 14.93
CA LEU C 291 19.36 26.39 13.61
C LEU C 291 19.42 27.90 13.72
N ALA C 292 18.55 28.48 14.56
CA ALA C 292 18.55 29.92 14.79
C ALA C 292 19.86 30.38 15.39
N GLU C 293 20.43 29.54 16.26
CA GLU C 293 21.75 29.79 16.82
C GLU C 293 22.82 29.71 15.73
N THR C 294 22.72 28.71 14.88
CA THR C 294 23.70 28.43 13.83
C THR C 294 23.89 29.59 12.85
N ILE C 295 22.80 30.10 12.29
CA ILE C 295 22.93 31.19 11.32
C ILE C 295 23.32 32.48 12.00
N PHE C 296 22.95 32.64 13.27
CA PHE C 296 23.26 33.82 14.05
C PHE C 296 24.77 33.97 14.20
N ILE C 297 25.42 32.89 14.62
CA ILE C 297 26.87 32.96 14.79
C ILE C 297 27.56 33.09 13.43
N VAL C 298 26.97 32.56 12.35
CA VAL C 298 27.56 32.76 11.03
C VAL C 298 27.26 34.16 10.52
N ARG C 299 26.20 34.80 11.04
CA ARG C 299 25.94 36.20 10.72
C ARG C 299 26.90 37.12 11.44
N LEU C 300 27.31 36.75 12.64
CA LEU C 300 28.25 37.56 13.40
C LEU C 300 29.63 37.61 12.73
N VAL C 301 30.27 36.45 12.60
CA VAL C 301 31.62 36.35 12.04
C VAL C 301 31.60 36.06 10.53
N HIS C 302 32.20 36.98 9.78
CA HIS C 302 32.36 36.97 8.33
C HIS C 302 33.30 38.12 7.98
N LYS C 303 33.87 38.05 6.78
CA LYS C 303 34.78 39.08 6.29
C LYS C 303 33.99 39.90 5.28
N GLN C 304 33.33 40.96 5.75
CA GLN C 304 32.55 41.81 4.86
C GLN C 304 33.05 43.24 4.82
N ASP C 305 34.22 43.55 5.39
CA ASP C 305 34.82 44.88 5.40
C ASP C 305 33.92 45.93 6.09
N LEU C 306 33.39 45.57 7.26
CA LEU C 306 32.43 46.39 8.02
C LEU C 306 32.87 46.59 9.47
N GLN C 307 31.92 47.12 10.26
CA GLN C 307 32.05 47.63 11.63
C GLN C 307 32.90 46.84 12.61
N ARG C 308 33.56 47.59 13.48
CA ARG C 308 34.42 47.16 14.58
C ARG C 308 33.57 46.82 15.79
N PRO C 309 34.02 45.91 16.65
CA PRO C 309 33.26 45.54 17.86
C PRO C 309 33.14 46.68 18.87
N VAL C 310 31.89 47.00 19.21
CA VAL C 310 31.57 48.05 20.18
C VAL C 310 32.04 47.63 21.57
N PRO C 311 32.73 48.51 22.30
CA PRO C 311 33.27 48.16 23.63
C PRO C 311 32.23 47.72 24.65
N ASP C 312 31.03 48.31 24.62
CA ASP C 312 29.97 47.95 25.56
C ASP C 312 29.64 46.47 25.51
N TRP C 313 29.60 45.90 24.32
CA TRP C 313 29.36 44.47 24.18
C TRP C 313 30.66 43.70 24.07
N LEU C 314 31.80 44.39 24.14
CA LEU C 314 33.08 43.70 24.22
C LEU C 314 33.39 43.31 25.66
N ARG C 315 33.10 44.20 26.61
CA ARG C 315 33.31 43.87 28.01
C ARG C 315 32.29 42.86 28.48
N HIS C 316 31.07 42.93 27.95
CA HIS C 316 30.03 42.00 28.35
C HIS C 316 30.29 40.60 27.79
N LEU C 317 31.00 40.48 26.68
CA LEU C 317 31.21 39.20 26.03
C LEU C 317 32.66 38.74 26.09
N VAL C 318 33.60 39.52 25.55
CA VAL C 318 34.99 39.08 25.49
C VAL C 318 35.68 39.13 26.85
N LEU C 319 35.08 39.79 27.83
CA LEU C 319 35.68 39.91 29.16
C LEU C 319 34.85 39.20 30.23
N ASP C 320 33.57 39.58 30.38
CA ASP C 320 32.74 39.00 31.42
C ASP C 320 32.32 37.58 31.07
N ARG C 321 31.75 37.38 29.89
CA ARG C 321 31.28 36.06 29.47
C ARG C 321 32.42 35.09 29.22
N ILE C 322 33.63 35.60 28.99
CA ILE C 322 34.78 34.72 28.81
C ILE C 322 35.17 34.07 30.14
N ALA C 323 35.14 34.85 31.22
CA ALA C 323 35.45 34.31 32.54
C ALA C 323 34.34 33.38 33.03
N TRP C 324 33.09 33.69 32.70
CA TRP C 324 31.97 32.84 33.11
C TRP C 324 31.98 31.50 32.39
N ILE C 325 32.40 31.47 31.12
CA ILE C 325 32.43 30.21 30.39
C ILE C 325 33.70 29.40 30.70
N LEU C 326 34.83 30.08 30.95
CA LEU C 326 36.07 29.36 31.24
C LEU C 326 36.02 28.64 32.58
N CYS C 327 35.26 29.16 33.54
CA CYS C 327 35.15 28.54 34.84
C CYS C 327 33.96 27.59 34.90
N VAL C 392 67.18 65.53 -2.88
CA VAL C 392 65.88 65.08 -2.37
C VAL C 392 65.23 64.16 -3.38
N ARG C 393 64.67 63.06 -2.92
CA ARG C 393 64.03 62.08 -3.80
C ARG C 393 62.57 61.89 -3.42
N GLY C 394 61.73 61.69 -4.43
CA GLY C 394 60.32 61.53 -4.19
C GLY C 394 59.85 60.10 -4.05
N LEU C 395 60.73 59.22 -3.55
CA LEU C 395 60.35 57.84 -3.34
C LEU C 395 59.48 57.68 -2.11
N LEU C 396 59.54 58.63 -1.18
CA LEU C 396 58.83 58.50 0.09
C LEU C 396 57.32 58.60 -0.10
N GLN C 397 56.84 59.36 -1.08
CA GLN C 397 55.40 59.53 -1.24
C GLN C 397 54.73 58.26 -1.78
N GLU C 398 55.50 57.38 -2.41
CA GLU C 398 54.93 56.13 -2.89
C GLU C 398 55.02 55.05 -1.82
N LEU C 399 56.16 54.97 -1.13
CA LEU C 399 56.34 53.98 -0.07
C LEU C 399 55.35 54.23 1.06
N SER C 400 55.02 55.50 1.30
CA SER C 400 53.99 55.84 2.25
C SER C 400 52.64 55.30 1.82
N SER C 401 52.36 55.30 0.52
CA SER C 401 51.07 54.82 0.04
C SER C 401 50.92 53.30 0.19
N ILE C 402 51.98 52.53 -0.09
CA ILE C 402 51.86 51.07 -0.08
C ILE C 402 51.53 50.53 1.32
N ARG C 403 52.26 50.95 2.36
CA ARG C 403 51.92 50.49 3.71
C ARG C 403 50.55 50.98 4.15
N HIS C 404 50.18 52.18 3.72
CA HIS C 404 48.86 52.73 4.01
C HIS C 404 47.78 51.80 3.45
N PHE C 405 47.95 51.38 2.20
CA PHE C 405 47.07 50.36 1.64
C PHE C 405 47.23 49.03 2.35
N LEU C 406 48.47 48.69 2.71
CA LEU C 406 48.77 47.42 3.38
C LEU C 406 48.12 47.32 4.75
N GLU C 407 48.25 48.37 5.57
CA GLU C 407 47.68 48.28 6.91
C GLU C 407 46.16 48.26 6.89
N LYS C 408 45.53 48.76 5.81
CA LYS C 408 44.08 48.67 5.67
C LYS C 408 43.64 47.21 5.60
N ARG C 409 44.40 46.39 4.89
CA ARG C 409 44.11 44.96 4.90
C ARG C 409 44.43 44.38 6.26
N ASP C 410 45.56 44.80 6.85
CA ASP C 410 45.91 44.32 8.18
C ASP C 410 44.86 44.76 9.20
N GLU C 411 44.35 45.98 9.07
CA GLU C 411 43.30 46.46 9.98
C GLU C 411 42.01 45.70 9.77
N MET C 412 41.58 45.49 8.52
CA MET C 412 40.40 44.64 8.34
C MET C 412 40.69 43.22 8.83
N ARG C 413 41.95 42.78 8.73
CA ARG C 413 42.33 41.51 9.37
C ARG C 413 42.20 41.63 10.89
N GLU C 414 42.53 42.82 11.44
CA GLU C 414 42.36 43.06 12.87
C GLU C 414 40.87 42.97 13.21
N VAL C 415 40.04 43.49 12.29
CA VAL C 415 38.60 43.33 12.41
C VAL C 415 38.23 41.86 12.31
N ALA C 416 38.85 41.14 11.36
CA ALA C 416 38.61 39.71 11.23
C ALA C 416 39.01 38.92 12.48
N ARG C 417 40.09 39.32 13.16
CA ARG C 417 40.49 38.60 14.38
C ARG C 417 39.53 38.77 15.55
N ASP C 418 39.12 40.00 15.86
CA ASP C 418 38.30 40.22 17.04
C ASP C 418 36.88 39.69 16.92
N TRP C 419 36.23 39.90 15.77
CA TRP C 419 34.88 39.39 15.58
C TRP C 419 34.85 37.86 15.61
N LEU C 420 35.89 37.24 15.10
CA LEU C 420 36.05 35.79 15.20
C LEU C 420 36.25 35.36 16.65
N ARG C 421 37.03 36.14 17.41
CA ARG C 421 37.33 35.85 18.81
C ARG C 421 36.08 35.78 19.69
N VAL C 422 35.24 36.81 19.63
CA VAL C 422 34.00 36.83 20.39
C VAL C 422 33.09 35.67 20.00
N GLY C 423 32.93 35.43 18.68
CA GLY C 423 32.06 34.38 18.19
C GLY C 423 32.32 32.98 18.73
N TYR C 424 33.59 32.58 18.83
CA TYR C 424 33.91 31.25 19.36
C TYR C 424 33.58 31.13 20.84
N VAL C 425 33.89 32.17 21.62
CA VAL C 425 33.46 32.19 23.02
C VAL C 425 31.93 32.14 23.05
N LEU C 426 31.30 32.97 22.21
CA LEU C 426 29.85 32.94 22.04
C LEU C 426 29.35 31.57 21.58
N ASP C 427 30.07 30.95 20.63
CA ASP C 427 29.69 29.62 20.18
C ASP C 427 29.78 28.61 21.31
N ARG C 428 30.86 28.65 22.10
CA ARG C 428 31.02 27.71 23.21
C ARG C 428 30.01 27.93 24.32
N LEU C 429 29.77 29.19 24.70
CA LEU C 429 28.79 29.46 25.76
C LEU C 429 27.38 29.04 25.36
N LEU C 430 26.95 29.38 24.14
CA LEU C 430 25.65 28.92 23.64
C LEU C 430 25.63 27.40 23.44
N PHE C 431 26.78 26.79 23.20
CA PHE C 431 26.87 25.33 23.15
C PHE C 431 26.62 24.70 24.52
N ARG C 432 27.20 25.27 25.58
CA ARG C 432 27.02 24.74 26.93
C ARG C 432 25.56 24.66 27.35
N ILE C 433 24.80 25.73 27.12
CA ILE C 433 23.40 25.75 27.52
C ILE C 433 22.57 24.66 26.81
N TYR C 434 22.76 24.49 25.48
CA TYR C 434 21.97 23.49 24.75
C TYR C 434 22.21 22.06 25.22
N LEU C 435 23.47 21.65 25.46
CA LEU C 435 23.73 20.29 25.93
C LEU C 435 23.09 20.07 27.30
N LEU C 436 23.20 21.06 28.18
CA LEU C 436 22.56 20.95 29.49
C LEU C 436 21.04 20.89 29.34
N ALA C 437 20.49 21.63 28.37
CA ALA C 437 19.05 21.61 28.13
C ALA C 437 18.54 20.25 27.67
N VAL C 438 19.22 19.61 26.71
CA VAL C 438 18.80 18.30 26.23
C VAL C 438 18.94 17.23 27.30
N LEU C 439 20.06 17.24 28.05
CA LEU C 439 20.26 16.28 29.13
C LEU C 439 19.21 16.45 30.21
N ALA C 440 18.85 17.70 30.53
CA ALA C 440 17.75 17.95 31.46
C ALA C 440 16.43 17.48 30.85
N TYR C 441 16.24 17.77 29.57
CA TYR C 441 15.07 17.27 28.84
C TYR C 441 15.06 15.74 28.80
N SER C 442 16.24 15.13 28.65
CA SER C 442 16.36 13.68 28.63
C SER C 442 16.04 13.07 29.98
N ILE C 443 16.47 13.72 31.06
CA ILE C 443 16.22 13.18 32.40
C ILE C 443 14.73 13.27 32.72
N THR C 444 14.02 14.23 32.11
CA THR C 444 12.57 14.30 32.23
C THR C 444 11.92 13.14 31.47
N LEU C 445 12.50 12.79 30.31
CA LEU C 445 11.98 11.69 29.50
C LEU C 445 12.07 10.36 30.23
N VAL C 446 13.22 10.07 30.84
CA VAL C 446 13.38 8.76 31.47
C VAL C 446 12.62 8.68 32.79
N THR C 447 12.47 9.78 33.52
CA THR C 447 11.67 9.74 34.74
C THR C 447 10.18 9.56 34.42
N LEU C 448 9.73 10.03 33.25
CA LEU C 448 8.36 9.75 32.81
C LEU C 448 8.21 8.31 32.35
N TRP C 449 9.24 7.77 31.70
CA TRP C 449 9.22 6.37 31.28
C TRP C 449 9.20 5.41 32.47
N SER C 450 9.80 5.81 33.59
CA SER C 450 9.83 4.94 34.76
C SER C 450 8.49 4.97 35.51
N ILE C 451 7.83 6.12 35.56
CA ILE C 451 6.58 6.25 36.30
C ILE C 451 5.44 5.58 35.53
N THR D 1 -34.75 -57.76 -7.38
CA THR D 1 -34.75 -57.25 -8.76
C THR D 1 -33.34 -56.96 -9.23
N GLN D 2 -33.21 -56.55 -10.49
CA GLN D 2 -31.87 -56.29 -11.02
C GLN D 2 -31.61 -54.96 -11.74
N PRO D 3 -32.02 -53.78 -11.26
CA PRO D 3 -31.69 -52.58 -12.02
C PRO D 3 -30.24 -52.14 -11.92
N ALA D 4 -29.65 -52.20 -10.72
CA ALA D 4 -28.29 -51.72 -10.45
C ALA D 4 -27.84 -52.06 -9.02
N LEU D 5 -26.65 -51.59 -8.65
CA LEU D 5 -26.27 -51.37 -7.26
C LEU D 5 -27.14 -50.32 -6.56
N LEU D 6 -27.92 -49.56 -7.34
CA LEU D 6 -28.84 -48.54 -6.86
C LEU D 6 -29.83 -49.07 -5.83
N ARG D 7 -30.20 -50.36 -5.93
CA ARG D 7 -31.05 -51.00 -4.94
C ARG D 7 -30.46 -50.87 -3.54
N LEU D 8 -29.19 -51.24 -3.40
CA LEU D 8 -28.48 -51.15 -2.13
C LEU D 8 -28.51 -49.71 -1.61
N SER D 9 -28.17 -48.75 -2.50
CA SER D 9 -28.15 -47.34 -2.17
C SER D 9 -29.45 -46.83 -1.59
N ASP D 10 -30.59 -47.30 -2.12
CA ASP D 10 -31.87 -46.95 -1.52
C ASP D 10 -32.04 -47.61 -0.16
N HIS D 11 -31.94 -48.94 -0.15
CA HIS D 11 -32.23 -49.80 1.00
C HIS D 11 -31.48 -49.36 2.25
N LEU D 12 -30.23 -48.96 2.10
CA LEU D 12 -29.47 -48.47 3.24
C LEU D 12 -29.95 -47.08 3.64
N LEU D 13 -30.11 -46.19 2.68
CA LEU D 13 -30.38 -44.78 2.93
C LEU D 13 -31.86 -44.45 2.91
N ALA D 14 -32.72 -45.47 2.89
CA ALA D 14 -34.17 -45.25 2.90
C ALA D 14 -34.60 -44.48 4.15
N ASN D 15 -34.34 -45.05 5.33
CA ASN D 15 -34.71 -44.44 6.60
C ASN D 15 -33.50 -43.92 7.39
N TYR D 16 -32.33 -43.86 6.76
CA TYR D 16 -31.10 -43.44 7.43
C TYR D 16 -31.18 -41.96 7.79
N LYS D 17 -31.24 -41.66 9.09
CA LYS D 17 -31.23 -40.30 9.57
C LYS D 17 -29.82 -39.82 9.88
N LYS D 18 -29.39 -38.76 9.20
CA LYS D 18 -28.03 -38.27 9.34
C LYS D 18 -27.82 -37.44 10.61
N GLY D 19 -28.86 -37.26 11.42
CA GLY D 19 -28.75 -36.47 12.62
C GLY D 19 -28.32 -37.18 13.88
N VAL D 20 -28.66 -38.45 14.03
CA VAL D 20 -28.33 -39.21 15.22
C VAL D 20 -26.95 -39.83 15.06
N ARG D 21 -26.19 -39.87 16.15
CA ARG D 21 -24.86 -40.46 16.11
C ARG D 21 -24.94 -41.95 15.76
N PRO D 22 -24.23 -42.40 14.72
CA PRO D 22 -24.38 -43.76 14.21
C PRO D 22 -23.82 -44.90 15.05
N VAL D 23 -24.49 -45.32 16.13
CA VAL D 23 -24.07 -46.48 16.91
C VAL D 23 -25.27 -47.29 17.38
N ARG D 24 -25.15 -48.60 17.28
CA ARG D 24 -26.20 -49.47 17.79
C ARG D 24 -26.20 -49.47 19.32
N ASP D 25 -25.00 -49.48 19.92
CA ASP D 25 -24.83 -49.26 21.35
C ASP D 25 -24.35 -47.84 21.57
N TRP D 26 -25.16 -47.04 22.27
CA TRP D 26 -24.84 -45.62 22.43
C TRP D 26 -23.62 -45.37 23.30
N ARG D 27 -23.22 -46.30 24.15
CA ARG D 27 -22.03 -46.07 24.96
C ARG D 27 -20.73 -46.24 24.21
N LYS D 28 -20.72 -46.99 23.11
CA LYS D 28 -19.48 -47.19 22.36
C LYS D 28 -19.12 -45.93 21.60
N PRO D 29 -17.95 -45.37 21.81
CA PRO D 29 -17.56 -44.15 21.10
C PRO D 29 -17.21 -44.41 19.65
N THR D 30 -17.48 -43.41 18.82
CA THR D 30 -17.12 -43.44 17.41
C THR D 30 -15.72 -42.88 17.27
N THR D 31 -14.80 -43.72 16.81
CA THR D 31 -13.40 -43.34 16.73
C THR D 31 -13.13 -42.77 15.34
N VAL D 32 -12.62 -41.55 15.29
CA VAL D 32 -12.31 -40.86 14.05
C VAL D 32 -10.80 -40.85 13.85
N SER D 33 -10.36 -41.60 12.85
CA SER D 33 -8.97 -41.62 12.44
C SER D 33 -8.67 -40.42 11.54
N ILE D 34 -7.67 -39.64 11.94
CA ILE D 34 -7.33 -38.42 11.23
C ILE D 34 -5.98 -38.63 10.55
N ASP D 35 -5.77 -37.89 9.45
CA ASP D 35 -4.53 -37.95 8.67
C ASP D 35 -4.28 -36.59 8.05
N VAL D 36 -3.04 -36.14 8.08
CA VAL D 36 -2.65 -34.81 7.61
C VAL D 36 -1.55 -34.90 6.58
N ILE D 37 -1.74 -34.23 5.45
CA ILE D 37 -0.63 -33.94 4.55
C ILE D 37 -0.62 -32.43 4.43
N MET D 38 0.46 -31.80 4.87
CA MET D 38 0.52 -30.34 4.78
C MET D 38 0.95 -29.99 3.37
N TYR D 39 0.11 -29.27 2.64
CA TYR D 39 0.40 -29.02 1.24
C TYR D 39 1.24 -27.77 0.98
N ALA D 40 0.93 -26.63 1.62
CA ALA D 40 1.69 -25.43 1.33
C ALA D 40 1.59 -24.39 2.44
N ILE D 41 2.69 -23.67 2.64
CA ILE D 41 2.76 -22.50 3.50
C ILE D 41 2.44 -21.27 2.66
N LEU D 42 1.25 -20.70 2.85
CA LEU D 42 0.88 -19.56 2.01
C LEU D 42 1.58 -18.27 2.41
N ASN D 43 1.38 -17.84 3.65
CA ASN D 43 1.91 -16.55 4.06
C ASN D 43 1.97 -16.55 5.57
N VAL D 44 3.02 -15.98 6.13
CA VAL D 44 3.07 -15.71 7.55
C VAL D 44 2.85 -14.22 7.77
N ASP D 45 1.96 -13.88 8.69
CA ASP D 45 1.74 -12.49 9.06
C ASP D 45 2.28 -12.35 10.47
N GLU D 46 3.50 -11.84 10.58
CA GLU D 46 4.12 -11.69 11.89
C GLU D 46 3.42 -10.60 12.70
N LYS D 47 2.80 -9.64 12.00
CA LYS D 47 2.14 -8.50 12.64
C LYS D 47 0.99 -8.97 13.51
N ASN D 48 0.04 -9.68 12.92
CA ASN D 48 -1.10 -10.19 13.66
C ASN D 48 -0.85 -11.57 14.27
N GLN D 49 0.31 -12.18 13.99
CA GLN D 49 0.67 -13.53 14.44
C GLN D 49 -0.38 -14.55 13.99
N VAL D 50 -0.52 -14.69 12.69
CA VAL D 50 -1.46 -15.66 12.12
C VAL D 50 -0.85 -16.28 10.87
N LEU D 51 -0.81 -17.61 10.86
CA LEU D 51 -0.24 -18.41 9.78
C LEU D 51 -1.36 -19.02 8.93
N THR D 52 -1.25 -18.90 7.61
CA THR D 52 -2.23 -19.48 6.70
C THR D 52 -1.62 -20.59 5.87
N THR D 53 -2.19 -21.79 5.97
CA THR D 53 -1.70 -22.98 5.29
C THR D 53 -2.82 -23.67 4.53
N TYR D 54 -2.44 -24.60 3.68
CA TYR D 54 -3.38 -25.44 2.95
C TYR D 54 -3.06 -26.89 3.25
N ILE D 55 -4.05 -27.65 3.68
CA ILE D 55 -3.85 -29.01 4.16
C ILE D 55 -4.66 -29.96 3.26
N TRP D 56 -4.08 -31.12 2.93
CA TRP D 56 -4.84 -32.20 2.34
C TRP D 56 -5.25 -33.08 3.50
N TYR D 57 -6.55 -33.13 3.79
CA TYR D 57 -7.04 -33.67 5.05
C TYR D 57 -7.92 -34.90 4.84
N ARG D 58 -7.94 -35.79 5.82
CA ARG D 58 -8.72 -37.01 5.71
C ARG D 58 -9.44 -37.38 7.00
N GLN D 59 -10.55 -38.07 6.85
CA GLN D 59 -11.37 -38.52 7.97
C GLN D 59 -11.75 -39.97 7.77
N TYR D 60 -11.74 -40.74 8.85
CA TYR D 60 -12.11 -42.13 8.83
C TYR D 60 -12.91 -42.47 10.07
N TRP D 61 -14.12 -42.97 9.91
CA TRP D 61 -14.88 -43.41 11.08
C TRP D 61 -15.74 -44.61 10.71
N THR D 62 -16.47 -45.12 11.69
CA THR D 62 -17.30 -46.30 11.52
C THR D 62 -18.78 -46.00 11.73
N ASP D 63 -19.58 -46.24 10.70
CA ASP D 63 -21.04 -46.12 10.75
C ASP D 63 -21.65 -47.52 10.80
N GLU D 64 -22.07 -47.95 12.00
CA GLU D 64 -22.58 -49.31 12.14
C GLU D 64 -23.94 -49.52 11.47
N PHE D 65 -24.64 -48.46 11.08
CA PHE D 65 -25.96 -48.68 10.51
C PHE D 65 -25.95 -49.00 9.04
N LEU D 66 -24.98 -48.48 8.28
CA LEU D 66 -25.00 -48.71 6.84
C LEU D 66 -24.14 -49.92 6.43
N GLN D 67 -24.00 -50.92 7.29
CA GLN D 67 -23.19 -52.08 6.95
C GLN D 67 -24.05 -53.05 6.17
N TRP D 68 -23.43 -53.79 5.26
CA TRP D 68 -24.13 -54.79 4.47
C TRP D 68 -23.20 -55.92 4.09
N THR D 69 -23.76 -56.91 3.48
CA THR D 69 -23.01 -58.06 3.03
C THR D 69 -22.74 -57.95 1.54
N PRO D 70 -21.49 -58.19 1.15
CA PRO D 70 -21.12 -58.17 -0.28
C PRO D 70 -21.98 -59.08 -1.15
N GLU D 71 -22.38 -60.24 -0.62
CA GLU D 71 -23.24 -61.15 -1.36
C GLU D 71 -24.62 -60.55 -1.57
N ASP D 72 -25.36 -61.15 -2.51
CA ASP D 72 -26.68 -60.83 -3.05
C ASP D 72 -26.85 -59.35 -3.43
N PHE D 73 -25.75 -58.62 -3.59
CA PHE D 73 -25.76 -57.23 -4.00
C PHE D 73 -24.81 -57.02 -5.16
N ASP D 74 -24.54 -58.10 -5.88
CA ASP D 74 -23.66 -58.17 -7.04
C ASP D 74 -22.21 -57.83 -6.65
N ASN D 75 -21.77 -58.38 -5.51
CA ASN D 75 -20.39 -58.34 -5.03
C ASN D 75 -19.77 -56.95 -4.98
N VAL D 76 -20.57 -55.95 -4.67
CA VAL D 76 -20.04 -54.59 -4.57
C VAL D 76 -19.32 -54.43 -3.23
N THR D 77 -18.14 -53.82 -3.28
CA THR D 77 -17.34 -53.61 -2.09
C THR D 77 -17.56 -52.23 -1.50
N LYS D 78 -17.30 -51.18 -2.27
CA LYS D 78 -17.49 -49.83 -1.78
C LYS D 78 -18.44 -49.04 -2.66
N LEU D 79 -18.99 -47.97 -2.08
CA LEU D 79 -19.98 -47.16 -2.76
C LEU D 79 -19.80 -45.70 -2.38
N SER D 80 -19.90 -44.83 -3.38
CA SER D 80 -19.80 -43.39 -3.18
C SER D 80 -21.17 -42.77 -2.94
N ILE D 81 -21.33 -42.07 -1.81
CA ILE D 81 -22.59 -41.43 -1.46
C ILE D 81 -22.39 -39.97 -1.03
N PRO D 82 -23.36 -39.08 -1.30
CA PRO D 82 -23.25 -37.66 -0.93
C PRO D 82 -22.99 -37.38 0.55
N THR D 83 -22.03 -36.47 0.80
CA THR D 83 -21.64 -36.07 2.16
C THR D 83 -22.81 -35.58 2.98
N ASP D 84 -23.67 -34.76 2.39
CA ASP D 84 -24.75 -34.16 3.15
C ASP D 84 -25.94 -35.09 3.32
N SER D 85 -25.80 -36.36 2.96
CA SER D 85 -26.82 -37.35 3.21
C SER D 85 -26.47 -38.28 4.38
N ILE D 86 -25.31 -38.12 5.01
CA ILE D 86 -24.89 -38.96 6.13
C ILE D 86 -24.30 -38.11 7.25
N TRP D 87 -24.25 -38.72 8.43
CA TRP D 87 -23.71 -38.09 9.63
C TRP D 87 -22.23 -37.76 9.46
N VAL D 88 -21.84 -36.54 9.82
CA VAL D 88 -20.44 -36.16 9.64
C VAL D 88 -19.94 -35.54 10.93
N PRO D 89 -18.80 -35.99 11.45
CA PRO D 89 -18.23 -35.39 12.65
C PRO D 89 -17.76 -33.97 12.37
N ASP D 90 -17.72 -33.16 13.43
CA ASP D 90 -17.48 -31.73 13.34
C ASP D 90 -16.03 -31.33 13.60
N ILE D 91 -15.04 -32.17 13.25
CA ILE D 91 -13.64 -31.86 13.55
C ILE D 91 -13.21 -30.54 12.93
N LEU D 92 -12.78 -29.63 13.77
CA LEU D 92 -12.22 -28.35 13.39
C LEU D 92 -11.00 -28.09 14.26
N ILE D 93 -10.46 -26.88 14.13
CA ILE D 93 -9.26 -26.44 14.82
C ILE D 93 -9.58 -25.38 15.86
N ASN D 94 -9.02 -25.54 17.07
CA ASN D 94 -9.24 -24.57 18.12
C ASN D 94 -8.56 -23.24 17.79
N GLU D 95 -7.46 -23.28 17.04
CA GLU D 95 -6.74 -22.07 16.66
C GLU D 95 -7.44 -21.27 15.57
N PHE D 96 -8.59 -21.72 15.07
CA PHE D 96 -9.34 -21.00 14.06
C PHE D 96 -9.66 -19.58 14.43
N VAL D 97 -9.17 -18.65 13.64
CA VAL D 97 -9.54 -17.26 13.77
C VAL D 97 -10.25 -16.74 12.54
N ASP D 98 -10.39 -17.59 11.51
CA ASP D 98 -11.05 -17.17 10.29
C ASP D 98 -11.47 -18.44 9.54
N VAL D 99 -12.04 -18.25 8.35
CA VAL D 99 -12.50 -19.34 7.50
C VAL D 99 -11.96 -19.16 6.09
N GLY D 100 -11.11 -20.08 5.65
CA GLY D 100 -10.65 -20.03 4.28
C GLY D 100 -11.64 -20.76 3.38
N LYS D 101 -11.90 -20.20 2.21
CA LYS D 101 -12.80 -20.85 1.27
C LYS D 101 -12.04 -21.97 0.56
N SER D 102 -12.51 -23.20 0.76
CA SER D 102 -11.93 -24.42 0.27
C SER D 102 -13.03 -25.15 -0.48
N PRO D 103 -12.70 -25.86 -1.56
CA PRO D 103 -13.74 -26.57 -2.33
C PRO D 103 -14.50 -27.56 -1.47
N ASN D 104 -15.82 -27.57 -1.66
CA ASN D 104 -16.68 -28.44 -0.90
C ASN D 104 -16.74 -29.76 -1.66
N ILE D 105 -16.38 -30.84 -0.98
CA ILE D 105 -16.38 -32.18 -1.58
C ILE D 105 -17.76 -32.79 -1.36
N PRO D 106 -18.48 -33.13 -2.41
CA PRO D 106 -19.85 -33.62 -2.24
C PRO D 106 -19.97 -35.08 -1.82
N TYR D 107 -18.97 -35.93 -2.10
CA TYR D 107 -19.10 -37.36 -1.87
C TYR D 107 -18.11 -37.90 -0.84
N VAL D 108 -18.48 -39.04 -0.25
CA VAL D 108 -17.61 -39.84 0.61
C VAL D 108 -17.69 -41.32 0.23
N TYR D 109 -16.67 -42.06 0.69
CA TYR D 109 -16.51 -43.50 0.43
C TYR D 109 -17.05 -44.37 1.56
N VAL D 110 -18.00 -45.25 1.22
CA VAL D 110 -18.56 -46.21 2.14
C VAL D 110 -18.30 -47.63 1.63
N HIS D 111 -17.66 -48.46 2.45
CA HIS D 111 -17.55 -49.89 2.18
C HIS D 111 -18.59 -50.66 2.95
N HIS D 112 -18.66 -51.95 2.64
CA HIS D 112 -19.71 -52.84 3.13
C HIS D 112 -19.61 -53.11 4.63
N ARG D 113 -18.46 -52.84 5.24
CA ARG D 113 -18.33 -53.00 6.68
C ARG D 113 -18.66 -51.74 7.46
N GLY D 114 -19.18 -50.72 6.78
CA GLY D 114 -19.69 -49.52 7.42
C GLY D 114 -18.69 -48.43 7.71
N GLU D 115 -17.47 -48.56 7.24
CA GLU D 115 -16.46 -47.52 7.43
C GLU D 115 -16.65 -46.39 6.43
N VAL D 116 -16.75 -45.16 6.93
CA VAL D 116 -16.89 -43.99 6.07
C VAL D 116 -15.53 -43.30 5.97
N GLN D 117 -15.09 -43.09 4.73
CA GLN D 117 -13.81 -42.48 4.39
C GLN D 117 -14.08 -41.11 3.78
N ASN D 118 -13.66 -40.05 4.46
CA ASN D 118 -13.93 -38.67 4.03
C ASN D 118 -12.63 -37.93 3.70
N TYR D 119 -12.46 -37.59 2.43
CA TYR D 119 -11.37 -36.75 1.98
C TYR D 119 -11.90 -35.34 1.70
N LYS D 120 -11.13 -34.31 2.08
CA LYS D 120 -11.42 -32.93 1.72
C LYS D 120 -10.21 -32.05 1.99
N PRO D 121 -9.85 -31.17 1.06
CA PRO D 121 -8.81 -30.19 1.36
C PRO D 121 -9.39 -28.95 2.03
N LEU D 122 -8.67 -28.40 3.00
CA LEU D 122 -9.16 -27.26 3.77
C LEU D 122 -8.08 -26.18 3.85
N GLN D 123 -8.51 -24.92 3.72
CA GLN D 123 -7.63 -23.77 3.95
C GLN D 123 -7.85 -23.18 5.34
N LEU D 124 -6.85 -23.31 6.20
CA LEU D 124 -6.92 -22.86 7.58
C LEU D 124 -6.09 -21.60 7.76
N VAL D 125 -6.75 -20.48 8.04
CA VAL D 125 -6.08 -19.23 8.42
C VAL D 125 -6.19 -19.18 9.95
N THR D 126 -5.12 -19.64 10.61
CA THR D 126 -5.04 -19.84 12.06
C THR D 126 -3.94 -19.04 12.72
N ALA D 127 -4.26 -18.57 13.91
CA ALA D 127 -3.34 -17.80 14.74
C ALA D 127 -2.30 -18.73 15.35
N CYS D 128 -1.05 -18.27 15.36
CA CYS D 128 0.11 -19.02 15.82
C CYS D 128 1.07 -18.14 16.59
N SER D 129 1.54 -18.64 17.71
CA SER D 129 2.51 -17.94 18.53
C SER D 129 3.87 -18.02 17.84
N LEU D 130 4.37 -16.89 17.33
CA LEU D 130 5.62 -16.82 16.59
C LEU D 130 6.73 -16.23 17.45
N ASP D 131 7.96 -16.72 17.24
CA ASP D 131 9.16 -16.18 17.89
C ASP D 131 10.12 -15.78 16.77
N ILE D 132 10.22 -14.48 16.52
CA ILE D 132 11.00 -13.96 15.40
C ILE D 132 12.37 -13.44 15.91
N TYR D 133 12.83 -13.99 17.05
CA TYR D 133 14.08 -13.59 17.69
C TYR D 133 15.30 -13.58 16.76
N ASN D 134 15.67 -14.72 16.23
CA ASN D 134 16.73 -14.79 15.22
C ASN D 134 16.10 -14.69 13.85
N PHE D 135 15.96 -13.44 13.37
CA PHE D 135 15.13 -13.14 12.20
C PHE D 135 15.55 -13.89 10.93
N PRO D 136 16.81 -13.87 10.46
CA PRO D 136 17.10 -14.66 9.24
C PRO D 136 17.10 -16.16 9.48
N PHE D 137 17.59 -16.63 10.63
CA PHE D 137 17.67 -18.05 10.94
C PHE D 137 16.65 -18.35 12.04
N ASP D 138 15.41 -18.57 11.65
CA ASP D 138 14.40 -18.87 12.64
C ASP D 138 13.73 -20.20 12.34
N VAL D 139 13.44 -20.94 13.40
CA VAL D 139 12.55 -22.07 13.32
C VAL D 139 11.27 -21.61 14.01
N GLN D 140 10.12 -22.03 13.49
CA GLN D 140 8.87 -21.59 14.05
C GLN D 140 8.05 -22.81 14.42
N ASN D 141 7.30 -22.71 15.50
CA ASN D 141 6.62 -23.86 16.08
C ASN D 141 5.15 -23.46 16.23
N CYS D 142 4.31 -24.00 15.35
CA CYS D 142 2.88 -23.66 15.32
C CYS D 142 2.04 -24.88 15.65
N SER D 143 1.02 -24.65 16.46
CA SER D 143 0.13 -25.70 16.94
C SER D 143 -1.09 -25.78 16.03
N LEU D 144 -1.51 -27.01 15.75
CA LEU D 144 -2.75 -27.28 15.04
C LEU D 144 -3.52 -28.26 15.92
N THR D 145 -4.46 -27.71 16.67
CA THR D 145 -5.19 -28.45 17.70
C THR D 145 -6.49 -28.94 17.08
N PHE D 146 -6.51 -30.21 16.71
CA PHE D 146 -7.69 -30.82 16.11
C PHE D 146 -8.64 -31.31 17.19
N THR D 147 -9.90 -30.93 17.09
CA THR D 147 -10.90 -31.35 18.07
C THR D 147 -12.27 -31.41 17.41
N SER D 148 -13.08 -32.33 17.90
CA SER D 148 -14.52 -32.17 17.80
C SER D 148 -14.87 -31.04 18.75
N TRP D 149 -15.62 -30.05 18.25
CA TRP D 149 -15.80 -28.87 19.08
C TRP D 149 -16.75 -29.10 20.24
N LEU D 150 -17.57 -30.14 20.20
CA LEU D 150 -18.43 -30.38 21.35
C LEU D 150 -18.37 -31.80 21.90
N HIS D 151 -18.30 -32.81 21.02
CA HIS D 151 -18.45 -34.21 21.44
C HIS D 151 -17.40 -34.68 22.43
N THR D 152 -17.86 -35.49 23.38
CA THR D 152 -17.09 -36.09 24.47
C THR D 152 -16.25 -37.28 24.04
N ILE D 153 -15.51 -37.82 25.00
CA ILE D 153 -14.63 -38.96 24.77
C ILE D 153 -15.46 -40.24 24.66
N GLN D 154 -16.69 -40.21 25.16
CA GLN D 154 -17.56 -41.37 25.05
C GLN D 154 -18.33 -41.37 23.75
N ASP D 155 -18.20 -40.30 22.97
CA ASP D 155 -18.86 -40.20 21.69
C ASP D 155 -17.85 -40.19 20.55
N ILE D 156 -16.91 -39.26 20.59
CA ILE D 156 -15.88 -39.11 19.57
C ILE D 156 -14.49 -39.15 20.20
N ASN D 157 -13.64 -40.02 19.66
CA ASN D 157 -12.26 -40.19 20.12
C ASN D 157 -11.35 -40.13 18.91
N ILE D 158 -10.17 -39.54 19.07
CA ILE D 158 -9.29 -39.22 17.95
C ILE D 158 -8.10 -40.16 17.97
N THR D 159 -7.81 -40.78 16.82
CA THR D 159 -6.64 -41.61 16.69
C THR D 159 -5.92 -41.22 15.40
N LEU D 160 -4.67 -41.64 15.26
CA LEU D 160 -4.00 -41.53 13.97
C LEU D 160 -4.58 -42.52 12.97
N TRP D 161 -4.44 -42.20 11.70
CA TRP D 161 -4.85 -43.14 10.66
C TRP D 161 -3.72 -44.09 10.30
N ARG D 162 -2.46 -43.65 10.39
CA ARG D 162 -1.34 -44.57 10.20
C ARG D 162 -0.24 -44.23 11.20
N SER D 163 0.93 -44.85 10.99
CA SER D 163 2.03 -44.76 11.93
C SER D 163 2.58 -43.35 12.02
N PRO D 164 2.81 -42.82 13.23
CA PRO D 164 3.11 -41.39 13.39
C PRO D 164 4.50 -40.96 12.93
N GLU D 165 5.36 -41.89 12.53
CA GLU D 165 6.67 -41.48 12.06
C GLU D 165 6.65 -41.09 10.58
N GLU D 166 5.77 -41.70 9.79
CA GLU D 166 5.76 -41.39 8.36
C GLU D 166 5.19 -39.99 8.10
N VAL D 167 4.11 -39.65 8.82
CA VAL D 167 3.52 -38.30 8.72
C VAL D 167 4.52 -37.25 9.16
N ARG D 168 5.39 -37.59 10.12
CA ARG D 168 6.48 -36.72 10.52
C ARG D 168 7.42 -36.49 9.35
N SER D 169 7.86 -37.58 8.73
CA SER D 169 8.82 -37.56 7.64
C SER D 169 8.20 -37.13 6.32
N ASP D 170 6.88 -36.99 6.27
CA ASP D 170 6.12 -36.74 5.05
C ASP D 170 6.49 -35.38 4.47
N LYS D 171 7.25 -35.43 3.38
CA LYS D 171 7.61 -34.27 2.57
C LYS D 171 7.01 -34.43 1.19
N SER D 172 6.19 -35.49 1.02
CA SER D 172 5.45 -35.75 -0.20
C SER D 172 4.35 -34.71 -0.32
N ILE D 173 3.91 -34.49 -1.55
CA ILE D 173 4.07 -33.21 -2.23
C ILE D 173 3.79 -32.01 -1.34
N PHE D 174 4.80 -31.16 -1.29
CA PHE D 174 4.83 -29.87 -0.63
C PHE D 174 5.57 -28.98 -1.62
N ILE D 175 5.17 -27.73 -1.70
CA ILE D 175 5.74 -26.87 -2.72
C ILE D 175 6.93 -26.17 -2.08
N ASN D 176 8.12 -26.49 -2.59
CA ASN D 176 9.35 -25.84 -2.19
C ASN D 176 9.52 -24.56 -3.02
N GLN D 177 10.73 -24.00 -3.01
CA GLN D 177 11.10 -22.77 -3.71
C GLN D 177 10.28 -21.57 -3.22
N GLY D 178 9.72 -21.68 -2.01
CA GLY D 178 8.92 -20.64 -1.42
C GLY D 178 9.63 -19.98 -0.25
N GLU D 179 8.87 -19.20 0.50
CA GLU D 179 9.46 -18.50 1.64
C GLU D 179 9.78 -19.45 2.79
N TRP D 180 9.05 -20.56 2.89
CA TRP D 180 9.23 -21.48 4.01
C TRP D 180 9.58 -22.89 3.54
N GLU D 181 10.39 -23.58 4.35
CA GLU D 181 10.84 -24.95 4.08
C GLU D 181 10.37 -25.89 5.20
N LEU D 182 9.61 -26.91 4.83
CA LEU D 182 9.07 -27.87 5.81
C LEU D 182 10.14 -28.80 6.36
N LEU D 183 10.29 -28.84 7.70
CA LEU D 183 11.18 -29.83 8.29
C LEU D 183 10.43 -31.08 8.71
N GLU D 184 9.47 -30.96 9.63
CA GLU D 184 8.68 -32.10 10.06
C GLU D 184 7.34 -31.63 10.60
N VAL D 185 6.37 -32.56 10.61
CA VAL D 185 5.05 -32.36 11.21
C VAL D 185 4.88 -33.38 12.33
N PHE D 186 5.06 -32.94 13.57
CA PHE D 186 5.10 -33.84 14.72
C PHE D 186 3.72 -34.01 15.35
N PRO D 187 3.11 -35.19 15.28
CA PRO D 187 1.81 -35.42 15.91
C PRO D 187 1.90 -35.78 17.38
N GLN D 188 0.88 -35.37 18.12
CA GLN D 188 0.81 -35.71 19.54
C GLN D 188 -0.64 -35.73 20.00
N PHE D 189 -1.05 -36.83 20.63
CA PHE D 189 -2.39 -36.98 21.18
C PHE D 189 -2.44 -36.59 22.67
N LYS D 190 -3.52 -35.91 23.07
CA LYS D 190 -3.66 -35.53 24.47
C LYS D 190 -5.14 -35.45 24.85
N GLU D 191 -5.45 -35.75 26.11
CA GLU D 191 -6.78 -35.53 26.66
C GLU D 191 -6.81 -34.17 27.34
N PHE D 192 -7.47 -33.21 26.72
CA PHE D 192 -7.69 -31.94 27.40
C PHE D 192 -9.04 -31.95 28.13
N SER D 193 -9.08 -31.28 29.28
CA SER D 193 -10.25 -31.26 30.15
C SER D 193 -10.30 -29.88 30.80
N ILE D 194 -11.14 -29.01 30.25
CA ILE D 194 -11.29 -27.69 30.84
C ILE D 194 -12.18 -27.76 32.08
N ASP D 195 -13.05 -28.77 32.15
CA ASP D 195 -14.02 -28.90 33.22
C ASP D 195 -13.87 -30.27 33.87
N ILE D 196 -14.27 -30.34 35.15
CA ILE D 196 -14.17 -31.60 35.88
C ILE D 196 -15.20 -32.58 35.34
N SER D 197 -14.75 -33.80 35.06
CA SER D 197 -15.54 -34.88 34.43
C SER D 197 -16.11 -34.45 33.07
N ASN D 198 -15.37 -33.57 32.38
CA ASN D 198 -15.72 -33.17 31.02
C ASN D 198 -14.40 -32.95 30.28
N SER D 199 -13.96 -33.98 29.55
CA SER D 199 -12.75 -33.91 28.75
C SER D 199 -13.12 -34.13 27.30
N TYR D 200 -12.41 -33.45 26.41
CA TYR D 200 -12.76 -33.44 24.98
C TYR D 200 -11.57 -33.83 24.14
N ALA D 201 -11.85 -34.39 22.98
CA ALA D 201 -10.87 -35.18 22.25
C ALA D 201 -9.95 -34.29 21.45
N GLU D 202 -8.65 -34.42 21.70
CA GLU D 202 -7.66 -33.51 21.15
C GLU D 202 -6.48 -34.28 20.56
N MET D 203 -6.02 -33.86 19.38
CA MET D 203 -4.78 -34.38 18.77
C MET D 203 -3.92 -33.23 18.24
N LYS D 204 -2.84 -32.90 18.95
CA LYS D 204 -2.02 -31.75 18.57
C LYS D 204 -1.08 -32.14 17.45
N PHE D 205 -0.84 -31.20 16.53
CA PHE D 205 0.10 -31.38 15.43
C PHE D 205 1.08 -30.23 15.40
N TYR D 206 2.31 -30.47 15.83
CA TYR D 206 3.34 -29.45 15.77
C TYR D 206 4.09 -29.52 14.44
N VAL D 207 3.75 -28.62 13.54
CA VAL D 207 4.49 -28.44 12.31
C VAL D 207 5.57 -27.39 12.58
N ILE D 208 6.83 -27.76 12.39
CA ILE D 208 7.93 -26.84 12.64
C ILE D 208 8.58 -26.47 11.32
N ILE D 209 8.64 -25.16 11.06
CA ILE D 209 8.97 -24.61 9.76
C ILE D 209 10.15 -23.64 9.84
N ARG D 210 11.02 -23.69 8.83
CA ARG D 210 12.20 -22.83 8.77
C ARG D 210 12.14 -21.89 7.57
N ARG D 211 12.52 -20.63 7.78
CA ARG D 211 12.57 -19.67 6.69
C ARG D 211 13.83 -19.92 5.86
N ARG D 212 13.80 -19.51 4.59
CA ARG D 212 14.98 -19.62 3.75
C ARG D 212 15.68 -18.27 3.68
N PRO D 213 16.83 -18.11 4.32
CA PRO D 213 17.52 -16.80 4.49
C PRO D 213 18.27 -16.35 3.25
N LEU D 214 17.53 -16.07 2.17
CA LEU D 214 18.14 -15.62 0.94
C LEU D 214 17.63 -14.25 0.51
N PHE D 215 16.31 -14.03 0.52
CA PHE D 215 15.78 -12.72 0.22
C PHE D 215 16.24 -11.66 1.21
N TYR D 216 16.39 -12.05 2.47
CA TYR D 216 16.79 -11.09 3.47
C TYR D 216 18.29 -10.93 3.59
N ALA D 217 19.06 -11.70 2.82
CA ALA D 217 20.51 -11.48 2.80
C ALA D 217 20.79 -10.26 1.94
N VAL D 218 20.48 -10.37 0.64
CA VAL D 218 20.69 -9.29 -0.34
C VAL D 218 19.99 -7.99 0.08
N SER D 219 18.73 -8.09 0.53
CA SER D 219 17.97 -6.90 0.87
C SER D 219 18.47 -6.19 2.12
N LEU D 220 19.35 -6.82 2.90
CA LEU D 220 19.86 -6.18 4.11
C LEU D 220 21.36 -5.91 4.02
N LEU D 221 22.19 -6.94 3.84
CA LEU D 221 23.62 -6.74 4.01
C LEU D 221 24.27 -6.11 2.79
N LEU D 222 23.76 -6.41 1.59
CA LEU D 222 24.40 -5.91 0.36
C LEU D 222 24.42 -4.39 0.26
N PRO D 223 23.32 -3.63 0.44
CA PRO D 223 23.47 -2.18 0.45
C PRO D 223 24.23 -1.70 1.67
N SER D 224 24.12 -2.44 2.78
CA SER D 224 24.80 -2.06 4.01
C SER D 224 26.31 -2.12 3.84
N ILE D 225 26.84 -3.23 3.32
CA ILE D 225 28.29 -3.33 3.13
C ILE D 225 28.71 -2.40 2.01
N PHE D 226 27.80 -2.11 1.09
CA PHE D 226 28.02 -1.13 0.04
C PHE D 226 28.26 0.23 0.68
N LEU D 227 27.39 0.61 1.62
CA LEU D 227 27.56 1.87 2.32
C LEU D 227 28.86 1.89 3.13
N MET D 228 29.35 0.71 3.55
CA MET D 228 30.67 0.64 4.17
C MET D 228 31.79 0.89 3.19
N VAL D 229 31.77 0.20 2.05
CA VAL D 229 32.90 0.35 1.12
C VAL D 229 32.94 1.74 0.48
N VAL D 230 31.80 2.44 0.37
CA VAL D 230 31.90 3.82 -0.12
C VAL D 230 32.52 4.75 0.90
N ASP D 231 32.25 4.55 2.20
CA ASP D 231 32.83 5.43 3.21
C ASP D 231 34.35 5.25 3.36
N ILE D 232 34.85 4.00 3.26
CA ILE D 232 36.30 3.76 3.37
C ILE D 232 37.05 4.51 2.28
N VAL D 233 36.48 4.56 1.08
CA VAL D 233 37.01 5.40 0.02
C VAL D 233 36.93 6.87 0.42
N GLY D 234 35.88 7.25 1.14
CA GLY D 234 35.68 8.62 1.57
C GLY D 234 36.66 9.13 2.62
N PHE D 235 37.22 8.23 3.43
CA PHE D 235 38.20 8.66 4.43
C PHE D 235 39.43 9.27 3.79
N CYS D 236 39.77 8.84 2.57
CA CYS D 236 40.93 9.38 1.87
C CYS D 236 40.76 10.84 1.46
N LEU D 237 39.54 11.37 1.44
CA LEU D 237 39.31 12.78 1.13
C LEU D 237 39.93 13.66 2.22
N PRO D 238 40.76 14.64 1.86
CA PRO D 238 41.39 15.51 2.86
C PRO D 238 40.39 16.40 3.58
N PRO D 239 40.49 16.48 4.92
CA PRO D 239 39.59 17.35 5.70
C PRO D 239 39.71 18.84 5.45
N ASP D 240 40.88 19.35 5.07
CA ASP D 240 41.04 20.81 4.92
C ASP D 240 40.28 21.33 3.71
N SER D 241 40.19 20.50 2.67
CA SER D 241 39.53 20.85 1.41
C SER D 241 38.08 21.32 1.58
N GLY D 242 37.44 20.98 2.71
CA GLY D 242 36.09 21.40 3.00
C GLY D 242 35.00 20.41 2.64
N GLU D 243 35.24 19.54 1.67
CA GLU D 243 34.29 18.51 1.27
C GLU D 243 34.15 17.39 2.29
N ARG D 244 34.97 17.37 3.33
CA ARG D 244 35.03 16.26 4.28
C ARG D 244 33.71 15.95 4.97
N VAL D 245 33.01 16.96 5.46
CA VAL D 245 31.71 16.68 6.06
C VAL D 245 30.67 16.42 4.96
N SER D 246 30.78 17.15 3.83
CA SER D 246 29.83 17.05 2.72
C SER D 246 29.75 15.64 2.15
N PHE D 247 30.85 14.90 2.16
CA PHE D 247 30.78 13.48 1.86
C PHE D 247 29.93 12.74 2.87
N LYS D 248 30.38 12.75 4.12
CA LYS D 248 29.82 11.91 5.17
C LYS D 248 28.40 12.28 5.56
N ILE D 249 28.08 13.57 5.55
CA ILE D 249 26.76 14.01 5.97
C ILE D 249 25.69 13.51 5.01
N THR D 250 25.94 13.63 3.71
CA THR D 250 25.04 13.08 2.72
C THR D 250 24.98 11.57 2.87
N LEU D 251 26.13 10.95 3.18
CA LEU D 251 26.20 9.52 3.41
C LEU D 251 25.41 9.13 4.66
N LEU D 252 25.57 9.88 5.76
CA LEU D 252 24.78 9.62 6.96
C LEU D 252 23.30 9.86 6.70
N LEU D 253 22.99 10.89 5.91
CA LEU D 253 21.61 11.10 5.49
C LEU D 253 21.12 9.91 4.68
N GLY D 254 21.95 9.42 3.76
CA GLY D 254 21.59 8.27 2.95
C GLY D 254 21.38 7.04 3.80
N TYR D 255 22.18 6.89 4.84
CA TYR D 255 22.02 5.78 5.77
C TYR D 255 20.79 5.96 6.64
N SER D 256 20.41 7.22 6.92
CA SER D 256 19.23 7.50 7.73
C SER D 256 17.95 7.07 7.00
N VAL D 257 17.74 7.51 5.76
CA VAL D 257 16.55 7.06 5.05
C VAL D 257 16.64 5.58 4.69
N PHE D 258 17.85 5.04 4.55
CA PHE D 258 18.00 3.61 4.28
C PHE D 258 17.43 2.79 5.44
N LEU D 259 17.79 3.15 6.68
CA LEU D 259 17.28 2.40 7.82
C LEU D 259 15.80 2.64 8.07
N ILE D 260 15.26 3.77 7.60
CA ILE D 260 13.84 4.04 7.74
C ILE D 260 13.02 3.23 6.73
N ILE D 261 13.55 3.04 5.52
CA ILE D 261 12.84 2.21 4.54
C ILE D 261 12.85 0.75 4.96
N VAL D 262 13.99 0.25 5.44
CA VAL D 262 14.07 -1.16 5.86
C VAL D 262 13.38 -1.40 7.19
N SER D 263 12.95 -0.34 7.88
CA SER D 263 12.20 -0.44 9.12
C SER D 263 10.83 -1.08 8.89
N ASP D 264 10.31 -1.02 7.66
CA ASP D 264 9.02 -1.64 7.34
C ASP D 264 9.19 -3.06 6.79
N THR D 265 10.34 -3.68 7.07
CA THR D 265 10.54 -5.09 6.75
C THR D 265 10.29 -5.92 8.00
N LEU D 266 11.02 -5.58 9.07
CA LEU D 266 10.81 -6.17 10.38
C LEU D 266 9.40 -5.87 10.85
N PRO D 267 8.72 -6.84 11.45
CA PRO D 267 7.32 -6.67 11.84
C PRO D 267 7.14 -5.82 13.10
N ALA D 268 5.87 -5.47 13.34
CA ALA D 268 5.42 -4.65 14.44
C ALA D 268 5.07 -5.47 15.67
N THR D 269 5.72 -6.62 15.83
CA THR D 269 5.53 -7.46 17.00
C THR D 269 5.89 -6.71 18.27
N ALA D 270 4.98 -6.73 19.24
CA ALA D 270 5.13 -6.02 20.50
C ALA D 270 5.86 -6.85 21.55
N ILE D 271 6.58 -7.89 21.12
CA ILE D 271 7.43 -8.68 22.00
C ILE D 271 8.79 -8.03 22.22
N GLY D 272 9.06 -6.89 21.59
CA GLY D 272 10.34 -6.24 21.65
C GLY D 272 10.98 -6.14 20.28
N THR D 273 12.26 -6.02 20.27
CA THR D 273 13.06 -5.87 19.06
C THR D 273 13.41 -7.25 18.48
N PRO D 274 13.63 -7.32 17.17
CA PRO D 274 14.41 -8.43 16.63
C PRO D 274 15.89 -8.27 16.99
N LEU D 275 16.60 -9.39 16.92
CA LEU D 275 18.03 -9.41 17.24
C LEU D 275 18.85 -8.72 16.15
N ILE D 276 18.33 -8.67 14.92
CA ILE D 276 19.07 -8.05 13.82
C ILE D 276 19.21 -6.55 13.95
N GLY D 277 18.45 -5.91 14.84
CA GLY D 277 18.70 -4.51 15.10
C GLY D 277 20.03 -4.32 15.80
N VAL D 278 20.42 -5.30 16.62
CA VAL D 278 21.74 -5.29 17.23
C VAL D 278 22.80 -5.46 16.15
N TYR D 279 22.55 -6.36 15.19
CA TYR D 279 23.50 -6.49 14.09
C TYR D 279 23.44 -5.30 13.12
N PHE D 280 22.62 -4.28 13.36
CA PHE D 280 22.49 -3.14 12.48
C PHE D 280 22.82 -1.82 13.18
N VAL D 281 22.30 -1.60 14.39
CA VAL D 281 22.60 -0.39 15.16
C VAL D 281 24.09 -0.31 15.55
N VAL D 282 24.79 -1.45 15.59
CA VAL D 282 26.25 -1.42 15.72
C VAL D 282 26.87 -0.71 14.52
N CYS D 283 26.41 -1.08 13.32
CA CYS D 283 26.84 -0.43 12.08
C CYS D 283 26.42 1.04 12.08
N MET D 284 25.22 1.32 12.57
CA MET D 284 24.73 2.68 12.73
C MET D 284 25.65 3.50 13.63
N ALA D 285 25.98 2.97 14.80
CA ALA D 285 26.89 3.62 15.73
C ALA D 285 28.30 3.74 15.16
N LEU D 286 28.68 2.83 14.26
CA LEU D 286 30.00 2.84 13.65
C LEU D 286 30.20 4.10 12.82
N LEU D 287 29.17 4.53 12.10
CA LEU D 287 29.24 5.75 11.31
C LEU D 287 29.30 6.99 12.18
N VAL D 288 28.66 6.95 13.36
CA VAL D 288 28.68 8.09 14.29
C VAL D 288 30.09 8.40 14.73
N ILE D 289 30.82 7.37 15.19
CA ILE D 289 32.18 7.60 15.65
C ILE D 289 33.08 7.96 14.48
N SER D 290 32.73 7.52 13.26
CA SER D 290 33.39 8.02 12.06
C SER D 290 33.09 9.51 11.88
N LEU D 291 31.82 9.88 12.02
CA LEU D 291 31.41 11.28 11.95
C LEU D 291 32.06 12.10 13.06
N ALA D 292 32.11 11.53 14.27
CA ALA D 292 32.76 12.18 15.40
C ALA D 292 34.24 12.42 15.12
N GLU D 293 34.87 11.47 14.44
CA GLU D 293 36.24 11.62 13.98
C GLU D 293 36.36 12.74 12.96
N THR D 294 35.42 12.76 12.02
CA THR D 294 35.42 13.71 10.90
C THR D 294 35.40 15.16 11.33
N ILE D 295 34.46 15.53 12.20
CA ILE D 295 34.37 16.93 12.62
C ILE D 295 35.51 17.30 13.55
N PHE D 296 36.04 16.32 14.26
CA PHE D 296 37.14 16.52 15.19
C PHE D 296 38.38 16.97 14.44
N ILE D 297 38.72 16.24 13.38
CA ILE D 297 39.90 16.62 12.61
C ILE D 297 39.65 17.94 11.87
N VAL D 298 38.40 18.25 11.51
CA VAL D 298 38.12 19.55 10.89
C VAL D 298 38.11 20.65 11.95
N ARG D 299 37.86 20.29 13.21
CA ARG D 299 37.97 21.25 14.29
C ARG D 299 39.42 21.56 14.62
N LEU D 300 40.30 20.57 14.47
CA LEU D 300 41.73 20.76 14.72
C LEU D 300 42.35 21.74 13.72
N VAL D 301 42.33 21.38 12.45
CA VAL D 301 42.94 22.17 11.38
C VAL D 301 41.95 23.13 10.72
N HIS D 302 42.27 24.42 10.81
CA HIS D 302 41.53 25.56 10.25
C HIS D 302 42.41 26.79 10.42
N LYS D 303 42.10 27.82 9.65
CA LYS D 303 42.85 29.09 9.72
C LYS D 303 41.97 30.06 10.49
N GLN D 304 42.15 30.11 11.81
CA GLN D 304 41.35 31.02 12.63
C GLN D 304 42.19 32.04 13.37
N ASP D 305 43.49 32.15 13.06
CA ASP D 305 44.42 33.12 13.69
C ASP D 305 44.52 32.92 15.21
N LEU D 306 44.69 31.66 15.64
CA LEU D 306 44.73 31.25 17.04
C LEU D 306 45.97 30.43 17.38
N GLN D 307 45.93 29.83 18.58
CA GLN D 307 47.01 29.16 19.29
C GLN D 307 47.92 28.22 18.50
N ARG D 308 49.18 28.21 18.93
CA ARG D 308 50.30 27.43 18.43
C ARG D 308 50.26 26.05 19.07
N PRO D 309 50.78 25.03 18.38
CA PRO D 309 50.81 23.66 18.95
C PRO D 309 51.71 23.53 20.17
N VAL D 310 51.12 23.05 21.26
CA VAL D 310 51.82 22.83 22.53
C VAL D 310 52.83 21.69 22.36
N PRO D 311 54.07 21.88 22.82
CA PRO D 311 55.12 20.85 22.64
C PRO D 311 54.81 19.50 23.25
N ASP D 312 54.11 19.47 24.40
CA ASP D 312 53.77 18.22 25.08
C ASP D 312 52.98 17.30 24.16
N TRP D 313 52.05 17.84 23.40
CA TRP D 313 51.29 17.05 22.47
C TRP D 313 51.90 17.10 21.07
N LEU D 314 53.02 17.82 20.91
CA LEU D 314 53.75 17.76 19.65
C LEU D 314 54.69 16.57 19.63
N ARG D 315 55.35 16.28 20.75
CA ARG D 315 56.21 15.10 20.81
C ARG D 315 55.38 13.83 20.82
N HIS D 316 54.20 13.88 21.46
CA HIS D 316 53.35 12.71 21.52
C HIS D 316 52.72 12.40 20.16
N LEU D 317 52.54 13.40 19.31
CA LEU D 317 51.85 13.21 18.03
C LEU D 317 52.78 13.37 16.84
N VAL D 318 53.43 14.52 16.68
CA VAL D 318 54.26 14.77 15.50
C VAL D 318 55.57 14.00 15.53
N LEU D 319 55.95 13.44 16.68
CA LEU D 319 57.21 12.71 16.82
C LEU D 319 56.97 11.24 17.13
N ASP D 320 56.26 10.93 18.23
CA ASP D 320 56.06 9.54 18.63
C ASP D 320 55.06 8.84 17.73
N ARG D 321 53.87 9.44 17.56
CA ARG D 321 52.82 8.84 16.75
C ARG D 321 53.16 8.83 15.27
N ILE D 322 54.09 9.68 14.83
CA ILE D 322 54.51 9.69 13.43
C ILE D 322 55.35 8.45 13.14
N ALA D 323 56.23 8.08 14.06
CA ALA D 323 57.03 6.86 13.89
C ALA D 323 56.19 5.61 14.02
N TRP D 324 55.18 5.63 14.90
CA TRP D 324 54.31 4.47 15.08
C TRP D 324 53.43 4.24 13.86
N ILE D 325 52.99 5.31 13.19
CA ILE D 325 52.13 5.13 12.03
C ILE D 325 52.94 4.85 10.77
N LEU D 326 54.16 5.41 10.65
CA LEU D 326 54.99 5.19 9.47
C LEU D 326 55.47 3.75 9.39
N CYS D 327 55.67 3.09 10.52
CA CYS D 327 56.13 1.71 10.53
C CYS D 327 54.96 0.73 10.58
N VAL D 392 70.43 61.70 6.78
CA VAL D 392 69.63 60.65 7.39
C VAL D 392 68.24 60.66 6.79
N ARG D 393 67.71 59.49 6.46
CA ARG D 393 66.38 59.38 5.86
C ARG D 393 65.47 58.51 6.72
N GLY D 394 64.19 58.89 6.77
CA GLY D 394 63.25 58.16 7.57
C GLY D 394 62.49 57.07 6.85
N LEU D 395 63.11 56.47 5.83
CA LEU D 395 62.47 55.39 5.11
C LEU D 395 62.50 54.09 5.89
N LEU D 396 63.42 53.97 6.84
CA LEU D 396 63.60 52.71 7.56
C LEU D 396 62.43 52.43 8.49
N GLN D 397 61.77 53.45 9.04
CA GLN D 397 60.69 53.20 9.98
C GLN D 397 59.45 52.65 9.29
N GLU D 398 59.31 52.87 7.99
CA GLU D 398 58.18 52.32 7.25
C GLU D 398 58.48 50.92 6.73
N LEU D 399 59.69 50.73 6.20
CA LEU D 399 60.10 49.42 5.69
C LEU D 399 60.13 48.40 6.82
N SER D 400 60.48 48.85 8.02
CA SER D 400 60.41 47.99 9.20
C SER D 400 58.97 47.57 9.48
N SER D 401 58.01 48.46 9.26
CA SER D 401 56.62 48.12 9.53
C SER D 401 56.05 47.09 8.55
N ILE D 402 56.39 47.19 7.26
CA ILE D 402 55.80 46.29 6.26
C ILE D 402 56.19 44.84 6.48
N ARG D 403 57.47 44.53 6.68
CA ARG D 403 57.86 43.14 6.96
C ARG D 403 57.28 42.65 8.28
N HIS D 404 57.19 43.55 9.27
CA HIS D 404 56.59 43.23 10.55
C HIS D 404 55.15 42.76 10.34
N PHE D 405 54.40 43.51 9.54
CA PHE D 405 53.05 43.06 9.16
C PHE D 405 53.13 41.80 8.31
N LEU D 406 54.12 41.73 7.41
CA LEU D 406 54.28 40.60 6.51
C LEU D 406 54.58 39.31 7.25
N GLU D 407 55.51 39.34 8.19
CA GLU D 407 55.86 38.11 8.88
C GLU D 407 54.74 37.62 9.78
N LYS D 408 53.83 38.50 10.19
CA LYS D 408 52.65 38.10 10.95
C LYS D 408 51.77 37.17 10.13
N ARG D 409 51.62 37.46 8.85
CA ARG D 409 50.90 36.53 7.99
C ARG D 409 51.74 35.28 7.77
N ASP D 410 53.05 35.44 7.58
CA ASP D 410 53.91 34.29 7.43
C ASP D 410 53.92 33.43 8.70
N GLU D 411 53.90 34.08 9.88
CA GLU D 411 53.83 33.33 11.13
C GLU D 411 52.49 32.63 11.29
N MET D 412 51.38 33.32 11.01
CA MET D 412 50.11 32.58 11.03
C MET D 412 50.11 31.49 9.98
N ARG D 413 50.81 31.70 8.86
CA ARG D 413 51.01 30.61 7.89
C ARG D 413 51.85 29.51 8.53
N GLU D 414 52.84 29.88 9.37
CA GLU D 414 53.63 28.90 10.09
C GLU D 414 52.72 28.11 11.03
N VAL D 415 51.76 28.83 11.64
CA VAL D 415 50.72 28.19 12.43
C VAL D 415 49.88 27.29 11.53
N ALA D 416 49.52 27.79 10.33
CA ALA D 416 48.75 26.97 9.39
C ALA D 416 49.50 25.71 8.95
N ARG D 417 50.83 25.77 8.80
CA ARG D 417 51.58 24.59 8.40
C ARG D 417 51.63 23.50 9.46
N ASP D 418 51.94 23.85 10.72
CA ASP D 418 52.12 22.82 11.74
C ASP D 418 50.82 22.15 12.17
N TRP D 419 49.75 22.93 12.36
CA TRP D 419 48.47 22.33 12.75
C TRP D 419 47.93 21.42 11.65
N LEU D 420 48.17 21.77 10.39
CA LEU D 420 47.84 20.91 9.27
C LEU D 420 48.68 19.64 9.27
N ARG D 421 49.97 19.77 9.62
CA ARG D 421 50.91 18.64 9.66
C ARG D 421 50.48 17.55 10.63
N VAL D 422 50.20 17.92 11.87
CA VAL D 422 49.75 16.96 12.87
C VAL D 422 48.45 16.29 12.45
N GLY D 423 47.48 17.09 11.96
CA GLY D 423 46.18 16.57 11.56
C GLY D 423 46.19 15.45 10.55
N TYR D 424 47.04 15.54 9.52
CA TYR D 424 47.11 14.48 8.51
C TYR D 424 47.69 13.20 9.09
N VAL D 425 48.74 13.31 9.90
CA VAL D 425 49.26 12.14 10.59
C VAL D 425 48.15 11.60 11.49
N LEU D 426 47.48 12.50 12.23
CA LEU D 426 46.32 12.13 13.03
C LEU D 426 45.20 11.54 12.18
N ASP D 427 44.95 12.11 11.00
CA ASP D 427 43.93 11.56 10.11
C ASP D 427 44.31 10.15 9.66
N ARG D 428 45.57 9.94 9.28
CA ARG D 428 46.01 8.63 8.82
C ARG D 428 46.00 7.58 9.94
N LEU D 429 46.49 7.95 11.14
CA LEU D 429 46.51 7.00 12.26
C LEU D 429 45.08 6.60 12.66
N LEU D 430 44.18 7.57 12.80
CA LEU D 430 42.78 7.27 13.10
C LEU D 430 42.11 6.53 11.94
N PHE D 431 42.59 6.73 10.71
CA PHE D 431 42.11 5.95 9.57
C PHE D 431 42.50 4.48 9.67
N ARG D 432 43.75 4.19 10.07
CA ARG D 432 44.23 2.83 10.21
C ARG D 432 43.38 2.00 11.16
N ILE D 433 43.07 2.53 12.34
CA ILE D 433 42.28 1.80 13.33
C ILE D 433 40.88 1.44 12.80
N TYR D 434 40.19 2.39 12.15
CA TYR D 434 38.83 2.11 11.67
C TYR D 434 38.77 0.99 10.62
N LEU D 435 39.69 0.99 9.63
CA LEU D 435 39.66 -0.07 8.62
C LEU D 435 39.92 -1.43 9.27
N LEU D 436 40.88 -1.48 10.20
CA LEU D 436 41.13 -2.72 10.91
C LEU D 436 39.92 -3.14 11.73
N ALA D 437 39.20 -2.17 12.31
CA ALA D 437 38.01 -2.46 13.09
C ALA D 437 36.89 -3.07 12.26
N VAL D 438 36.60 -2.49 11.09
CA VAL D 438 35.54 -3.03 10.23
C VAL D 438 35.91 -4.41 9.69
N LEU D 439 37.16 -4.59 9.25
CA LEU D 439 37.60 -5.89 8.75
C LEU D 439 37.53 -6.95 9.85
N ALA D 440 37.88 -6.58 11.08
CA ALA D 440 37.73 -7.49 12.20
C ALA D 440 36.24 -7.73 12.47
N TYR D 441 35.45 -6.66 12.40
CA TYR D 441 34.00 -6.78 12.52
C TYR D 441 33.43 -7.64 11.39
N SER D 442 33.98 -7.49 10.18
CA SER D 442 33.53 -8.29 9.04
C SER D 442 33.88 -9.76 9.20
N ILE D 443 35.07 -10.05 9.75
CA ILE D 443 35.47 -11.44 9.91
C ILE D 443 34.61 -12.11 10.98
N THR D 444 34.08 -11.33 11.93
CA THR D 444 33.10 -11.84 12.89
C THR D 444 31.79 -12.15 12.20
N LEU D 445 31.39 -11.30 11.24
CA LEU D 445 30.16 -11.50 10.49
C LEU D 445 30.18 -12.79 9.69
N VAL D 446 31.27 -13.05 8.96
CA VAL D 446 31.29 -14.22 8.10
C VAL D 446 31.49 -15.51 8.89
N THR D 447 32.20 -15.46 10.03
CA THR D 447 32.31 -16.66 10.85
C THR D 447 30.98 -17.00 11.52
N LEU D 448 30.13 -16.00 11.78
CA LEU D 448 28.78 -16.27 12.27
C LEU D 448 27.89 -16.80 11.16
N TRP D 449 28.06 -16.30 9.93
CA TRP D 449 27.31 -16.80 8.80
C TRP D 449 27.65 -18.25 8.46
N SER D 450 28.89 -18.67 8.74
CA SER D 450 29.28 -20.04 8.45
C SER D 450 28.76 -21.02 9.50
N ILE D 451 28.72 -20.60 10.76
CA ILE D 451 28.29 -21.49 11.84
C ILE D 451 26.77 -21.65 11.80
N THR E 1 -50.04 -39.19 -23.70
CA THR E 1 -50.67 -37.87 -23.75
C THR E 1 -49.82 -36.89 -24.54
N GLN E 2 -50.31 -35.67 -24.70
CA GLN E 2 -49.56 -34.70 -25.49
C GLN E 2 -49.32 -33.30 -24.90
N PRO E 3 -48.92 -33.11 -23.63
CA PRO E 3 -48.71 -31.73 -23.19
C PRO E 3 -47.43 -31.09 -23.71
N ALA E 4 -46.32 -31.83 -23.73
CA ALA E 4 -45.00 -31.33 -24.12
C ALA E 4 -43.96 -32.44 -24.19
N LEU E 5 -42.71 -32.05 -24.45
CA LEU E 5 -41.53 -32.85 -24.09
C LEU E 5 -41.38 -33.05 -22.58
N LEU E 6 -42.14 -32.27 -21.79
CA LEU E 6 -42.18 -32.33 -20.33
C LEU E 6 -42.48 -33.73 -19.81
N ARG E 7 -43.27 -34.51 -20.56
CA ARG E 7 -43.53 -35.90 -20.21
C ARG E 7 -42.23 -36.68 -20.04
N LEU E 8 -41.35 -36.59 -21.03
CA LEU E 8 -40.06 -37.26 -20.99
C LEU E 8 -39.28 -36.83 -19.76
N SER E 9 -39.21 -35.50 -19.54
CA SER E 9 -38.50 -34.91 -18.41
C SER E 9 -38.93 -35.48 -17.07
N ASP E 10 -40.23 -35.72 -16.90
CA ASP E 10 -40.69 -36.38 -15.68
C ASP E 10 -40.25 -37.82 -15.64
N HIS E 11 -40.64 -38.58 -16.67
CA HIS E 11 -40.49 -40.02 -16.76
C HIS E 11 -39.05 -40.48 -16.51
N LEU E 12 -38.08 -39.72 -17.02
CA LEU E 12 -36.68 -40.05 -16.76
C LEU E 12 -36.32 -39.69 -15.33
N LEU E 13 -36.68 -38.50 -14.87
CA LEU E 13 -36.23 -37.97 -13.60
C LEU E 13 -37.22 -38.23 -12.48
N ALA E 14 -38.22 -39.09 -12.70
CA ALA E 14 -39.19 -39.43 -11.65
C ALA E 14 -38.48 -40.05 -10.46
N ASN E 15 -37.82 -41.19 -10.66
CA ASN E 15 -37.13 -41.90 -9.59
C ASN E 15 -35.61 -41.80 -9.69
N TYR E 16 -35.10 -40.92 -10.56
CA TYR E 16 -33.65 -40.78 -10.78
C TYR E 16 -32.97 -40.22 -9.53
N LYS E 17 -32.16 -41.03 -8.88
CA LYS E 17 -31.38 -40.60 -7.72
C LYS E 17 -30.01 -40.10 -8.14
N LYS E 18 -29.72 -38.84 -7.82
CA LYS E 18 -28.47 -38.22 -8.24
C LYS E 18 -27.29 -38.62 -7.38
N GLY E 19 -27.50 -39.46 -6.36
CA GLY E 19 -26.45 -39.85 -5.46
C GLY E 19 -25.64 -41.07 -5.86
N VAL E 20 -26.24 -42.02 -6.54
CA VAL E 20 -25.58 -43.27 -6.92
C VAL E 20 -24.88 -43.06 -8.26
N ARG E 21 -23.69 -43.66 -8.41
CA ARG E 21 -22.96 -43.53 -9.66
C ARG E 21 -23.75 -44.16 -10.82
N PRO E 22 -24.00 -43.43 -11.90
CA PRO E 22 -24.89 -43.89 -12.97
C PRO E 22 -24.39 -45.00 -13.87
N VAL E 23 -24.38 -46.26 -13.44
CA VAL E 23 -24.03 -47.39 -14.31
C VAL E 23 -24.91 -48.58 -14.02
N ARG E 24 -25.36 -49.25 -15.09
CA ARG E 24 -26.13 -50.47 -14.93
C ARG E 24 -25.22 -51.60 -14.47
N ASP E 25 -24.01 -51.68 -15.01
CA ASP E 25 -22.97 -52.58 -14.50
C ASP E 25 -21.99 -51.75 -13.69
N TRP E 26 -21.89 -52.06 -12.39
CA TRP E 26 -21.06 -51.26 -11.50
C TRP E 26 -19.57 -51.38 -11.77
N ARG E 27 -19.11 -52.42 -12.43
CA ARG E 27 -17.68 -52.52 -12.73
C ARG E 27 -17.23 -51.64 -13.88
N LYS E 28 -18.13 -51.24 -14.77
CA LYS E 28 -17.74 -50.42 -15.91
C LYS E 28 -17.48 -48.99 -15.43
N PRO E 29 -16.30 -48.44 -15.67
CA PRO E 29 -16.01 -47.08 -15.22
C PRO E 29 -16.69 -46.03 -16.08
N THR E 30 -17.02 -44.91 -15.44
CA THR E 30 -17.60 -43.77 -16.12
C THR E 30 -16.46 -42.89 -16.60
N THR E 31 -16.36 -42.73 -17.91
CA THR E 31 -15.25 -42.00 -18.49
C THR E 31 -15.67 -40.55 -18.68
N VAL E 32 -14.89 -39.64 -18.10
CA VAL E 32 -15.16 -38.20 -18.17
C VAL E 32 -14.17 -37.57 -19.14
N SER E 33 -14.70 -37.11 -20.26
CA SER E 33 -13.93 -36.37 -21.25
C SER E 33 -13.80 -34.92 -20.83
N ILE E 34 -12.57 -34.43 -20.74
CA ILE E 34 -12.31 -33.09 -20.27
C ILE E 34 -11.80 -32.26 -21.44
N ASP E 35 -12.03 -30.95 -21.38
CA ASP E 35 -11.61 -30.00 -22.41
C ASP E 35 -11.31 -28.67 -21.75
N VAL E 36 -10.22 -28.03 -22.17
CA VAL E 36 -9.75 -26.78 -21.56
C VAL E 36 -9.58 -25.71 -22.62
N ILE E 37 -10.15 -24.53 -22.36
CA ILE E 37 -9.77 -23.34 -23.10
C ILE E 37 -9.30 -22.37 -22.04
N MET E 38 -8.02 -21.98 -22.09
CA MET E 38 -7.52 -21.05 -21.09
C MET E 38 -7.91 -19.65 -21.53
N TYR E 39 -8.71 -18.96 -20.73
CA TYR E 39 -9.22 -17.67 -21.15
C TYR E 39 -8.31 -16.48 -20.82
N ALA E 40 -7.76 -16.40 -19.61
CA ALA E 40 -6.96 -15.24 -19.26
C ALA E 40 -6.02 -15.49 -18.10
N ILE E 41 -4.85 -14.87 -18.17
CA ILE E 41 -3.88 -14.82 -17.10
C ILE E 41 -4.18 -13.59 -16.26
N LEU E 42 -4.73 -13.77 -15.05
CA LEU E 42 -5.09 -12.61 -14.26
C LEU E 42 -3.90 -11.92 -13.61
N ASN E 43 -3.16 -12.66 -12.79
CA ASN E 43 -2.08 -12.05 -12.04
C ASN E 43 -1.14 -13.16 -11.59
N VAL E 44 0.15 -12.90 -11.65
CA VAL E 44 1.12 -13.80 -11.03
C VAL E 44 1.60 -13.17 -9.74
N ASP E 45 1.61 -13.94 -8.66
CA ASP E 45 2.16 -13.48 -7.39
C ASP E 45 3.42 -14.29 -7.18
N GLU E 46 4.56 -13.69 -7.50
CA GLU E 46 5.83 -14.37 -7.36
C GLU E 46 6.18 -14.57 -5.89
N LYS E 47 5.65 -13.69 -5.03
CA LYS E 47 5.95 -13.71 -3.59
C LYS E 47 5.46 -15.01 -2.97
N ASN E 48 4.17 -15.29 -3.10
CA ASN E 48 3.59 -16.50 -2.56
C ASN E 48 3.64 -17.67 -3.53
N GLN E 49 4.11 -17.45 -4.76
CA GLN E 49 4.16 -18.45 -5.84
C GLN E 49 2.78 -19.05 -6.09
N VAL E 50 1.86 -18.20 -6.53
CA VAL E 50 0.50 -18.64 -6.83
C VAL E 50 0.00 -17.87 -8.05
N LEU E 51 -0.45 -18.63 -9.05
CA LEU E 51 -0.95 -18.10 -10.32
C LEU E 51 -2.48 -18.17 -10.35
N THR E 52 -3.13 -17.09 -10.75
CA THR E 52 -4.58 -17.05 -10.86
C THR E 52 -5.01 -16.88 -12.31
N THR E 53 -5.79 -17.84 -12.80
CA THR E 53 -6.25 -17.86 -14.19
C THR E 53 -7.76 -18.06 -14.25
N TYR E 54 -8.31 -17.83 -15.44
CA TYR E 54 -9.72 -18.08 -15.70
C TYR E 54 -9.82 -19.04 -16.88
N ILE E 55 -10.56 -20.13 -16.69
CA ILE E 55 -10.61 -21.22 -17.66
C ILE E 55 -12.05 -21.36 -18.16
N TRP E 56 -12.23 -21.60 -19.45
CA TRP E 56 -13.53 -22.01 -19.97
C TRP E 56 -13.45 -23.54 -20.01
N TYR E 57 -14.24 -24.20 -19.17
CA TYR E 57 -14.05 -25.61 -18.88
C TYR E 57 -15.25 -26.45 -19.32
N ARG E 58 -15.00 -27.71 -19.66
CA ARG E 58 -16.06 -28.59 -20.11
C ARG E 58 -15.97 -29.99 -19.54
N GLN E 59 -17.11 -30.63 -19.43
CA GLN E 59 -17.22 -32.00 -18.91
C GLN E 59 -18.12 -32.82 -19.81
N TYR E 60 -17.74 -34.06 -20.05
CA TYR E 60 -18.52 -34.98 -20.86
C TYR E 60 -18.49 -36.37 -20.23
N TRP E 61 -19.65 -36.92 -19.92
CA TRP E 61 -19.67 -38.29 -19.42
C TRP E 61 -20.94 -38.99 -19.90
N THR E 62 -21.07 -40.26 -19.52
CA THR E 62 -22.19 -41.09 -19.94
C THR E 62 -23.04 -41.54 -18.76
N ASP E 63 -24.31 -41.15 -18.77
CA ASP E 63 -25.31 -41.59 -17.80
C ASP E 63 -26.21 -42.64 -18.44
N GLU E 64 -25.98 -43.93 -18.12
CA GLU E 64 -26.74 -44.99 -18.77
C GLU E 64 -28.20 -45.04 -18.31
N PHE E 65 -28.56 -44.36 -17.23
CA PHE E 65 -29.93 -44.49 -16.77
C PHE E 65 -30.91 -43.56 -17.47
N LEU E 66 -30.47 -42.38 -17.91
CA LEU E 66 -31.41 -41.45 -18.52
C LEU E 66 -31.44 -41.57 -20.05
N GLN E 67 -31.19 -42.74 -20.60
CA GLN E 67 -31.20 -42.90 -22.04
C GLN E 67 -32.64 -43.16 -22.49
N TRP E 68 -32.97 -42.71 -23.70
CA TRP E 68 -34.30 -42.92 -24.23
C TRP E 68 -34.23 -43.00 -25.75
N THR E 69 -35.35 -43.31 -26.32
CA THR E 69 -35.48 -43.39 -27.76
C THR E 69 -36.11 -42.13 -28.31
N PRO E 70 -35.52 -41.57 -29.37
CA PRO E 70 -36.08 -40.37 -30.02
C PRO E 70 -37.54 -40.54 -30.43
N GLU E 71 -37.92 -41.73 -30.88
CA GLU E 71 -39.30 -41.98 -31.27
C GLU E 71 -40.21 -41.92 -30.05
N ASP E 72 -41.52 -41.80 -30.34
CA ASP E 72 -42.70 -41.63 -29.47
C ASP E 72 -42.52 -40.54 -28.40
N PHE E 73 -41.55 -39.64 -28.58
CA PHE E 73 -41.30 -38.53 -27.69
C PHE E 73 -41.22 -37.23 -28.46
N ASP E 74 -41.83 -37.24 -29.65
CA ASP E 74 -41.89 -36.14 -30.59
C ASP E 74 -40.49 -35.76 -31.09
N ASN E 75 -39.70 -36.79 -31.41
CA ASN E 75 -38.39 -36.69 -32.06
C ASN E 75 -37.42 -35.72 -31.40
N VAL E 76 -37.47 -35.62 -30.08
CA VAL E 76 -36.54 -34.73 -29.38
C VAL E 76 -35.17 -35.41 -29.28
N THR E 77 -34.13 -34.64 -29.56
CA THR E 77 -32.77 -35.16 -29.52
C THR E 77 -32.10 -34.87 -28.18
N LYS E 78 -31.99 -33.60 -27.82
CA LYS E 78 -31.36 -33.24 -26.56
C LYS E 78 -32.30 -32.42 -25.68
N LEU E 79 -31.99 -32.42 -24.38
CA LEU E 79 -32.83 -31.75 -23.40
C LEU E 79 -31.96 -31.13 -22.32
N SER E 80 -32.30 -29.92 -21.93
CA SER E 80 -31.61 -29.19 -20.87
C SER E 80 -32.25 -29.46 -19.51
N ILE E 81 -31.46 -29.94 -18.56
CA ILE E 81 -31.95 -30.24 -17.21
C ILE E 81 -31.04 -29.65 -16.13
N PRO E 82 -31.60 -29.24 -14.97
CA PRO E 82 -30.80 -28.66 -13.88
C PRO E 82 -29.64 -29.52 -13.38
N THR E 83 -28.46 -28.86 -13.21
CA THR E 83 -27.25 -29.53 -12.73
C THR E 83 -27.45 -30.23 -11.40
N ASP E 84 -28.14 -29.58 -10.47
CA ASP E 84 -28.26 -30.15 -9.14
C ASP E 84 -29.36 -31.20 -9.06
N SER E 85 -29.91 -31.63 -10.18
CA SER E 85 -30.86 -32.72 -10.22
C SER E 85 -30.25 -34.02 -10.74
N ILE E 86 -28.97 -34.01 -11.12
CA ILE E 86 -28.31 -35.21 -11.65
C ILE E 86 -26.93 -35.37 -11.04
N TRP E 87 -26.41 -36.60 -11.15
CA TRP E 87 -25.09 -36.94 -10.64
C TRP E 87 -23.99 -36.15 -11.34
N VAL E 88 -23.07 -35.58 -10.57
CA VAL E 88 -22.02 -34.78 -11.19
C VAL E 88 -20.68 -35.23 -10.63
N PRO E 89 -19.71 -35.52 -11.49
CA PRO E 89 -18.37 -35.88 -11.02
C PRO E 89 -17.69 -34.70 -10.34
N ASP E 90 -16.76 -35.01 -9.46
CA ASP E 90 -16.13 -34.04 -8.57
C ASP E 90 -14.77 -33.52 -9.07
N ILE E 91 -14.56 -33.44 -10.39
CA ILE E 91 -13.25 -33.03 -10.93
C ILE E 91 -12.84 -31.66 -10.41
N LEU E 92 -11.71 -31.62 -9.73
CA LEU E 92 -11.08 -30.41 -9.25
C LEU E 92 -9.57 -30.52 -9.53
N ILE E 93 -8.84 -29.54 -9.00
CA ILE E 93 -7.40 -29.43 -9.20
C ILE E 93 -6.65 -29.69 -7.90
N ASN E 94 -5.60 -30.51 -7.98
CA ASN E 94 -4.79 -30.80 -6.80
C ASN E 94 -4.02 -29.56 -6.35
N GLU E 95 -3.68 -28.67 -7.28
CA GLU E 95 -2.95 -27.46 -6.94
C GLU E 95 -3.81 -26.39 -6.27
N PHE E 96 -5.11 -26.66 -6.07
CA PHE E 96 -6.00 -25.72 -5.40
C PHE E 96 -5.51 -25.29 -4.04
N VAL E 97 -5.28 -23.99 -3.90
CA VAL E 97 -4.98 -23.40 -2.61
C VAL E 97 -6.05 -22.40 -2.19
N ASP E 98 -7.05 -22.17 -3.04
CA ASP E 98 -8.10 -21.22 -2.73
C ASP E 98 -9.29 -21.54 -3.63
N VAL E 99 -10.34 -20.72 -3.52
CA VAL E 99 -11.56 -20.87 -4.31
C VAL E 99 -11.92 -19.53 -4.94
N GLY E 100 -11.88 -19.46 -6.26
CA GLY E 100 -12.34 -18.25 -6.93
C GLY E 100 -13.84 -18.33 -7.14
N LYS E 101 -14.52 -17.21 -6.95
CA LYS E 101 -15.97 -17.17 -7.17
C LYS E 101 -16.22 -17.06 -8.66
N SER E 102 -16.87 -18.06 -9.22
CA SER E 102 -17.17 -18.23 -10.63
C SER E 102 -18.66 -18.44 -10.73
N PRO E 103 -19.31 -17.93 -11.79
CA PRO E 103 -20.77 -18.10 -11.93
C PRO E 103 -21.18 -19.58 -11.92
N ASN E 104 -22.24 -19.86 -11.21
CA ASN E 104 -22.74 -21.22 -11.08
C ASN E 104 -23.68 -21.43 -12.24
N ILE E 105 -23.41 -22.45 -13.05
CA ILE E 105 -24.23 -22.78 -14.21
C ILE E 105 -25.33 -23.74 -13.75
N PRO E 106 -26.58 -23.39 -13.90
CA PRO E 106 -27.67 -24.23 -13.38
C PRO E 106 -28.01 -25.43 -14.24
N TYR E 107 -27.74 -25.40 -15.55
CA TYR E 107 -28.20 -26.45 -16.46
C TYR E 107 -27.07 -27.21 -17.14
N VAL E 108 -27.39 -28.43 -17.57
CA VAL E 108 -26.54 -29.27 -18.41
C VAL E 108 -27.34 -29.87 -19.57
N TYR E 109 -26.60 -30.31 -20.58
CA TYR E 109 -27.13 -30.90 -21.81
C TYR E 109 -27.16 -32.43 -21.78
N VAL E 110 -28.36 -32.98 -21.95
CA VAL E 110 -28.58 -34.42 -22.03
C VAL E 110 -29.18 -34.77 -23.38
N HIS E 111 -28.54 -35.67 -24.13
CA HIS E 111 -29.12 -36.26 -25.33
C HIS E 111 -29.69 -37.62 -25.03
N HIS E 112 -30.38 -38.17 -26.03
CA HIS E 112 -31.17 -39.37 -25.90
C HIS E 112 -30.31 -40.62 -25.69
N ARG E 113 -29.02 -40.55 -25.98
CA ARG E 113 -28.13 -41.68 -25.75
C ARG E 113 -27.48 -41.63 -24.37
N GLY E 114 -27.89 -40.71 -23.52
CA GLY E 114 -27.48 -40.65 -22.14
C GLY E 114 -26.19 -39.91 -21.85
N GLU E 115 -25.62 -39.24 -22.83
CA GLU E 115 -24.41 -38.46 -22.62
C GLU E 115 -24.73 -37.11 -21.98
N VAL E 116 -24.08 -36.80 -20.87
CA VAL E 116 -24.27 -35.54 -20.19
C VAL E 116 -23.10 -34.61 -20.54
N GLN E 117 -23.44 -33.42 -21.03
CA GLN E 117 -22.48 -32.41 -21.46
C GLN E 117 -22.55 -31.24 -20.48
N ASN E 118 -21.47 -30.99 -19.75
CA ASN E 118 -21.44 -29.95 -18.71
C ASN E 118 -20.42 -28.88 -19.05
N TYR E 119 -20.93 -27.67 -19.30
CA TYR E 119 -20.09 -26.49 -19.48
C TYR E 119 -20.16 -25.64 -18.22
N LYS E 120 -19.01 -25.07 -17.82
CA LYS E 120 -18.94 -24.09 -16.72
C LYS E 120 -17.59 -23.39 -16.73
N PRO E 121 -17.57 -22.08 -16.59
CA PRO E 121 -16.28 -21.39 -16.42
C PRO E 121 -15.88 -21.36 -14.94
N LEU E 122 -14.59 -21.54 -14.67
CA LEU E 122 -14.08 -21.60 -13.31
C LEU E 122 -12.89 -20.70 -13.14
N GLN E 123 -12.82 -20.01 -11.99
CA GLN E 123 -11.65 -19.22 -11.60
C GLN E 123 -10.78 -19.99 -10.60
N LEU E 124 -9.59 -20.40 -11.04
CA LEU E 124 -8.67 -21.19 -10.24
C LEU E 124 -7.52 -20.31 -9.76
N VAL E 125 -7.45 -20.09 -8.45
CA VAL E 125 -6.30 -19.45 -7.82
C VAL E 125 -5.45 -20.58 -7.24
N THR E 126 -4.46 -21.00 -8.02
CA THR E 126 -3.63 -22.17 -7.76
C THR E 126 -2.14 -21.85 -7.64
N ALA E 127 -1.51 -22.57 -6.72
CA ALA E 127 -0.09 -22.45 -6.45
C ALA E 127 0.70 -23.12 -7.57
N CYS E 128 1.78 -22.46 -7.99
CA CYS E 128 2.63 -22.87 -9.10
C CYS E 128 4.09 -22.62 -8.79
N SER E 129 4.92 -23.60 -9.10
CA SER E 129 6.36 -23.48 -8.91
C SER E 129 6.92 -22.58 -10.01
N LEU E 130 7.37 -21.39 -9.63
CA LEU E 130 7.87 -20.39 -10.58
C LEU E 130 9.40 -20.33 -10.54
N ASP E 131 10.00 -20.07 -11.70
CA ASP E 131 11.44 -19.85 -11.84
C ASP E 131 11.63 -18.48 -12.47
N ILE E 132 12.02 -17.50 -11.66
CA ILE E 132 12.12 -16.11 -12.09
C ILE E 132 13.59 -15.76 -12.38
N TYR E 133 14.41 -16.77 -12.70
CA TYR E 133 15.84 -16.62 -12.96
C TYR E 133 16.19 -15.52 -13.97
N ASN E 134 15.74 -15.68 -15.21
CA ASN E 134 15.90 -14.63 -16.22
C ASN E 134 14.67 -13.74 -16.19
N PHE E 135 14.73 -12.70 -15.34
CA PHE E 135 13.55 -11.92 -14.98
C PHE E 135 12.83 -11.27 -16.17
N PRO E 136 13.49 -10.50 -17.08
CA PRO E 136 12.72 -9.95 -18.20
C PRO E 136 12.32 -11.02 -19.23
N PHE E 137 13.19 -11.98 -19.51
CA PHE E 137 12.93 -13.03 -20.51
C PHE E 137 12.73 -14.33 -19.77
N ASP E 138 11.52 -14.57 -19.31
CA ASP E 138 11.25 -15.82 -18.61
C ASP E 138 10.12 -16.57 -19.27
N VAL E 139 10.26 -17.89 -19.30
CA VAL E 139 9.16 -18.78 -19.62
C VAL E 139 8.80 -19.44 -18.30
N GLN E 140 7.51 -19.65 -18.08
CA GLN E 140 7.09 -20.22 -16.82
C GLN E 140 6.27 -21.46 -17.12
N ASN E 141 6.40 -22.47 -16.25
CA ASN E 141 5.83 -23.78 -16.49
C ASN E 141 4.99 -24.13 -15.28
N CYS E 142 3.67 -24.06 -15.43
CA CYS E 142 2.73 -24.30 -14.34
C CYS E 142 1.88 -25.52 -14.62
N SER E 143 1.69 -26.32 -13.58
CA SER E 143 0.96 -27.57 -13.66
C SER E 143 -0.49 -27.33 -13.27
N LEU E 144 -1.41 -27.97 -14.00
CA LEU E 144 -2.82 -27.99 -13.68
C LEU E 144 -3.21 -29.45 -13.66
N THR E 145 -3.26 -30.01 -12.46
CA THR E 145 -3.45 -31.44 -12.23
C THR E 145 -4.94 -31.68 -12.00
N PHE E 146 -5.63 -32.15 -13.03
CA PHE E 146 -7.05 -32.44 -12.95
C PHE E 146 -7.28 -33.83 -12.40
N THR E 147 -8.12 -33.95 -11.39
CA THR E 147 -8.42 -35.24 -10.80
C THR E 147 -9.82 -35.22 -10.22
N SER E 148 -10.46 -36.38 -10.25
CA SER E 148 -11.51 -36.67 -9.29
C SER E 148 -10.81 -36.83 -7.96
N TRP E 149 -11.30 -36.14 -6.93
CA TRP E 149 -10.54 -36.13 -5.70
C TRP E 149 -10.63 -37.43 -4.93
N LEU E 150 -11.61 -38.27 -5.22
CA LEU E 150 -11.66 -39.53 -4.51
C LEU E 150 -11.79 -40.76 -5.43
N HIS E 151 -12.60 -40.67 -6.48
CA HIS E 151 -12.97 -41.84 -7.28
C HIS E 151 -11.78 -42.52 -7.96
N THR E 152 -11.84 -43.85 -7.98
CA THR E 152 -10.85 -44.76 -8.53
C THR E 152 -10.92 -44.86 -10.06
N ILE E 153 -9.99 -45.66 -10.60
CA ILE E 153 -9.90 -45.87 -12.03
C ILE E 153 -11.01 -46.79 -12.51
N GLN E 154 -11.62 -47.54 -11.60
CA GLN E 154 -12.71 -48.41 -11.95
C GLN E 154 -14.04 -47.69 -11.89
N ASP E 155 -14.03 -46.44 -11.43
CA ASP E 155 -15.23 -45.64 -11.36
C ASP E 155 -15.15 -44.46 -12.31
N ILE E 156 -14.11 -43.65 -12.19
CA ILE E 156 -13.91 -42.46 -13.01
C ILE E 156 -12.54 -42.52 -13.69
N ASN E 157 -12.53 -42.36 -15.01
CA ASN E 157 -11.33 -42.35 -15.82
C ASN E 157 -11.35 -41.11 -16.70
N ILE E 158 -10.18 -40.52 -16.93
CA ILE E 158 -10.09 -39.21 -17.58
C ILE E 158 -9.54 -39.39 -18.99
N THR E 159 -10.21 -38.80 -19.96
CA THR E 159 -9.73 -38.80 -21.33
C THR E 159 -9.83 -37.38 -21.88
N LEU E 160 -9.15 -37.12 -22.99
CA LEU E 160 -9.38 -35.88 -23.71
C LEU E 160 -10.73 -35.90 -24.39
N TRP E 161 -11.26 -34.70 -24.63
CA TRP E 161 -12.49 -34.61 -25.41
C TRP E 161 -12.22 -34.53 -26.91
N ARG E 162 -11.10 -33.94 -27.31
CA ARG E 162 -10.71 -33.97 -28.72
C ARG E 162 -9.20 -34.17 -28.83
N SER E 163 -8.68 -34.00 -30.05
CA SER E 163 -7.30 -34.30 -30.36
C SER E 163 -6.35 -33.36 -29.62
N PRO E 164 -5.29 -33.88 -29.00
CA PRO E 164 -4.47 -33.08 -28.09
C PRO E 164 -3.59 -32.04 -28.75
N GLU E 165 -3.51 -32.01 -30.07
CA GLU E 165 -2.69 -30.99 -30.71
C GLU E 165 -3.43 -29.67 -30.87
N GLU E 166 -4.75 -29.71 -31.04
CA GLU E 166 -5.48 -28.46 -31.24
C GLU E 166 -5.56 -27.66 -29.95
N VAL E 167 -5.81 -28.33 -28.83
CA VAL E 167 -5.83 -27.66 -27.52
C VAL E 167 -4.46 -27.06 -27.21
N ARG E 168 -3.39 -27.70 -27.69
CA ARG E 168 -2.05 -27.13 -27.58
C ARG E 168 -1.97 -25.83 -28.35
N SER E 169 -2.40 -25.86 -29.60
CA SER E 169 -2.33 -24.72 -30.51
C SER E 169 -3.40 -23.69 -30.24
N ASP E 170 -4.35 -24.00 -29.35
CA ASP E 170 -5.52 -23.18 -29.08
C ASP E 170 -5.13 -21.83 -28.49
N LYS E 171 -5.22 -20.80 -29.32
CA LYS E 171 -5.03 -19.41 -28.94
C LYS E 171 -6.33 -18.66 -29.13
N SER E 172 -7.40 -19.41 -29.45
CA SER E 172 -8.74 -18.90 -29.58
C SER E 172 -9.25 -18.55 -28.20
N ILE E 173 -10.22 -17.64 -28.16
CA ILE E 173 -10.06 -16.34 -27.51
C ILE E 173 -9.31 -16.39 -26.20
N PHE E 174 -8.24 -15.61 -26.16
CA PHE E 174 -7.38 -15.34 -25.03
C PHE E 174 -7.10 -13.85 -25.13
N ILE E 175 -7.01 -13.18 -24.00
CA ILE E 175 -6.88 -11.75 -24.03
C ILE E 175 -5.40 -11.44 -24.04
N ASN E 176 -4.95 -10.85 -25.15
CA ASN E 176 -3.58 -10.39 -25.29
C ASN E 176 -3.50 -8.97 -24.71
N GLN E 177 -2.41 -8.27 -25.03
CA GLN E 177 -2.12 -6.92 -24.57
C GLN E 177 -2.00 -6.85 -23.04
N GLY E 178 -1.74 -7.99 -22.41
CA GLY E 178 -1.61 -8.08 -20.97
C GLY E 178 -0.17 -8.34 -20.57
N GLU E 179 -0.01 -8.70 -19.29
CA GLU E 179 1.33 -8.95 -18.78
C GLU E 179 1.90 -10.26 -19.31
N TRP E 180 1.04 -11.21 -19.65
CA TRP E 180 1.50 -12.53 -20.09
C TRP E 180 0.99 -12.88 -21.48
N GLU E 181 1.81 -13.64 -22.22
CA GLU E 181 1.50 -14.09 -23.58
C GLU E 181 1.48 -15.61 -23.63
N LEU E 182 0.35 -16.19 -24.04
CA LEU E 182 0.18 -17.64 -24.12
C LEU E 182 0.97 -18.25 -25.28
N LEU E 183 1.84 -19.22 -24.97
CA LEU E 183 2.49 -19.95 -26.06
C LEU E 183 1.76 -21.25 -26.39
N GLU E 184 1.63 -22.17 -25.44
CA GLU E 184 0.90 -23.41 -25.67
C GLU E 184 0.41 -23.97 -24.34
N VAL E 185 -0.62 -24.82 -24.43
CA VAL E 185 -1.15 -25.58 -23.30
C VAL E 185 -0.98 -27.06 -23.60
N PHE E 186 0.03 -27.68 -23.00
CA PHE E 186 0.42 -29.06 -23.32
C PHE E 186 -0.29 -30.06 -22.42
N PRO E 187 -1.18 -30.89 -22.95
CA PRO E 187 -1.86 -31.91 -22.13
C PRO E 187 -1.05 -33.19 -21.99
N GLN E 188 -1.21 -33.84 -20.84
CA GLN E 188 -0.55 -35.12 -20.62
C GLN E 188 -1.34 -35.94 -19.61
N PHE E 189 -1.65 -37.18 -19.97
CA PHE E 189 -2.36 -38.11 -19.10
C PHE E 189 -1.40 -39.01 -18.33
N LYS E 190 -1.70 -39.26 -17.05
CA LYS E 190 -0.86 -40.13 -16.24
C LYS E 190 -1.69 -40.84 -15.17
N GLU E 191 -1.29 -42.06 -14.82
CA GLU E 191 -1.85 -42.78 -13.68
C GLU E 191 -1.00 -42.50 -12.45
N PHE E 192 -1.50 -41.69 -11.53
CA PHE E 192 -0.82 -41.54 -10.26
C PHE E 192 -1.38 -42.52 -9.24
N SER E 193 -0.50 -42.99 -8.35
CA SER E 193 -0.83 -44.01 -7.36
C SER E 193 0.00 -43.71 -6.12
N ILE E 194 -0.63 -43.06 -5.14
CA ILE E 194 0.07 -42.79 -3.89
C ILE E 194 0.12 -44.04 -3.03
N ASP E 195 -0.83 -44.95 -3.22
CA ASP E 195 -0.95 -46.14 -2.40
C ASP E 195 -0.95 -47.38 -3.29
N ILE E 196 -0.52 -48.51 -2.70
CA ILE E 196 -0.47 -49.75 -3.47
C ILE E 196 -1.88 -50.25 -3.72
N SER E 197 -2.14 -50.61 -4.98
CA SER E 197 -3.45 -51.02 -5.49
C SER E 197 -4.51 -49.93 -5.26
N ASN E 198 -4.08 -48.66 -5.28
CA ASN E 198 -4.99 -47.53 -5.19
C ASN E 198 -4.38 -46.42 -6.06
N SER E 199 -4.85 -46.33 -7.30
CA SER E 199 -4.41 -45.31 -8.23
C SER E 199 -5.61 -44.46 -8.63
N TYR E 200 -5.38 -43.17 -8.83
CA TYR E 200 -6.46 -42.22 -9.05
C TYR E 200 -6.21 -41.43 -10.32
N ALA E 201 -7.30 -40.99 -10.93
CA ALA E 201 -7.30 -40.58 -12.33
C ALA E 201 -6.78 -39.17 -12.48
N GLU E 202 -5.73 -39.01 -13.28
CA GLU E 202 -5.01 -37.75 -13.38
C GLU E 202 -4.77 -37.38 -14.84
N MET E 203 -4.98 -36.10 -15.18
CA MET E 203 -4.61 -35.57 -16.49
C MET E 203 -3.89 -34.22 -16.33
N LYS E 204 -2.58 -34.21 -16.53
CA LYS E 204 -1.79 -33.01 -16.29
C LYS E 204 -1.90 -32.08 -17.51
N PHE E 205 -1.93 -30.78 -17.24
CA PHE E 205 -1.95 -29.75 -18.28
C PHE E 205 -0.84 -28.75 -18.04
N TYR E 206 0.22 -28.82 -18.83
CA TYR E 206 1.29 -27.84 -18.72
C TYR E 206 1.03 -26.66 -19.64
N VAL E 207 0.57 -25.57 -19.05
CA VAL E 207 0.45 -24.30 -19.75
C VAL E 207 1.77 -23.56 -19.55
N ILE E 208 2.44 -23.21 -20.64
CA ILE E 208 3.73 -22.53 -20.55
C ILE E 208 3.56 -21.10 -21.09
N ILE E 209 3.91 -20.14 -20.25
CA ILE E 209 3.58 -18.73 -20.43
C ILE E 209 4.83 -17.86 -20.41
N ARG E 210 4.87 -16.85 -21.29
CA ARG E 210 5.98 -15.93 -21.40
C ARG E 210 5.57 -14.51 -21.03
N ARG E 211 6.41 -13.80 -20.28
CA ARG E 211 6.14 -12.41 -19.95
C ARG E 211 6.49 -11.53 -21.15
N ARG E 212 5.88 -10.36 -21.22
CA ARG E 212 6.20 -9.41 -22.28
C ARG E 212 7.14 -8.35 -21.73
N PRO E 213 8.42 -8.37 -22.10
CA PRO E 213 9.47 -7.52 -21.52
C PRO E 213 9.45 -6.08 -22.02
N LEU E 214 8.38 -5.36 -21.70
CA LEU E 214 8.27 -3.97 -22.12
C LEU E 214 8.13 -3.02 -20.95
N PHE E 215 7.24 -3.32 -19.99
CA PHE E 215 7.14 -2.49 -18.79
C PHE E 215 8.42 -2.49 -17.98
N TYR E 216 9.14 -3.59 -17.98
CA TYR E 216 10.36 -3.66 -17.19
C TYR E 216 11.58 -3.18 -17.95
N ALA E 217 11.42 -2.80 -19.22
CA ALA E 217 12.54 -2.21 -19.93
C ALA E 217 12.68 -0.75 -19.48
N VAL E 218 11.65 0.05 -19.77
CA VAL E 218 11.60 1.47 -19.42
C VAL E 218 11.79 1.69 -17.92
N SER E 219 11.10 0.90 -17.09
CA SER E 219 11.17 1.08 -15.64
C SER E 219 12.52 0.73 -15.04
N LEU E 220 13.39 0.07 -15.79
CA LEU E 220 14.70 -0.30 -15.25
C LEU E 220 15.84 0.40 -15.98
N LEU E 221 15.98 0.19 -17.29
CA LEU E 221 17.19 0.65 -17.97
C LEU E 221 17.17 2.14 -18.26
N LEU E 222 15.99 2.70 -18.56
CA LEU E 222 15.91 4.10 -18.96
C LEU E 222 16.41 5.07 -17.89
N PRO E 223 15.97 5.02 -16.62
CA PRO E 223 16.60 5.92 -15.64
C PRO E 223 18.04 5.52 -15.35
N SER E 224 18.34 4.23 -15.49
CA SER E 224 19.70 3.74 -15.25
C SER E 224 20.68 4.32 -16.25
N ILE E 225 20.38 4.23 -17.55
CA ILE E 225 21.28 4.79 -18.55
C ILE E 225 21.26 6.30 -18.48
N PHE E 226 20.14 6.86 -18.00
CA PHE E 226 20.04 8.29 -17.74
C PHE E 226 21.07 8.67 -16.69
N LEU E 227 21.13 7.91 -15.59
CA LEU E 227 22.11 8.18 -14.54
C LEU E 227 23.53 8.00 -15.07
N MET E 228 23.72 7.16 -16.10
CA MET E 228 25.03 7.06 -16.75
C MET E 228 25.35 8.31 -17.56
N VAL E 229 24.42 8.77 -18.41
CA VAL E 229 24.76 9.90 -19.26
C VAL E 229 24.91 11.20 -18.47
N VAL E 230 24.26 11.33 -17.30
CA VAL E 230 24.52 12.53 -16.50
C VAL E 230 25.91 12.50 -15.88
N ASP E 231 26.40 11.32 -15.46
CA ASP E 231 27.72 11.27 -14.85
C ASP E 231 28.85 11.54 -15.85
N ILE E 232 28.72 11.05 -17.10
CA ILE E 232 29.76 11.29 -18.12
C ILE E 232 29.93 12.79 -18.36
N VAL E 233 28.83 13.52 -18.35
CA VAL E 233 28.90 14.98 -18.39
C VAL E 233 29.59 15.51 -17.14
N GLY E 234 29.37 14.86 -15.99
CA GLY E 234 29.97 15.26 -14.73
C GLY E 234 31.47 15.09 -14.63
N PHE E 235 32.04 14.14 -15.38
CA PHE E 235 33.49 13.96 -15.33
C PHE E 235 34.23 15.18 -15.83
N CYS E 236 33.62 15.96 -16.73
CA CYS E 236 34.24 17.17 -17.26
C CYS E 236 34.39 18.27 -16.21
N LEU E 237 33.67 18.18 -15.09
CA LEU E 237 33.83 19.17 -14.01
C LEU E 237 35.22 19.07 -13.40
N PRO E 238 35.96 20.18 -13.29
CA PRO E 238 37.32 20.13 -12.72
C PRO E 238 37.32 19.80 -11.24
N PRO E 239 38.20 18.87 -10.83
CA PRO E 239 38.31 18.50 -9.41
C PRO E 239 38.77 19.60 -8.46
N ASP E 240 39.58 20.56 -8.91
CA ASP E 240 40.12 21.56 -7.99
C ASP E 240 39.06 22.53 -7.52
N SER E 241 38.08 22.80 -8.39
CA SER E 241 36.99 23.73 -8.14
C SER E 241 36.20 23.41 -6.86
N GLY E 242 36.26 22.16 -6.37
CA GLY E 242 35.59 21.75 -5.17
C GLY E 242 34.24 21.11 -5.33
N GLU E 243 33.54 21.40 -6.42
CA GLU E 243 32.26 20.79 -6.72
C GLU E 243 32.35 19.33 -7.15
N ARG E 244 33.57 18.80 -7.34
CA ARG E 244 33.76 17.47 -7.90
C ARG E 244 33.10 16.35 -7.11
N VAL E 245 33.22 16.34 -5.79
CA VAL E 245 32.53 15.33 -5.03
C VAL E 245 31.04 15.65 -4.93
N SER E 246 30.71 16.96 -4.81
CA SER E 246 29.34 17.43 -4.66
C SER E 246 28.45 17.00 -5.82
N PHE E 247 29.00 16.94 -7.03
CA PHE E 247 28.28 16.31 -8.12
C PHE E 247 27.97 14.84 -7.84
N LYS E 248 29.05 14.06 -7.70
CA LYS E 248 28.96 12.61 -7.66
C LYS E 248 28.28 12.08 -6.41
N ILE E 249 28.49 12.73 -5.27
CA ILE E 249 27.92 12.24 -4.02
C ILE E 249 26.40 12.33 -4.04
N THR E 250 25.87 13.45 -4.51
CA THR E 250 24.44 13.58 -4.67
C THR E 250 23.95 12.57 -5.70
N LEU E 251 24.76 12.37 -6.75
CA LEU E 251 24.44 11.37 -7.77
C LEU E 251 24.47 9.96 -7.20
N LEU E 252 25.49 9.63 -6.40
CA LEU E 252 25.53 8.32 -5.74
C LEU E 252 24.38 8.18 -4.75
N LEU E 253 24.05 9.27 -4.05
CA LEU E 253 22.86 9.26 -3.20
C LEU E 253 21.62 9.02 -4.03
N GLY E 254 21.52 9.70 -5.17
CA GLY E 254 20.37 9.51 -6.05
C GLY E 254 20.27 8.09 -6.56
N TYR E 255 21.42 7.48 -6.83
CA TYR E 255 21.45 6.10 -7.26
C TYR E 255 21.13 5.16 -6.11
N SER E 256 21.47 5.56 -4.87
CA SER E 256 21.17 4.74 -3.70
C SER E 256 19.67 4.61 -3.47
N VAL E 257 18.94 5.74 -3.41
CA VAL E 257 17.50 5.63 -3.24
C VAL E 257 16.83 5.07 -4.50
N PHE E 258 17.45 5.24 -5.67
CA PHE E 258 16.89 4.66 -6.89
C PHE E 258 16.87 3.14 -6.79
N LEU E 259 17.98 2.53 -6.35
CA LEU E 259 18.01 1.08 -6.24
C LEU E 259 17.15 0.56 -5.09
N ILE E 260 16.89 1.39 -4.08
CA ILE E 260 16.03 0.99 -2.98
C ILE E 260 14.56 1.00 -3.41
N ILE E 261 14.16 1.97 -4.23
CA ILE E 261 12.79 2.00 -4.72
C ILE E 261 12.52 0.83 -5.66
N VAL E 262 13.46 0.55 -6.57
CA VAL E 262 13.27 -0.55 -7.52
C VAL E 262 13.45 -1.91 -6.86
N SER E 263 13.93 -1.94 -5.61
CA SER E 263 14.07 -3.18 -4.86
C SER E 263 12.71 -3.81 -4.56
N ASP E 264 11.63 -3.03 -4.60
CA ASP E 264 10.28 -3.57 -4.37
C ASP E 264 9.59 -3.92 -5.68
N THR E 265 10.36 -4.11 -6.74
CA THR E 265 9.82 -4.64 -7.99
C THR E 265 10.09 -6.13 -8.07
N LEU E 266 11.37 -6.50 -7.92
CA LEU E 266 11.78 -7.89 -7.83
C LEU E 266 11.12 -8.53 -6.61
N PRO E 267 10.64 -9.75 -6.72
CA PRO E 267 9.92 -10.39 -5.62
C PRO E 267 10.82 -10.90 -4.51
N ALA E 268 10.15 -11.28 -3.41
CA ALA E 268 10.76 -11.77 -2.19
C ALA E 268 10.93 -13.29 -2.19
N THR E 269 11.09 -13.86 -3.38
CA THR E 269 11.35 -15.28 -3.52
C THR E 269 12.62 -15.69 -2.79
N ALA E 270 12.51 -16.71 -1.96
CA ALA E 270 13.62 -17.19 -1.13
C ALA E 270 14.47 -18.23 -1.85
N ILE E 271 14.38 -18.27 -3.19
CA ILE E 271 15.24 -19.12 -4.01
C ILE E 271 16.58 -18.48 -4.28
N GLY E 272 16.81 -17.26 -3.81
CA GLY E 272 18.01 -16.51 -4.09
C GLY E 272 17.71 -15.23 -4.82
N THR E 273 18.68 -14.74 -5.51
CA THR E 273 18.60 -13.50 -6.27
C THR E 273 18.04 -13.74 -7.66
N PRO E 274 17.41 -12.74 -8.26
CA PRO E 274 17.26 -12.72 -9.71
C PRO E 274 18.62 -12.43 -10.37
N LEU E 275 18.71 -12.80 -11.65
CA LEU E 275 19.92 -12.59 -12.42
C LEU E 275 20.13 -11.11 -12.75
N ILE E 276 19.05 -10.33 -12.78
CA ILE E 276 19.16 -8.91 -13.12
C ILE E 276 19.86 -8.09 -12.06
N GLY E 277 20.06 -8.63 -10.85
CA GLY E 277 20.88 -7.93 -9.89
C GLY E 277 22.32 -7.92 -10.34
N VAL E 278 22.74 -8.97 -11.05
CA VAL E 278 24.08 -9.00 -11.66
C VAL E 278 24.16 -7.95 -12.74
N TYR E 279 23.10 -7.84 -13.55
CA TYR E 279 23.10 -6.80 -14.57
C TYR E 279 22.90 -5.39 -13.97
N PHE E 280 22.81 -5.25 -12.65
CA PHE E 280 22.60 -3.96 -12.00
C PHE E 280 23.71 -3.61 -11.01
N VAL E 281 24.12 -4.56 -10.16
CA VAL E 281 25.21 -4.33 -9.23
C VAL E 281 26.55 -4.11 -9.94
N VAL E 282 26.69 -4.57 -11.18
CA VAL E 282 27.85 -4.17 -12.01
C VAL E 282 27.84 -2.67 -12.23
N CYS E 283 26.67 -2.14 -12.60
CA CYS E 283 26.49 -0.70 -12.77
C CYS E 283 26.70 0.04 -11.44
N MET E 284 26.20 -0.56 -10.35
CA MET E 284 26.42 -0.05 -8.99
C MET E 284 27.91 0.06 -8.68
N ALA E 285 28.65 -1.03 -8.90
CA ALA E 285 30.09 -1.05 -8.68
C ALA E 285 30.83 -0.11 -9.63
N LEU E 286 30.25 0.17 -10.80
CA LEU E 286 30.87 1.05 -11.78
C LEU E 286 30.97 2.47 -11.25
N LEU E 287 29.95 2.92 -10.52
CA LEU E 287 29.96 4.24 -9.93
C LEU E 287 30.95 4.33 -8.77
N VAL E 288 31.17 3.23 -8.05
CA VAL E 288 32.13 3.19 -6.94
C VAL E 288 33.53 3.49 -7.42
N ILE E 289 33.96 2.80 -8.48
CA ILE E 289 35.30 3.01 -8.99
C ILE E 289 35.41 4.40 -9.63
N SER E 290 34.28 4.94 -10.12
CA SER E 290 34.23 6.34 -10.52
C SER E 290 34.43 7.24 -9.31
N LEU E 291 33.72 6.94 -8.22
CA LEU E 291 33.87 7.68 -6.97
C LEU E 291 35.28 7.52 -6.42
N ALA E 292 35.83 6.31 -6.49
CA ALA E 292 37.19 6.06 -6.05
C ALA E 292 38.19 6.87 -6.86
N GLU E 293 37.92 7.03 -8.14
CA GLU E 293 38.71 7.90 -9.01
C GLU E 293 38.59 9.35 -8.58
N THR E 294 37.36 9.78 -8.28
CA THR E 294 37.03 11.16 -7.95
C THR E 294 37.78 11.68 -6.72
N ILE E 295 37.73 10.94 -5.61
CA ILE E 295 38.41 11.41 -4.41
C ILE E 295 39.92 11.30 -4.53
N PHE E 296 40.38 10.35 -5.35
CA PHE E 296 41.80 10.14 -5.58
C PHE E 296 42.41 11.36 -6.23
N ILE E 297 41.79 11.84 -7.31
CA ILE E 297 42.33 13.01 -7.98
C ILE E 297 42.18 14.25 -7.09
N VAL E 298 41.16 14.31 -6.22
CA VAL E 298 41.06 15.43 -5.29
C VAL E 298 42.05 15.27 -4.15
N ARG E 299 42.48 14.04 -3.87
CA ARG E 299 43.54 13.83 -2.89
C ARG E 299 44.90 14.23 -3.44
N LEU E 300 45.10 14.04 -4.74
CA LEU E 300 46.37 14.42 -5.37
C LEU E 300 46.58 15.94 -5.35
N VAL E 301 45.69 16.68 -6.00
CA VAL E 301 45.79 18.13 -6.12
C VAL E 301 45.01 18.86 -5.02
N HIS E 302 45.74 19.65 -4.23
CA HIS E 302 45.29 20.48 -3.14
C HIS E 302 46.46 21.37 -2.72
N LYS E 303 46.15 22.45 -2.00
CA LYS E 303 47.17 23.36 -1.51
C LYS E 303 47.33 23.07 -0.03
N GLN E 304 48.24 22.17 0.32
CA GLN E 304 48.47 21.83 1.71
C GLN E 304 49.88 22.13 2.19
N ASP E 305 50.68 22.85 1.40
CA ASP E 305 52.06 23.24 1.75
C ASP E 305 52.97 22.02 2.00
N LEU E 306 52.89 21.03 1.11
CA LEU E 306 53.60 19.74 1.22
C LEU E 306 54.41 19.42 -0.02
N GLN E 307 54.87 18.16 -0.06
CA GLN E 307 55.84 17.58 -0.99
C GLN E 307 55.71 17.92 -2.47
N ARG E 308 56.88 18.01 -3.10
CA ARG E 308 57.14 18.27 -4.51
C ARG E 308 56.99 16.99 -5.31
N PRO E 309 56.62 17.06 -6.58
CA PRO E 309 56.48 15.86 -7.42
C PRO E 309 57.81 15.16 -7.69
N VAL E 310 57.84 13.87 -7.35
CA VAL E 310 59.02 13.02 -7.53
C VAL E 310 59.26 12.81 -9.02
N PRO E 311 60.51 12.97 -9.49
CA PRO E 311 60.80 12.85 -10.94
C PRO E 311 60.46 11.50 -11.55
N ASP E 312 60.62 10.41 -10.79
CA ASP E 312 60.33 9.06 -11.29
C ASP E 312 58.89 8.95 -11.78
N TRP E 313 57.95 9.54 -11.05
CA TRP E 313 56.57 9.54 -11.47
C TRP E 313 56.22 10.81 -12.23
N LEU E 314 57.19 11.70 -12.43
CA LEU E 314 56.97 12.85 -13.30
C LEU E 314 57.21 12.48 -14.76
N ARG E 315 58.26 11.68 -15.02
CA ARG E 315 58.50 11.23 -16.38
C ARG E 315 57.45 10.21 -16.81
N HIS E 316 56.99 9.38 -15.87
CA HIS E 316 55.99 8.39 -16.19
C HIS E 316 54.62 9.01 -16.46
N LEU E 317 54.35 10.18 -15.89
CA LEU E 317 53.03 10.80 -16.00
C LEU E 317 53.06 12.09 -16.82
N VAL E 318 53.86 13.08 -16.42
CA VAL E 318 53.85 14.37 -17.11
C VAL E 318 54.56 14.32 -18.45
N LEU E 319 55.31 13.26 -18.73
CA LEU E 319 56.05 13.13 -19.98
C LEU E 319 55.55 11.98 -20.82
N ASP E 320 55.57 10.75 -20.29
CA ASP E 320 55.17 9.58 -21.05
C ASP E 320 53.66 9.53 -21.24
N ARG E 321 52.90 9.61 -20.14
CA ARG E 321 51.44 9.53 -20.19
C ARG E 321 50.83 10.75 -20.88
N ILE E 322 51.54 11.87 -20.94
CA ILE E 322 51.03 13.05 -21.63
C ILE E 322 51.03 12.81 -23.14
N ALA E 323 52.09 12.20 -23.66
CA ALA E 323 52.15 11.88 -25.08
C ALA E 323 51.17 10.78 -25.45
N TRP E 324 50.97 9.81 -24.56
CA TRP E 324 50.02 8.73 -24.82
C TRP E 324 48.58 9.21 -24.84
N ILE E 325 48.24 10.18 -24.00
CA ILE E 325 46.87 10.69 -23.98
C ILE E 325 46.63 11.73 -25.06
N LEU E 326 47.65 12.53 -25.41
CA LEU E 326 47.48 13.55 -26.45
C LEU E 326 47.28 12.93 -27.83
N CYS E 327 47.85 11.76 -28.07
CA CYS E 327 47.71 11.10 -29.37
C CYS E 327 46.54 10.13 -29.36
N VAL E 392 77.05 53.35 4.85
CA VAL E 392 76.45 52.03 4.75
C VAL E 392 75.10 52.03 5.41
N ARG E 393 74.10 51.43 4.77
CA ARG E 393 72.75 51.41 5.30
C ARG E 393 72.28 49.96 5.49
N GLY E 394 71.51 49.74 6.54
CA GLY E 394 71.04 48.40 6.84
C GLY E 394 69.68 48.07 6.28
N LEU E 395 69.31 48.69 5.14
CA LEU E 395 68.04 48.39 4.51
C LEU E 395 68.06 47.06 3.78
N LEU E 396 69.26 46.57 3.43
CA LEU E 396 69.36 45.36 2.63
C LEU E 396 68.95 44.11 3.41
N GLN E 397 69.16 44.10 4.73
CA GLN E 397 68.83 42.90 5.50
C GLN E 397 67.33 42.70 5.63
N GLU E 398 66.54 43.76 5.46
CA GLU E 398 65.10 43.62 5.51
C GLU E 398 64.52 43.30 4.14
N LEU E 399 65.03 43.97 3.11
CA LEU E 399 64.56 43.72 1.74
C LEU E 399 64.88 42.29 1.32
N SER E 400 66.01 41.77 1.82
CA SER E 400 66.34 40.36 1.61
C SER E 400 65.30 39.44 2.24
N SER E 401 64.79 39.83 3.40
CA SER E 401 63.81 38.98 4.08
C SER E 401 62.46 38.94 3.36
N ILE E 402 61.99 40.08 2.83
CA ILE E 402 60.66 40.11 2.22
C ILE E 402 60.56 39.21 0.99
N ARG E 403 61.50 39.30 0.05
CA ARG E 403 61.45 38.41 -1.12
C ARG E 403 61.63 36.95 -0.72
N HIS E 404 62.47 36.71 0.30
CA HIS E 404 62.67 35.36 0.83
C HIS E 404 61.33 34.79 1.29
N PHE E 405 60.56 35.58 2.05
CA PHE E 405 59.21 35.18 2.40
C PHE E 405 58.32 35.11 1.17
N LEU E 406 58.50 36.06 0.24
CA LEU E 406 57.68 36.12 -0.97
C LEU E 406 57.88 34.92 -1.87
N GLU E 407 59.14 34.53 -2.11
CA GLU E 407 59.36 33.40 -3.01
C GLU E 407 58.88 32.09 -2.41
N LYS E 408 58.78 32.00 -1.08
CA LYS E 408 58.22 30.81 -0.44
C LYS E 408 56.77 30.60 -0.84
N ARG E 409 56.01 31.69 -0.93
CA ARG E 409 54.65 31.57 -1.45
C ARG E 409 54.71 31.27 -2.94
N ASP E 410 55.60 31.92 -3.67
CA ASP E 410 55.74 31.64 -5.09
C ASP E 410 56.18 30.20 -5.31
N GLU E 411 57.08 29.69 -4.47
CA GLU E 411 57.50 28.30 -4.59
C GLU E 411 56.38 27.34 -4.25
N MET E 412 55.64 27.59 -3.16
CA MET E 412 54.47 26.74 -2.92
C MET E 412 53.47 26.89 -4.05
N ARG E 413 53.39 28.08 -4.67
CA ARG E 413 52.60 28.23 -5.88
C ARG E 413 53.20 27.39 -7.01
N GLU E 414 54.54 27.29 -7.07
CA GLU E 414 55.20 26.43 -8.05
C GLU E 414 54.80 24.98 -7.77
N VAL E 415 54.71 24.64 -6.49
CA VAL E 415 54.19 23.34 -6.08
C VAL E 415 52.73 23.22 -6.51
N ALA E 416 51.94 24.28 -6.29
CA ALA E 416 50.56 24.27 -6.73
C ALA E 416 50.39 24.12 -8.24
N ARG E 417 51.29 24.68 -9.03
CA ARG E 417 51.19 24.53 -10.49
C ARG E 417 51.47 23.12 -10.99
N ASP E 418 52.55 22.48 -10.53
CA ASP E 418 52.92 21.18 -11.08
C ASP E 418 51.98 20.05 -10.65
N TRP E 419 51.59 20.02 -9.37
CA TRP E 419 50.68 18.97 -8.92
C TRP E 419 49.32 19.09 -9.61
N LEU E 420 48.88 20.31 -9.88
CA LEU E 420 47.68 20.55 -10.65
C LEU E 420 47.85 20.07 -12.10
N ARG E 421 49.03 20.31 -12.67
CA ARG E 421 49.35 19.93 -14.06
C ARG E 421 49.21 18.43 -14.30
N VAL E 422 49.87 17.62 -13.46
CA VAL E 422 49.79 16.17 -13.59
C VAL E 422 48.35 15.68 -13.43
N GLY E 423 47.65 16.19 -12.41
CA GLY E 423 46.28 15.77 -12.12
C GLY E 423 45.30 15.89 -13.28
N TYR E 424 45.34 16.99 -14.04
CA TYR E 424 44.44 17.14 -15.18
C TYR E 424 44.74 16.16 -16.29
N VAL E 425 46.03 15.95 -16.60
CA VAL E 425 46.40 14.91 -17.54
C VAL E 425 45.92 13.56 -16.99
N LEU E 426 46.19 13.33 -15.70
CA LEU E 426 45.68 12.15 -15.00
C LEU E 426 44.16 12.08 -15.04
N ASP E 427 43.48 13.22 -14.83
CA ASP E 427 42.03 13.24 -14.90
C ASP E 427 41.55 12.87 -16.30
N ARG E 428 42.17 13.44 -17.34
CA ARG E 428 41.76 13.15 -18.71
C ARG E 428 42.04 11.71 -19.12
N LEU E 429 43.23 11.18 -18.77
CA LEU E 429 43.56 9.79 -19.13
C LEU E 429 42.61 8.81 -18.44
N LEU E 430 42.39 8.98 -17.14
CA LEU E 430 41.42 8.13 -16.42
C LEU E 430 40.00 8.35 -16.92
N PHE E 431 39.70 9.54 -17.45
CA PHE E 431 38.41 9.78 -18.08
C PHE E 431 38.23 8.98 -19.37
N ARG E 432 39.28 8.92 -20.20
CA ARG E 432 39.22 8.18 -21.46
C ARG E 432 38.87 6.71 -21.26
N ILE E 433 39.52 6.04 -20.30
CA ILE E 433 39.28 4.62 -20.06
C ILE E 433 37.82 4.36 -19.65
N TYR E 434 37.25 5.18 -18.73
CA TYR E 434 35.89 4.93 -18.27
C TYR E 434 34.84 5.06 -19.38
N LEU E 435 34.93 6.08 -20.23
CA LEU E 435 33.95 6.21 -21.32
C LEU E 435 34.04 5.03 -22.27
N LEU E 436 35.26 4.61 -22.60
CA LEU E 436 35.43 3.43 -23.45
C LEU E 436 34.87 2.19 -22.76
N ALA E 437 35.03 2.10 -21.43
CA ALA E 437 34.52 0.96 -20.68
C ALA E 437 33.00 0.87 -20.71
N VAL E 438 32.30 1.98 -20.48
CA VAL E 438 30.84 1.98 -20.50
C VAL E 438 30.30 1.69 -21.90
N LEU E 439 30.89 2.32 -22.92
CA LEU E 439 30.47 2.07 -24.30
C LEU E 439 30.68 0.61 -24.69
N ALA E 440 31.80 0.03 -24.26
CA ALA E 440 32.02 -1.40 -24.48
C ALA E 440 31.02 -2.21 -23.68
N TYR E 441 30.76 -1.79 -22.43
CA TYR E 441 29.73 -2.42 -21.61
C TYR E 441 28.35 -2.25 -22.25
N SER E 442 28.10 -1.09 -22.86
CA SER E 442 26.82 -0.84 -23.51
C SER E 442 26.66 -1.69 -24.76
N ILE E 443 27.75 -1.90 -25.51
CA ILE E 443 27.64 -2.70 -26.73
C ILE E 443 27.40 -4.17 -26.37
N THR E 444 27.85 -4.58 -25.18
CA THR E 444 27.52 -5.92 -24.68
C THR E 444 26.04 -6.01 -24.32
N LEU E 445 25.50 -4.92 -23.76
CA LEU E 445 24.08 -4.87 -23.39
C LEU E 445 23.17 -5.01 -24.60
N VAL E 446 23.45 -4.27 -25.67
CA VAL E 446 22.55 -4.30 -26.82
C VAL E 446 22.71 -5.59 -27.63
N THR E 447 23.91 -6.17 -27.67
CA THR E 447 24.05 -7.45 -28.36
C THR E 447 23.34 -8.57 -27.60
N LEU E 448 23.24 -8.47 -26.27
CA LEU E 448 22.44 -9.41 -25.50
C LEU E 448 20.95 -9.18 -25.69
N TRP E 449 20.54 -7.92 -25.81
CA TRP E 449 19.15 -7.59 -26.08
C TRP E 449 18.69 -8.08 -27.45
N SER E 450 19.61 -8.13 -28.42
CA SER E 450 19.25 -8.58 -29.76
C SER E 450 19.13 -10.11 -29.83
N ILE E 451 19.99 -10.82 -29.11
CA ILE E 451 19.99 -12.28 -29.16
C ILE E 451 18.80 -12.83 -28.38
C1 NAG F . -58.27 -13.45 28.28
C2 NAG F . -58.58 -14.28 29.54
C3 NAG F . -60.02 -14.05 29.99
C4 NAG F . -60.32 -12.56 30.14
C5 NAG F . -59.94 -11.81 28.85
C6 NAG F . -60.10 -10.31 28.96
C7 NAG F . -57.17 -16.29 29.47
C8 NAG F . -57.12 -17.76 29.18
N2 NAG F . -58.36 -15.70 29.30
O3 NAG F . -60.21 -14.72 31.23
O4 NAG F . -61.71 -12.37 30.38
O5 NAG F . -58.58 -12.07 28.53
O6 NAG F . -59.10 -9.74 29.79
O7 NAG F . -56.18 -15.67 29.83
C1 NAG F . -61.87 -11.99 31.77
C2 NAG F . -63.18 -11.24 31.95
C3 NAG F . -63.36 -10.88 33.42
C4 NAG F . -63.29 -12.13 34.29
C5 NAG F . -62.00 -12.91 34.01
C6 NAG F . -61.96 -14.24 34.70
C7 NAG F . -63.68 -10.05 29.87
C8 NAG F . -63.64 -8.74 29.15
N2 NAG F . -63.21 -10.04 31.12
O3 NAG F . -64.63 -10.24 33.60
O4 NAG F . -63.33 -11.76 35.67
O5 NAG F . -61.88 -13.17 32.60
O6 NAG F . -62.00 -15.32 33.76
O7 NAG F . -64.12 -11.07 29.34
C1 NAG G . -48.88 6.20 -1.11
C2 NAG G . -50.19 6.90 -1.44
C3 NAG G . -49.97 8.41 -1.40
C4 NAG G . -49.38 8.83 -0.06
C5 NAG G . -48.12 8.02 0.24
C6 NAG G . -47.53 8.25 1.60
C7 NAG G . -51.61 5.54 -2.88
C8 NAG G . -52.03 5.24 -4.29
N2 NAG G . -50.70 6.50 -2.74
O3 NAG G . -51.23 9.06 -1.63
O4 NAG G . -49.06 10.22 -0.07
O5 NAG G . -48.43 6.62 0.16
O6 NAG G . -48.54 8.32 2.60
O7 NAG G . -52.09 4.94 -1.92
C1 NAG G . -49.97 10.84 0.86
C2 NAG G . -49.48 12.25 1.21
C3 NAG G . -50.46 12.92 2.16
C4 NAG G . -51.88 12.87 1.59
C5 NAG G . -52.25 11.45 1.16
C6 NAG G . -53.57 11.38 0.42
C7 NAG G . -47.07 12.74 1.26
C8 NAG G . -45.78 12.58 2.01
N2 NAG G . -48.15 12.19 1.81
O3 NAG G . -50.05 14.27 2.37
O4 NAG G . -52.82 13.29 2.58
O5 NAG G . -51.26 10.93 0.27
O6 NAG G . -53.49 12.05 -0.83
O7 NAG G . -47.14 13.36 0.20
C1 BMA G . -53.32 14.59 2.19
C2 BMA G . -54.78 14.77 2.70
C3 BMA G . -55.26 16.20 2.39
C4 BMA G . -54.22 17.29 2.78
C5 BMA G . -52.81 16.90 2.24
C6 BMA G . -51.73 17.83 2.72
O2 BMA G . -54.83 14.61 4.11
O3 BMA G . -56.51 16.46 3.00
O4 BMA G . -54.59 18.54 2.26
O5 BMA G . -52.48 15.60 2.71
O6 BMA G . -50.53 17.05 2.87
C1 NAG H . -29.30 17.87 -0.60
C2 NAG H . -29.81 19.12 0.09
C3 NAG H . -31.34 19.16 -0.01
C4 NAG H . -31.79 19.05 -1.46
C5 NAG H . -31.13 17.85 -2.16
C6 NAG H . -31.37 17.83 -3.65
C7 NAG H . -29.08 20.33 2.08
C8 NAG H . -28.66 20.24 3.51
N2 NAG H . -29.39 19.18 1.47
O3 NAG H . -31.78 20.38 0.56
O4 NAG H . -33.19 18.79 -1.52
O5 NAG H . -29.70 17.87 -1.97
O6 NAG H . -30.77 16.69 -4.25
O7 NAG H . -29.14 21.40 1.49
C1 NAG H . -33.94 19.98 -1.78
C2 NAG H . -35.06 19.68 -2.77
C3 NAG H . -35.95 20.90 -2.94
C4 NAG H . -36.47 21.38 -1.59
C5 NAG H . -35.30 21.61 -0.63
C6 NAG H . -35.76 21.90 0.78
C7 NAG H . -34.98 18.17 -4.70
C8 NAG H . -34.32 17.86 -6.01
N2 NAG H . -34.52 19.24 -4.05
O3 NAG H . -37.04 20.59 -3.79
O4 NAG H . -37.20 22.59 -1.75
O5 NAG H . -34.49 20.43 -0.55
O6 NAG H . -35.71 20.73 1.59
O7 NAG H . -35.88 17.48 -4.24
C1 NAG I . -63.96 -7.55 -15.13
C2 NAG I . -65.21 -7.21 -14.30
C3 NAG I . -66.46 -7.25 -15.18
C4 NAG I . -66.29 -6.38 -16.42
C5 NAG I . -65.01 -6.77 -17.16
C6 NAG I . -64.71 -5.87 -18.34
C7 NAG I . -64.78 -7.93 -11.99
C8 NAG I . -65.04 -8.98 -10.96
N2 NAG I . -65.36 -8.13 -13.18
O3 NAG I . -67.56 -6.80 -14.40
O4 NAG I . -67.40 -6.58 -17.30
O5 NAG I . -63.89 -6.67 -16.27
O6 NAG I . -64.29 -4.57 -17.93
O7 NAG I . -64.07 -6.95 -11.77
C1 NAG I . -68.22 -5.40 -17.25
C2 NAG I . -69.05 -5.29 -18.53
C3 NAG I . -69.96 -4.07 -18.44
C4 NAG I . -70.82 -4.13 -17.19
C5 NAG I . -69.96 -4.33 -15.94
C6 NAG I . -70.78 -4.59 -14.69
C7 NAG I . -67.79 -6.32 -20.35
C8 NAG I . -66.91 -6.07 -21.54
N2 NAG I . -68.20 -5.22 -19.69
O3 NAG I . -70.78 -4.01 -19.61
O4 NAG I . -71.57 -2.92 -17.05
O5 NAG I . -69.12 -5.47 -16.11
O6 NAG I . -70.60 -5.91 -14.21
O7 NAG I . -68.11 -7.44 -20.00
C1 NAG J . -33.10 -14.46 -33.52
C2 NAG J . -33.63 -14.75 -34.91
C3 NAG J . -33.01 -13.77 -35.91
C4 NAG J . -33.26 -12.33 -35.46
C5 NAG J . -32.77 -12.14 -34.03
C6 NAG J . -33.08 -10.80 -33.43
C7 NAG J . -34.24 -17.10 -35.17
C8 NAG J . -33.80 -18.46 -35.63
N2 NAG J . -33.35 -16.12 -35.31
O3 NAG J . -33.58 -14.00 -37.19
O4 NAG J . -32.57 -11.42 -36.30
O5 NAG J . -33.40 -13.12 -33.17
O6 NAG J . -34.41 -10.37 -33.75
O7 NAG J . -35.35 -16.91 -34.70
C1 NAG J . -33.59 -10.69 -37.02
C2 NAG J . -33.00 -9.45 -37.67
C3 NAG J . -34.07 -8.71 -38.47
C4 NAG J . -34.78 -9.66 -39.44
C5 NAG J . -35.26 -10.93 -38.72
C6 NAG J . -35.79 -11.98 -39.66
C7 NAG J . -31.11 -8.28 -36.63
C8 NAG J . -30.67 -7.38 -35.52
N2 NAG J . -32.41 -8.58 -36.67
O3 NAG J . -33.48 -7.63 -39.17
O4 NAG J . -35.92 -9.02 -39.99
O5 NAG J . -34.16 -11.53 -38.02
O6 NAG J . -34.77 -12.48 -40.52
O7 NAG J . -30.32 -8.73 -37.45
C1 BMA J . -35.65 -8.73 -41.38
C2 BMA J . -36.97 -8.76 -42.20
C3 BMA J . -36.67 -8.34 -43.65
C4 BMA J . -35.80 -7.04 -43.73
C5 BMA J . -34.57 -7.17 -42.80
C6 BMA J . -33.76 -5.90 -42.70
O2 BMA J . -37.91 -7.85 -41.67
O3 BMA J . -37.86 -8.17 -44.40
O4 BMA J . -35.36 -6.83 -45.06
O5 BMA J . -35.02 -7.47 -41.48
O6 BMA J . -33.22 -5.82 -41.38
C1 NAG K . -15.35 -0.42 -30.66
C2 NAG K . -15.75 0.62 -31.68
C3 NAG K . -16.79 0.04 -32.65
C4 NAG K . -16.28 -1.25 -33.27
C5 NAG K . -15.76 -2.22 -32.20
C6 NAG K . -15.04 -3.42 -32.78
C7 NAG K . -16.02 3.04 -31.55
C8 NAG K . -16.60 4.20 -30.79
N2 NAG K . -16.25 1.83 -31.04
O3 NAG K . -17.05 1.02 -33.64
O4 NAG K . -17.34 -1.94 -33.91
O5 NAG K . -14.82 -1.57 -31.32
O6 NAG K . -14.61 -4.30 -31.77
O7 NAG K . -15.36 3.22 -32.57
C1 NAG K . -17.36 -1.71 -35.32
C2 NAG K . -17.68 -2.99 -36.06
C3 NAG K . -17.83 -2.72 -37.55
C4 NAG K . -18.87 -1.63 -37.79
C5 NAG K . -18.53 -0.39 -36.98
C6 NAG K . -19.62 0.66 -37.03
C7 NAG K . -16.94 -5.26 -35.47
C8 NAG K . -15.78 -6.17 -35.27
N2 NAG K . -16.65 -4.00 -35.82
O3 NAG K . -18.22 -3.92 -38.21
O4 NAG K . -18.93 -1.30 -39.18
O5 NAG K . -18.36 -0.73 -35.60
O6 NAG K . -20.45 0.59 -35.87
O7 NAG K . -18.10 -5.65 -35.34
C1 NAG L . -30.69 -47.79 33.95
C2 NAG L . -30.47 -49.30 33.92
C3 NAG L . -31.17 -49.97 35.10
C4 NAG L . -30.79 -49.31 36.42
C5 NAG L . -31.00 -47.80 36.35
C6 NAG L . -30.53 -47.06 37.58
C7 NAG L . -30.19 -49.96 31.57
C8 NAG L . -30.84 -50.57 30.38
N2 NAG L . -30.95 -49.87 32.67
O3 NAG L . -30.83 -51.35 35.11
O4 NAG L . -31.59 -49.84 37.47
O5 NAG L . -30.29 -47.26 35.23
O6 NAG L . -29.11 -47.03 37.65
O7 NAG L . -29.04 -49.55 31.54
C1 NAG L . -30.76 -50.70 38.28
C2 NAG L . -31.35 -50.83 39.68
C3 NAG L . -30.50 -51.78 40.52
C4 NAG L . -30.37 -53.13 39.81
C5 NAG L . -29.86 -52.95 38.38
C6 NAG L . -29.90 -54.24 37.58
C7 NAG L . -32.51 -48.74 40.21
C8 NAG L . -32.44 -47.43 40.93
N2 NAG L . -31.44 -49.53 40.32
O3 NAG L . -31.09 -51.94 41.80
O4 NAG L . -29.46 -53.96 40.53
O5 NAG L . -30.69 -52.02 37.68
O6 NAG L . -30.86 -54.17 36.53
O7 NAG L . -33.50 -49.08 39.56
C1 NAG M . -34.14 -11.37 33.66
C2 NAG M . -35.04 -11.12 34.86
C3 NAG M . -34.32 -10.21 35.85
C4 NAG M . -32.97 -10.79 36.22
C5 NAG M . -32.15 -11.07 34.96
C6 NAG M . -30.83 -11.77 35.18
C7 NAG M . -37.40 -11.29 34.27
C8 NAG M . -38.64 -10.56 33.88
N2 NAG M . -36.31 -10.55 34.47
O3 NAG M . -35.14 -10.07 37.01
O4 NAG M . -32.24 -9.89 37.04
O5 NAG M . -32.92 -11.92 34.08
O6 NAG M . -30.96 -12.80 36.16
O7 NAG M . -37.39 -12.52 34.42
C1 NAG M . -32.14 -10.51 38.33
C2 NAG M . -31.08 -9.79 39.17
C3 NAG M . -31.01 -10.43 40.56
C4 NAG M . -32.39 -10.48 41.20
C5 NAG M . -33.42 -11.11 40.25
C6 NAG M . -34.84 -11.03 40.76
C7 NAG M . -29.12 -8.76 38.10
C8 NAG M . -27.80 -9.01 37.44
N2 NAG M . -29.78 -9.85 38.52
O3 NAG M . -30.11 -9.68 41.37
O4 NAG M . -32.35 -11.28 42.38
O5 NAG M . -33.40 -10.42 39.00
O6 NAG M . -35.28 -9.67 40.83
O7 NAG M . -29.57 -7.63 38.27
C1 BMA M . -32.49 -10.41 43.52
C2 BMA M . -33.19 -11.16 44.69
C3 BMA M . -33.22 -10.25 45.93
C4 BMA M . -31.84 -9.58 46.22
C5 BMA M . -31.27 -8.94 44.94
C6 BMA M . -29.87 -8.42 45.10
O2 BMA M . -32.46 -12.32 45.04
O3 BMA M . -33.68 -10.95 47.08
O4 BMA M . -31.98 -8.58 47.22
O5 BMA M . -31.22 -9.94 43.92
O6 BMA M . -29.19 -8.59 43.86
C1 NAG N . -15.44 1.31 30.57
C2 NAG N . -14.97 1.36 32.02
C3 NAG N . -16.13 0.97 32.94
C4 NAG N . -17.35 1.84 32.68
C5 NAG N . -17.68 1.88 31.19
C6 NAG N . -18.74 2.90 30.85
C7 NAG N . -12.84 0.81 33.08
C8 NAG N . -11.73 -0.19 33.21
N2 NAG N . -13.82 0.49 32.24
O3 NAG N . -15.68 1.11 34.29
O4 NAG N . -18.49 1.29 33.31
O5 NAG N . -16.53 2.21 30.40
O6 NAG N . -19.06 2.89 29.47
O7 NAG N . -12.85 1.85 33.73
C1 NAG N . -18.78 1.92 34.57
C2 NAG N . -20.27 2.13 34.72
C3 NAG N . -20.58 2.68 36.10
C4 NAG N . -20.01 1.79 37.18
C5 NAG N . -18.51 1.56 36.94
C6 NAG N . -17.91 0.53 37.87
C7 NAG N . -21.87 2.72 32.96
C8 NAG N . -22.27 3.75 31.94
N2 NAG N . -20.79 3.01 33.68
O3 NAG N . -22.00 2.79 36.26
O4 NAG N . -20.20 2.37 38.46
O5 NAG N . -18.30 1.08 35.61
O6 NAG N . -17.82 -0.73 37.23
O7 NAG N . -22.52 1.69 33.13
C1 NAG O . -19.36 -63.00 -6.11
C2 NAG O . -19.75 -63.78 -7.36
C3 NAG O . -19.81 -65.28 -7.06
C4 NAG O . -18.51 -65.75 -6.41
C5 NAG O . -18.19 -64.90 -5.19
C6 NAG O . -16.85 -65.24 -4.56
C7 NAG O . -21.16 -62.31 -8.74
C8 NAG O . -22.55 -61.98 -9.16
N2 NAG O . -21.03 -63.32 -7.88
O3 NAG O . -20.04 -65.96 -8.28
O4 NAG O . -18.66 -67.11 -5.99
O5 NAG O . -18.12 -63.52 -5.58
O6 NAG O . -15.77 -64.82 -5.36
O7 NAG O . -20.19 -61.67 -9.14
C1 NAG O . -17.90 -67.95 -6.88
C2 NAG O . -17.55 -69.26 -6.19
C3 NAG O . -16.77 -70.17 -7.14
C4 NAG O . -17.57 -70.38 -8.43
C5 NAG O . -17.98 -69.03 -9.04
C6 NAG O . -18.93 -69.19 -10.20
C7 NAG O . -17.35 -68.83 -3.78
C8 NAG O . -16.42 -68.58 -2.63
N2 NAG O . -16.78 -69.01 -4.97
O3 NAG O . -16.51 -71.41 -6.51
O4 NAG O . -16.78 -71.10 -9.37
O5 NAG O . -18.67 -68.23 -8.07
O6 NAG O . -20.23 -68.68 -9.90
O7 NAG O . -18.57 -68.84 -3.63
C1 NAG P . -9.17 -42.82 22.67
C2 NAG P . -9.04 -43.88 23.76
C3 NAG P . -7.61 -43.86 24.30
C4 NAG P . -6.61 -44.03 23.16
C5 NAG P . -6.87 -42.98 22.08
C6 NAG P . -6.01 -43.14 20.84
C7 NAG P . -11.16 -44.29 24.88
C8 NAG P . -12.04 -43.97 26.05
N2 NAG P . -9.99 -43.66 24.82
O3 NAG P . -7.48 -44.91 25.25
O4 NAG P . -5.28 -43.88 23.65
O5 NAG P . -8.23 -43.07 21.64
O6 NAG P . -5.90 -44.50 20.46
O7 NAG P . -11.51 -45.10 24.01
C1 NAG P . -4.67 -45.18 23.53
C2 NAG P . -3.16 -45.06 23.67
C3 NAG P . -2.51 -46.44 23.59
C4 NAG P . -3.16 -47.41 24.58
C5 NAG P . -4.69 -47.38 24.45
C6 NAG P . -5.40 -48.16 25.53
C7 NAG P . -1.99 -43.03 22.92
C8 NAG P . -1.50 -42.25 21.74
N2 NAG P . -2.61 -44.19 22.64
O3 NAG P . -1.11 -46.32 23.85
O4 NAG P . -2.72 -48.73 24.33
O5 NAG P . -5.17 -46.04 24.55
O6 NAG P . -5.20 -47.58 26.80
O7 NAG P . -1.82 -42.64 24.08
C1 BMA P . -1.85 -49.12 25.41
C2 BMA P . -1.93 -50.66 25.64
C3 BMA P . -0.90 -51.08 26.71
C4 BMA P . 0.50 -50.46 26.46
C5 BMA P . 0.38 -48.94 26.19
C6 BMA P . 1.69 -48.31 25.78
O2 BMA P . -1.62 -51.36 24.45
O3 BMA P . -0.82 -52.49 26.82
O4 BMA P . 1.34 -50.67 27.58
O5 BMA P . -0.52 -48.74 25.11
O6 BMA P . 1.40 -47.26 24.85
C1 NAG Q . 7.14 -27.14 19.74
C2 NAG Q . 8.33 -28.05 19.94
C3 NAG Q . 7.90 -29.34 20.63
C4 NAG Q . 7.16 -29.03 21.93
C5 NAG Q . 6.05 -28.01 21.71
C6 NAG Q . 5.45 -27.51 23.00
C7 NAG Q . 10.32 -28.49 18.57
C8 NAG Q . 10.85 -28.79 17.21
N2 NAG Q . 8.99 -28.35 18.67
O3 NAG Q . 9.06 -30.12 20.88
O4 NAG Q . 6.50 -30.20 22.42
O5 NAG Q . 6.55 -26.86 21.01
O6 NAG Q . 4.41 -26.58 22.75
O7 NAG Q . 11.06 -28.36 19.55
C1 NAG Q . 7.26 -30.85 23.44
C2 NAG Q . 6.33 -31.33 24.53
C3 NAG Q . 7.10 -32.15 25.57
C4 NAG Q . 7.84 -33.30 24.88
C5 NAG Q . 8.71 -32.76 23.75
C6 NAG Q . 9.33 -33.87 22.92
C7 NAG Q . 4.33 -30.19 25.41
C8 NAG Q . 3.81 -28.96 26.08
N2 NAG Q . 5.65 -30.21 25.17
O3 NAG Q . 6.20 -32.67 26.54
O4 NAG Q . 8.65 -33.99 25.83
O5 NAG Q . 7.92 -31.97 22.85
O6 NAG Q . 8.57 -34.08 21.73
O7 NAG Q . 3.61 -31.12 25.09
C1 NAG R . -39.90 -38.26 -36.44
C2 NAG R . -41.20 -37.90 -37.16
C3 NAG R . -41.59 -39.01 -38.13
C4 NAG R . -40.44 -39.37 -39.06
C5 NAG R . -39.18 -39.67 -38.25
C6 NAG R . -37.95 -39.91 -39.11
C7 NAG R . -42.51 -36.47 -35.67
C8 NAG R . -43.66 -36.40 -34.71
N2 NAG R . -42.27 -37.66 -36.22
O3 NAG R . -42.72 -38.57 -38.88
O4 NAG R . -40.77 -40.51 -39.84
O5 NAG R . -38.87 -38.56 -37.39
O6 NAG R . -37.49 -38.71 -39.72
O7 NAG R . -41.82 -35.48 -35.91
C1 NAG R . -41.04 -40.09 -41.19
C2 NAG R . -40.83 -41.26 -42.15
C3 NAG R . -41.14 -40.82 -43.57
C4 NAG R . -42.55 -40.23 -43.65
C5 NAG R . -42.74 -39.13 -42.61
C6 NAG R . -44.18 -38.65 -42.51
C7 NAG R . -39.13 -42.74 -41.20
C8 NAG R . -37.69 -43.16 -41.23
N2 NAG R . -39.48 -41.77 -42.05
O3 NAG R . -41.02 -41.93 -44.45
O4 NAG R . -42.79 -39.70 -44.95
O5 NAG R . -42.39 -39.61 -41.30
O6 NAG R . -44.76 -39.00 -41.26
O7 NAG R . -39.93 -43.25 -40.44
C1 NAG S . -8.50 -44.78 -18.82
C2 NAG S . -8.13 -46.17 -19.34
C3 NAG S . -6.78 -46.11 -20.02
C4 NAG S . -6.77 -45.04 -21.11
C5 NAG S . -7.22 -43.70 -20.51
C6 NAG S . -7.38 -42.60 -21.53
C7 NAG S . -9.18 -47.93 -18.02
C8 NAG S . -9.01 -48.90 -16.88
N2 NAG S . -8.13 -47.15 -18.27
O3 NAG S . -6.49 -47.39 -20.57
O4 NAG S . -5.46 -44.90 -21.65
O5 NAG S . -8.50 -43.86 -19.89
O6 NAG S . -8.00 -43.05 -22.72
O7 NAG S . -10.22 -47.87 -18.66
C1 NAG S . -5.53 -45.36 -23.01
C2 NAG S . -4.31 -44.91 -23.79
C3 NAG S . -4.38 -45.45 -25.22
C4 NAG S . -4.61 -46.95 -25.22
C5 NAG S . -5.79 -47.34 -24.33
C6 NAG S . -5.95 -48.83 -24.14
C7 NAG S . -3.18 -42.79 -23.24
C8 NAG S . -3.25 -41.31 -23.33
N2 NAG S . -4.21 -43.46 -23.80
O3 NAG S . -3.16 -45.13 -25.89
O4 NAG S . -4.90 -47.40 -26.55
O5 NAG S . -5.61 -46.78 -23.02
O6 NAG S . -4.85 -49.38 -23.43
O7 NAG S . -2.25 -43.38 -22.70
C1 BMA S . -3.77 -48.16 -27.02
C2 BMA S . -4.24 -49.25 -28.01
C3 BMA S . -3.01 -49.97 -28.61
C4 BMA S . -1.91 -48.96 -29.10
C5 BMA S . -1.62 -47.91 -27.99
C6 BMA S . -0.68 -46.82 -28.44
O2 BMA S . -4.95 -48.66 -29.10
O3 BMA S . -3.37 -50.84 -29.67
O4 BMA S . -0.71 -49.65 -29.40
O5 BMA S . -2.85 -47.28 -27.63
O6 BMA S . -1.06 -45.61 -27.79
C1 NAG T . 7.20 -28.26 -18.07
C2 NAG T . 7.86 -28.55 -19.41
C3 NAG T . 7.51 -29.96 -19.88
C4 NAG T . 7.83 -30.99 -18.80
C5 NAG T . 7.26 -30.57 -17.45
C6 NAG T . 7.75 -31.45 -16.31
C7 NAG T . 8.37 -27.14 -21.35
C8 NAG T . 7.85 -26.13 -22.32
N2 NAG T . 7.51 -27.58 -20.42
O3 NAG T . 8.22 -30.23 -21.08
O4 NAG T . 7.24 -32.24 -19.11
O5 NAG T . 7.62 -29.23 -17.12
O6 NAG T . 7.17 -31.06 -15.07
O7 NAG T . 9.52 -27.57 -21.40
C1 NAG T . 8.15 -33.15 -19.73
C2 NAG T . 7.94 -34.54 -19.17
C3 NAG T . 8.82 -35.54 -19.93
C4 NAG T . 8.56 -35.45 -21.42
C5 NAG T . 8.72 -34.02 -21.91
C6 NAG T . 8.30 -33.83 -23.35
C7 NAG T . 7.40 -35.17 -16.86
C8 NAG T . 7.84 -35.12 -15.43
N2 NAG T . 8.22 -34.58 -17.75
O3 NAG T . 8.56 -36.86 -19.46
O4 NAG T . 9.47 -36.30 -22.13
O5 NAG T . 7.89 -33.15 -21.13
O6 NAG T . 6.97 -33.32 -23.43
O7 NAG T . 6.36 -35.70 -17.21
C12 TKT U . -34.52 0.69 15.93
O4 TKT U . -34.42 -1.66 15.86
C8 TKT U . -31.84 -4.25 20.86
C9 TKT U . -34.16 -0.69 16.49
C11 TKT U . -33.67 1.52 15.20
O3 TKT U . -33.54 -0.82 17.73
C7 TKT U . -34.17 -3.19 19.87
C6 TKT U . -33.48 -2.01 20.63
N1 TKT U . -31.89 -3.43 19.78
C5 TKT U . -31.95 -2.22 20.19
C4 TKT U . -31.63 -1.21 19.08
C1 TKT U . -32.91 -3.76 19.06
C2 TKT U . -32.89 -3.11 17.67
C3 TKT U . -32.47 -1.54 17.73
C13 TKT U . -37.87 3.18 15.98
C15 TKT U . -35.60 2.57 15.40
C16 TKT U . -35.74 1.38 16.06
C17 TKT U . -36.98 1.06 16.68
C18 TKT U . -38.03 1.96 16.64
N10 TKT U . -34.33 2.62 14.91
C21 TKT U . -36.67 3.49 15.36
C12 TKT V . -34.58 0.02 -15.84
O4 TKT V . -35.23 -1.37 -14.05
C8 TKT V . -37.19 1.72 -9.05
C9 TKT V . -35.10 -0.26 -14.42
C11 TKT V . -33.27 0.25 -16.20
O3 TKT V . -35.45 0.81 -13.59
C7 TKT V . -37.95 0.78 -11.51
C6 TKT V . -37.53 2.27 -11.76
N1 TKT V . -36.32 1.38 -10.03
C5 TKT V . -36.22 2.37 -10.84
C4 TKT V . -34.99 2.24 -11.75
C1 TKT V . -36.73 0.31 -10.59
C2 TKT V . -35.68 -0.34 -11.51
C3 TKT V . -34.89 0.76 -12.41
C13 TKT V . -36.27 0.30 -19.67
C15 TKT V . -34.45 0.34 -18.04
C16 TKT V . -35.34 0.07 -17.04
C17 TKT V . -36.71 -0.08 -17.33
C18 TKT V . -37.17 0.03 -18.64
N10 TKT V . -33.21 0.44 -17.50
C21 TKT V . -34.92 0.45 -19.37
C12 TKT W . -15.57 -22.68 26.30
O4 TKT W . -16.39 -23.96 24.49
C8 TKT W . -12.48 -28.37 22.56
C9 TKT W . -15.49 -23.78 25.24
C11 TKT W . -15.11 -21.38 26.18
O3 TKT W . -14.36 -24.58 25.16
C7 TKT W . -14.39 -27.77 24.45
C6 TKT W . -13.03 -27.43 25.14
N1 TKT W . -12.87 -27.11 22.87
C5 TKT W . -12.24 -26.73 23.92
C4 TKT W . -12.30 -25.21 24.13
C1 TKT W . -14.15 -27.08 23.02
C2 TKT W . -14.73 -25.67 23.06
C3 TKT W . -13.83 -24.65 23.98
C13 TKT W . -17.13 -22.35 30.18
C15 TKT W . -16.01 -21.56 28.17
C16 TKT W . -16.16 -22.78 27.58
C17 TKT W . -16.80 -23.82 28.29
C18 TKT W . -17.28 -23.60 29.58
N10 TKT W . -15.37 -20.73 27.30
C21 TKT W . -16.50 -21.33 29.48
C12 TKT X . -3.96 -37.86 0.95
O4 TKT X . -6.05 -37.50 -0.06
C8 TKT X . -5.89 -37.38 -6.25
C9 TKT X . -4.91 -37.68 -0.25
C11 TKT X . -3.23 -36.86 1.58
O3 TKT X . -4.40 -37.72 -1.54
C7 TKT X . -5.97 -39.05 -4.07
C6 TKT X . -4.45 -38.93 -4.43
N1 TKT X . -5.56 -36.99 -5.00
C5 TKT X . -4.34 -37.36 -4.77
C4 TKT X . -3.74 -36.65 -3.56
C1 TKT X . -6.39 -37.50 -4.17
C2 TKT X . -6.28 -36.89 -2.76
C3 TKT X . -4.74 -36.71 -2.28
C13 TKT X . -2.70 -41.07 3.33
C15 TKT X . -2.79 -38.74 2.62
C16 TKT X . -3.67 -39.06 1.63
C17 TKT X . -4.08 -40.40 1.47
C18 TKT X . -3.60 -41.39 2.32
N10 TKT X . -2.54 -37.40 2.56
C21 TKT X . -2.29 -39.75 3.48
C12 TKT Y . -15.76 -23.83 -25.11
O4 TKT Y . -17.74 -23.54 -23.90
C8 TKT Y . -21.20 -18.77 -25.80
C9 TKT Y . -17.06 -23.13 -24.77
C11 TKT Y . -14.50 -23.49 -24.63
O3 TKT Y . -17.48 -22.02 -25.51
C7 TKT Y . -20.58 -21.40 -26.31
C6 TKT Y . -19.65 -20.57 -27.26
N1 TKT Y . -20.08 -19.38 -25.34
C5 TKT Y . -19.21 -19.37 -26.28
C4 TKT Y . -17.80 -19.68 -25.75
C1 TKT Y . -20.38 -20.56 -24.95
C2 TKT Y . -19.28 -21.23 -24.13
C3 TKT Y . -17.80 -20.99 -24.79
C13 TKT Y . -14.59 -27.07 -27.50
C15 TKT Y . -14.23 -25.22 -25.96
C16 TKT Y . -15.56 -24.94 -25.96
C17 TKT Y . -16.44 -25.74 -26.75
C18 TKT Y . -15.95 -26.79 -27.51
N10 TKT Y . -13.62 -24.33 -25.15
C21 TKT Y . -13.73 -26.29 -26.74
#